data_4B74
#
_entry.id   4B74
#
_cell.length_a   91.127
_cell.length_b   108.429
_cell.length_c   139.090
_cell.angle_alpha   90.00
_cell.angle_beta   90.00
_cell.angle_gamma   90.00
#
_symmetry.space_group_name_H-M   'P 21 21 21'
#
loop_
_entity.id
_entity.type
_entity.pdbx_description
1 polymer 'NON-STRUCTURAL PROTEIN 4A, SERINE PROTEASE NS3'
2 non-polymer (2S)-4-[(2-ammonioethyl)amino]-N-[(1R)-1-(4-chloro-2-fluoro-3-phenoxyphenyl)propyl]-4-oxobutan-2-aminium
3 water water
#
_entity_poly.entity_id   1
_entity_poly.type   'polypeptide(L)'
_entity_poly.pdbx_seq_one_letter_code
;MGSSHHHHHHSSGLVPRGSHMGSVVIVGRIILSGSGSITAYSQQTRGLLGCIITSLTGRDKNQVEGEVQVVSTATQSFLA
TCVNGVCWTVYHGAGSKTLAGPKGPITQMYTNVDQDLVGWQAPPGARSLTPCTCGSSDLYLVTRHADVIPVRRRGDSRGS
LLSPRPVSYLKGSSGGPLLCPSGHAVGIFRAAVCTRGVAKAVDFVPVESMETTMRSPVFTDNSSPPAVPQSFQVAHLHAP
TGSGKSTKVPAAYAAQGYKVLVLNPSVAATLGFGAYMSKAHGIDPNIRTGVRTITTGAPVTYSTYGKFLADGGCSGGAYD
IIICDECHSTDSTTILGIGTVLDQAETAGARLVVLATATPPGSVTVPHPNIEEVALSNTGEIPFYGKAIPIEAIRGGRHL
IFCHSKKKCDELAAKLSGLGINAVAYYRGLDVSVIPTIGDVVVVATDALMTGYTGDFDSVIDCNTCVTQTVDFSLDPTFT
IETTTVPQDAVSRSQRRGRTGRGRRGIYRFVTPGERPSGMFDSSVLCECYDAGCAWYELTPAETSVRLRAYLNTPGLPVC
QDHLEFWESVFTGLTHIDAHFLSQTKQAGDNFPYLVAYQATVCARAQAPPPSWDQMWKCLIRLKPTLHGPTPLLYRLGAV
QNEVTLTHPITKYIMACMSADLEVVT
;
_entity_poly.pdbx_strand_id   A,B
#
loop_
_chem_comp.id
_chem_comp.type
_chem_comp.name
_chem_comp.formula
1LH non-polymer (2S)-4-[(2-ammonioethyl)amino]-N-[(1R)-1-(4-chloro-2-fluoro-3-phenoxyphenyl)propyl]-4-oxobutan-2-aminium 'C21 H29 Cl F N3 O2 2'
#
# COMPACT_ATOMS: atom_id res chain seq x y z
N GLY A 22 20.58 7.01 6.83
CA GLY A 22 20.01 7.90 5.78
C GLY A 22 19.45 9.21 6.32
N SER A 23 19.57 10.28 5.52
CA SER A 23 19.07 11.59 5.90
C SER A 23 17.69 11.81 5.26
N VAL A 24 16.87 12.64 5.90
CA VAL A 24 15.68 13.17 5.22
C VAL A 24 16.22 14.05 4.06
N VAL A 25 15.50 14.08 2.94
CA VAL A 25 15.90 14.86 1.76
C VAL A 25 14.77 15.77 1.31
N ILE A 26 15.08 17.02 1.02
CA ILE A 26 14.15 17.92 0.38
C ILE A 26 14.05 17.55 -1.11
N VAL A 27 12.85 17.17 -1.55
CA VAL A 27 12.65 16.80 -2.98
C VAL A 27 11.73 17.76 -3.71
N GLY A 28 11.19 18.74 -2.99
CA GLY A 28 10.37 19.73 -3.63
C GLY A 28 9.97 20.76 -2.61
N ARG A 29 9.04 21.59 -3.02
CA ARG A 29 8.57 22.68 -2.19
C ARG A 29 7.19 23.05 -2.60
N ILE A 30 6.46 23.67 -1.66
CA ILE A 30 5.10 24.14 -1.88
C ILE A 30 5.16 25.64 -1.67
N ILE A 31 4.92 26.41 -2.74
CA ILE A 31 5.00 27.87 -2.69
C ILE A 31 3.63 28.42 -2.40
N LEU A 32 3.57 29.30 -1.41
CA LEU A 32 2.36 29.96 -0.92
C LEU A 32 2.28 31.38 -1.46
N SER A 33 1.09 31.82 -1.83
CA SER A 33 0.88 33.19 -2.29
C SER A 33 1.20 34.18 -1.17
N GLY A 34 1.76 35.32 -1.54
CA GLY A 34 2.13 36.36 -0.56
C GLY A 34 1.12 37.50 -0.47
N SER A 35 0.04 37.36 -1.23
CA SER A 35 -1.04 38.34 -1.26
C SER A 35 -2.31 37.67 -1.72
N GLY A 36 -3.44 38.34 -1.49
CA GLY A 36 -4.74 37.85 -1.92
C GLY A 36 -5.16 36.60 -1.20
N SER A 37 -6.15 35.92 -1.77
CA SER A 37 -6.57 34.64 -1.28
C SER A 37 -5.56 33.63 -1.82
N ILE A 38 -5.19 32.77 -0.01
CA ILE A 38 -4.11 31.79 0.11
C ILE A 38 -4.27 30.74 -0.98
N THR A 39 -3.24 30.61 -1.81
CA THR A 39 -3.19 29.57 -2.84
C THR A 39 -1.79 28.99 -2.84
N ALA A 40 -1.60 27.87 -3.53
CA ALA A 40 -0.29 27.28 -3.55
C ALA A 40 -0.04 26.46 -4.79
N TYR A 41 1.25 26.20 -5.03
CA TYR A 41 1.70 25.36 -6.09
C TYR A 41 2.97 24.67 -5.62
N SER A 42 3.23 23.49 -6.19
CA SER A 42 4.41 22.72 -5.90
C SER A 42 5.46 22.83 -6.98
N GLN A 43 6.70 22.59 -6.58
CA GLN A 43 7.82 22.48 -7.49
C GLN A 43 8.53 21.21 -7.05
N GLN A 44 8.81 20.31 -7.97
CA GLN A 44 9.66 19.16 -7.68
C GLN A 44 11.11 19.54 -8.00
N THR A 45 12.04 19.20 -7.12
CA THR A 45 13.43 19.61 -7.24
C THR A 45 14.35 18.43 -7.40
N ARG A 46 13.82 17.21 -7.25
CA ARG A 46 14.64 16.03 -7.21
C ARG A 46 13.91 14.81 -7.66
N GLY A 47 14.59 13.96 -8.41
CA GLY A 47 14.06 12.65 -8.73
C GLY A 47 14.38 11.63 -7.66
N LEU A 48 13.94 10.41 -7.91
CA LEU A 48 14.22 9.28 -7.06
C LEU A 48 15.73 9.03 -6.90
N LEU A 49 16.47 8.96 -7.99
CA LEU A 49 17.92 8.75 -7.89
C LEU A 49 18.62 9.86 -7.09
N GLY A 50 18.32 11.11 -7.43
CA GLY A 50 18.81 12.23 -6.65
C GLY A 50 18.45 12.14 -5.16
N CYS A 51 17.23 11.72 -4.88
CA CYS A 51 16.79 11.58 -3.49
C CYS A 51 17.61 10.54 -2.72
N ILE A 52 17.78 9.36 -3.31
CA ILE A 52 18.55 8.27 -2.66
C ILE A 52 20.02 8.66 -2.44
N ILE A 53 20.64 9.24 -3.46
CA ILE A 53 22.02 9.69 -3.32
C ILE A 53 22.15 10.75 -2.23
N THR A 54 21.24 11.71 -2.23
CA THR A 54 21.30 12.77 -1.24
C THR A 54 21.04 12.22 0.17
N SER A 55 20.19 11.21 0.29
CA SER A 55 19.91 10.64 1.57
C SER A 55 21.08 9.84 2.13
N LEU A 56 21.85 9.22 1.24
CA LEU A 56 23.05 8.45 1.59
C LEU A 56 24.21 9.35 1.97
N THR A 57 24.49 10.35 1.14
CA THR A 57 25.58 11.26 1.45
C THR A 57 25.21 12.24 2.52
N GLY A 58 23.92 12.59 2.61
CA GLY A 58 23.47 13.66 3.48
C GLY A 58 23.90 15.06 3.05
N ARG A 59 24.37 15.20 1.82
CA ARG A 59 24.91 16.45 1.33
C ARG A 59 24.04 16.96 0.18
N ASP A 60 23.37 18.08 0.41
CA ASP A 60 22.37 18.60 -0.52
C ASP A 60 22.77 19.99 -0.98
N LYS A 61 23.25 20.05 -2.22
CA LYS A 61 23.78 21.28 -2.80
C LYS A 61 22.66 22.29 -3.12
N ASN A 62 21.46 21.79 -3.45
CA ASN A 62 20.38 22.66 -3.95
C ASN A 62 20.07 23.76 -2.96
N GLN A 63 19.92 24.98 -3.46
CA GLN A 63 19.55 26.05 -2.56
C GLN A 63 18.09 25.77 -2.26
N VAL A 64 17.69 26.13 -1.07
CA VAL A 64 16.33 25.90 -0.69
C VAL A 64 15.60 27.21 -0.92
N GLU A 65 14.30 27.10 -1.13
CA GLU A 65 13.44 28.26 -1.27
C GLU A 65 12.10 27.87 -0.71
N GLY A 66 11.29 28.87 -0.40
CA GLY A 66 9.93 28.62 0.02
C GLY A 66 9.96 28.32 1.50
N GLU A 67 8.79 28.24 2.08
CA GLU A 67 8.68 27.95 3.50
C GLU A 67 8.21 26.52 3.75
N VAL A 68 7.51 25.94 2.79
CA VAL A 68 7.03 24.56 2.95
C VAL A 68 7.79 23.61 2.04
N GLN A 69 8.51 22.69 2.65
CA GLN A 69 9.33 21.77 1.91
C GLN A 69 8.61 20.41 1.80
N VAL A 70 8.80 19.75 0.67
CA VAL A 70 8.41 18.36 0.45
C VAL A 70 9.63 17.53 0.74
N VAL A 71 9.48 16.60 1.69
CA VAL A 71 10.61 15.79 2.14
C VAL A 71 10.30 14.31 2.01
N SER A 72 11.37 13.54 1.95
CA SER A 72 11.25 12.13 1.70
C SER A 72 12.44 11.42 2.32
N THR A 73 12.15 10.28 2.91
CA THR A 73 13.16 9.31 3.24
C THR A 73 13.05 8.23 2.15
N ALA A 74 13.67 7.07 2.33
CA ALA A 74 13.51 6.00 1.34
C ALA A 74 12.11 5.36 1.40
N THR A 75 11.53 5.33 2.60
CA THR A 75 10.25 4.68 2.80
C THR A 75 9.03 5.59 2.68
N GLN A 76 9.18 6.91 2.82
CA GLN A 76 8.00 7.74 2.71
C GLN A 76 8.24 9.22 2.46
N SER A 77 7.17 9.90 2.07
CA SER A 77 7.25 11.30 1.75
C SER A 77 6.21 12.04 2.57
N PHE A 78 6.55 13.25 2.96
CA PHE A 78 5.71 14.05 3.83
C PHE A 78 6.17 15.50 3.66
N LEU A 79 5.81 16.40 4.57
CA LEU A 79 6.20 17.81 4.46
C LEU A 79 6.94 18.31 5.68
N ALA A 80 7.70 19.38 5.48
CA ALA A 80 8.20 20.16 6.59
C ALA A 80 8.01 21.64 6.34
N THR A 81 7.73 22.35 7.40
CA THR A 81 7.35 23.73 7.31
C THR A 81 8.34 24.53 8.14
N CYS A 82 8.99 25.50 7.51
CA CYS A 82 9.86 26.42 8.24
C CYS A 82 9.05 27.46 8.98
N VAL A 83 9.29 27.52 10.28
CA VAL A 83 8.67 28.52 11.12
C VAL A 83 9.80 29.01 12.01
N ASN A 84 10.01 30.33 12.00
CA ASN A 84 10.93 31.03 12.89
C ASN A 84 12.35 30.51 12.86
N GLY A 85 12.81 30.16 11.66
CA GLY A 85 14.19 29.75 11.46
C GLY A 85 14.40 28.26 11.67
N VAL A 86 13.33 27.56 12.02
CA VAL A 86 13.40 26.11 12.23
C VAL A 86 12.52 25.43 11.21
N CYS A 87 13.05 24.41 10.57
CA CYS A 87 12.30 23.59 9.64
C CYS A 87 11.72 22.43 10.46
N TRP A 88 10.41 22.46 10.70
CA TRP A 88 9.69 21.51 11.56
C TRP A 88 8.95 20.41 10.78
N THR A 89 8.86 19.22 11.38
CA THR A 89 8.07 18.15 10.83
C THR A 89 7.75 17.19 11.93
N VAL A 90 7.22 16.03 11.56
CA VAL A 90 6.65 15.08 12.54
C VAL A 90 7.64 14.00 12.83
N TYR A 91 7.67 13.56 14.09
CA TYR A 91 8.57 12.48 14.44
C TYR A 91 8.14 11.16 13.80
N HIS A 92 6.84 10.97 13.64
CA HIS A 92 6.37 9.71 13.01
C HIS A 92 6.84 9.60 11.58
N GLY A 93 7.22 10.72 10.97
CA GLY A 93 7.77 10.71 9.62
C GLY A 93 9.30 10.69 9.60
N ALA A 94 9.89 11.58 10.39
CA ALA A 94 11.34 11.82 10.26
C ALA A 94 12.13 10.97 11.25
N GLY A 95 11.47 10.44 12.28
CA GLY A 95 12.19 9.93 13.47
C GLY A 95 13.20 10.97 13.96
N SER A 96 14.42 10.51 14.21
CA SER A 96 15.51 11.30 14.71
C SER A 96 16.50 11.60 13.58
N LYS A 97 16.09 11.36 12.34
CA LYS A 97 17.03 11.49 11.23
C LYS A 97 17.55 12.91 11.06
N THR A 98 18.75 12.98 10.52
CA THR A 98 19.34 14.23 10.07
C THR A 98 18.68 14.66 8.77
N LEU A 99 18.90 15.93 8.42
CA LEU A 99 18.46 16.57 7.17
C LEU A 99 19.63 16.84 6.23
N ALA A 100 19.54 16.37 4.98
CA ALA A 100 20.64 16.52 4.05
C ALA A 100 20.79 18.02 3.84
N GLY A 101 22.02 18.50 3.91
CA GLY A 101 22.30 19.94 3.90
C GLY A 101 23.53 20.27 3.08
N PRO A 102 23.78 21.56 2.87
CA PRO A 102 24.80 22.01 1.92
C PRO A 102 26.19 21.60 2.35
N LYS A 103 26.44 21.70 3.66
CA LYS A 103 27.69 21.30 4.30
C LYS A 103 27.66 19.87 4.91
N GLY A 104 26.68 19.05 4.53
CA GLY A 104 26.52 17.68 5.08
C GLY A 104 25.24 17.57 5.91
N PRO A 105 25.06 16.43 6.62
CA PRO A 105 23.86 16.20 7.44
C PRO A 105 23.69 17.19 8.57
N ILE A 106 22.47 17.68 8.74
CA ILE A 106 22.11 18.60 9.82
C ILE A 106 21.36 17.76 10.86
N THR A 107 21.85 17.74 12.11
CA THR A 107 21.18 17.03 13.19
C THR A 107 20.00 17.87 13.66
N GLN A 108 19.05 17.20 14.28
CA GLN A 108 17.89 17.82 14.83
C GLN A 108 18.29 18.68 16.02
N MET A 109 17.79 19.90 16.01
CA MET A 109 17.92 20.81 17.14
C MET A 109 16.88 20.41 18.19
N TYR A 110 15.68 20.05 17.74
CA TYR A 110 14.62 19.61 18.62
C TYR A 110 14.03 18.27 18.21
N THR A 111 13.86 17.39 19.21
CA THR A 111 13.31 16.07 18.99
C THR A 111 12.31 15.91 20.09
N ASN A 112 11.06 16.32 19.84
CA ASN A 112 10.04 16.28 20.85
C ASN A 112 9.07 15.13 20.55
N VAL A 113 9.51 13.93 20.91
CA VAL A 113 8.75 12.73 20.64
C VAL A 113 7.31 12.90 21.20
N ASP A 114 7.18 13.30 22.44
CA ASP A 114 5.86 13.51 23.03
C ASP A 114 4.88 14.28 22.17
N GLN A 115 5.36 15.30 21.48
CA GLN A 115 4.46 16.11 20.68
C GLN A 115 4.42 15.73 19.21
N ASP A 116 5.16 14.68 18.83
CA ASP A 116 5.28 14.30 17.40
C ASP A 116 5.88 15.46 16.56
N LEU A 117 6.84 16.14 17.15
CA LEU A 117 7.46 17.33 16.58
C LEU A 117 8.99 17.22 16.59
N VAL A 118 9.60 17.33 15.42
CA VAL A 118 11.04 17.50 15.33
C VAL A 118 11.39 18.77 14.55
N GLY A 119 12.62 19.25 14.75
CA GLY A 119 13.03 20.49 14.10
C GLY A 119 14.50 20.52 13.79
N TRP A 120 14.81 21.01 12.60
CA TRP A 120 16.17 21.28 12.21
C TRP A 120 16.37 22.77 11.99
N GLN A 121 17.54 23.32 12.31
CA GLN A 121 17.84 24.73 12.00
C GLN A 121 17.69 24.94 10.47
N ALA A 122 16.88 25.89 10.04
CA ALA A 122 16.66 26.03 8.57
C ALA A 122 17.93 26.45 7.87
N PRO A 123 18.30 25.75 6.79
CA PRO A 123 19.55 26.10 6.13
C PRO A 123 19.37 27.39 5.34
N PRO A 124 20.48 28.03 4.92
CA PRO A 124 20.41 29.20 4.03
C PRO A 124 19.52 28.98 2.77
N GLY A 125 18.68 29.97 2.49
CA GLY A 125 17.77 29.92 1.34
C GLY A 125 16.31 29.96 1.75
N ALA A 126 15.96 29.17 2.78
CA ALA A 126 14.57 29.02 3.21
C ALA A 126 14.06 30.28 3.87
N ARG A 127 12.82 30.61 3.52
CA ARG A 127 12.06 31.60 4.25
C ARG A 127 11.33 30.82 5.33
N SER A 128 10.88 31.54 6.37
CA SER A 128 10.06 30.95 7.39
C SER A 128 8.76 31.71 7.44
N LEU A 129 7.72 30.98 7.82
CA LEU A 129 6.48 31.56 8.23
C LEU A 129 6.70 31.99 9.66
N THR A 130 5.80 32.84 10.12
CA THR A 130 5.88 33.34 11.51
C THR A 130 4.55 33.07 12.14
N PRO A 131 4.50 32.94 13.49
CA PRO A 131 3.22 32.67 14.14
C PRO A 131 2.16 33.76 13.90
N CYS A 132 0.89 33.36 13.98
CA CYS A 132 -0.23 34.29 13.88
C CYS A 132 -0.33 35.18 15.08
N THR A 133 -0.96 36.33 14.90
CA THR A 133 -1.28 37.21 16.02
C THR A 133 -2.79 37.47 16.13
N CYS A 134 -3.54 37.25 15.06
CA CYS A 134 -4.99 37.45 15.09
C CYS A 134 -5.72 36.65 16.21
N GLY A 135 -5.48 35.35 16.23
CA GLY A 135 -6.29 34.42 17.03
C GLY A 135 -7.53 33.97 16.28
N SER A 136 -7.59 34.26 14.97
CA SER A 136 -8.70 33.82 14.12
C SER A 136 -8.91 32.32 14.21
N SER A 137 -10.16 31.91 14.06
CA SER A 137 -10.51 30.49 14.09
C SER A 137 -10.75 29.92 12.71
N ASP A 138 -10.60 30.75 11.67
CA ASP A 138 -10.68 30.27 10.30
C ASP A 138 -9.28 29.87 9.80
N LEU A 139 -9.11 28.59 9.58
CA LEU A 139 -7.81 28.00 9.27
C LEU A 139 -7.76 27.42 7.87
N TYR A 140 -6.54 27.26 7.36
CA TYR A 140 -6.32 26.67 6.06
C TYR A 140 -5.12 25.73 6.18
N LEU A 141 -5.38 24.49 5.79
CA LEU A 141 -4.41 23.42 5.73
C LEU A 141 -3.86 23.32 4.33
N VAL A 142 -2.54 23.27 4.23
CA VAL A 142 -1.86 23.17 2.94
C VAL A 142 -1.31 21.76 2.77
N THR A 143 -1.69 21.10 1.68
CA THR A 143 -1.37 19.68 1.46
C THR A 143 -0.19 19.53 0.52
N ARG A 144 0.31 18.30 0.37
CA ARG A 144 1.47 18.04 -0.52
C ARG A 144 1.16 18.23 -2.01
N HIS A 145 -0.11 18.24 -2.37
CA HIS A 145 -0.52 18.53 -3.76
C HIS A 145 -0.87 19.99 -3.91
N ALA A 146 -0.54 20.80 -2.91
CA ALA A 146 -0.73 22.23 -2.95
C ALA A 146 -2.20 22.62 -2.94
N ASP A 147 -3.04 21.80 -2.31
CA ASP A 147 -4.40 22.23 -2.04
C ASP A 147 -4.38 23.01 -0.77
N VAL A 148 -5.33 23.92 -0.70
CA VAL A 148 -5.54 24.76 0.47
C VAL A 148 -6.92 24.43 1.01
N ILE A 149 -6.99 23.79 2.17
CA ILE A 149 -8.23 23.20 2.68
C ILE A 149 -8.77 24.00 3.85
N PRO A 150 -10.00 24.51 3.74
CA PRO A 150 -10.58 25.22 4.89
C PRO A 150 -10.84 24.29 6.09
N VAL A 151 -10.57 24.82 7.28
CA VAL A 151 -10.66 24.11 8.55
C VAL A 151 -11.12 25.08 9.62
N ARG A 152 -12.02 24.64 10.48
CA ARG A 152 -12.51 25.47 11.56
C ARG A 152 -11.82 25.05 12.86
N ARG A 153 -11.07 25.97 13.48
CA ARG A 153 -10.37 25.64 14.74
C ARG A 153 -11.41 25.27 15.78
N ARG A 154 -11.21 24.15 16.46
CA ARG A 154 -12.16 23.67 17.49
C ARG A 154 -11.56 23.70 18.89
N GLY A 155 -10.25 23.46 18.98
CA GLY A 155 -9.55 23.64 20.24
C GLY A 155 -8.12 24.10 20.05
N ASP A 156 -7.27 23.75 21.01
CA ASP A 156 -5.87 24.15 20.98
C ASP A 156 -5.12 23.48 19.86
N SER A 157 -5.49 22.23 19.58
CA SER A 157 -4.72 21.40 18.68
C SER A 157 -5.59 20.65 17.68
N ARG A 158 -6.87 21.02 17.59
CA ARG A 158 -7.89 20.32 16.78
C ARG A 158 -8.60 21.32 15.88
N GLY A 159 -8.89 20.90 14.65
CA GLY A 159 -9.75 21.69 13.77
C GLY A 159 -10.62 20.74 13.00
N SER A 160 -11.82 21.20 12.67
CA SER A 160 -12.79 20.41 11.90
C SER A 160 -12.75 20.85 10.43
N LEU A 161 -12.78 19.86 9.54
CA LEU A 161 -12.86 20.12 8.11
C LEU A 161 -14.25 20.65 7.80
N LEU A 162 -14.34 21.71 6.99
CA LEU A 162 -15.63 22.19 6.47
C LEU A 162 -16.25 21.12 5.58
N SER A 163 -15.40 20.39 4.87
CA SER A 163 -15.84 19.29 4.02
C SER A 163 -15.07 18.05 4.40
N PRO A 164 -15.71 17.12 5.11
CA PRO A 164 -15.03 15.86 5.40
C PRO A 164 -14.47 15.19 4.15
N ARG A 165 -13.35 14.49 4.29
CA ARG A 165 -12.64 13.97 3.12
C ARG A 165 -12.20 12.60 3.46
N PRO A 166 -12.08 11.73 2.44
CA PRO A 166 -11.46 10.44 2.67
C PRO A 166 -10.02 10.66 3.11
N VAL A 167 -9.60 9.85 4.11
CA VAL A 167 -8.35 10.03 4.82
C VAL A 167 -7.11 9.95 3.93
N SER A 168 -7.17 9.08 2.92
CA SER A 168 -6.10 8.94 1.92
C SER A 168 -5.76 10.25 1.21
N TYR A 169 -6.71 11.18 1.20
CA TYR A 169 -6.48 12.51 0.62
C TYR A 169 -5.38 13.28 1.40
N LEU A 170 -5.26 13.01 2.70
CA LEU A 170 -4.39 13.76 3.59
C LEU A 170 -3.04 13.08 3.80
N LYS A 171 -2.89 11.85 3.35
CA LYS A 171 -1.66 11.13 3.62
C LYS A 171 -0.53 11.73 2.83
N GLY A 172 0.64 11.79 3.48
CA GLY A 172 1.80 12.47 2.92
C GLY A 172 1.85 13.96 3.19
N SER A 173 0.85 14.48 3.89
CA SER A 173 0.76 15.92 4.19
C SER A 173 1.04 16.29 5.64
N SER A 174 1.27 15.32 6.50
CA SER A 174 1.74 15.68 7.83
C SER A 174 3.04 16.48 7.67
N GLY A 175 3.20 17.48 8.53
CA GLY A 175 4.27 18.46 8.46
C GLY A 175 3.88 19.74 7.77
N GLY A 176 2.72 19.68 7.10
CA GLY A 176 2.14 20.80 6.43
C GLY A 176 1.61 21.81 7.42
N PRO A 177 1.57 23.09 7.03
CA PRO A 177 1.06 24.12 7.90
C PRO A 177 -0.46 24.21 7.93
N LEU A 178 -0.97 24.63 9.08
CA LEU A 178 -2.29 25.24 9.16
C LEU A 178 -2.11 26.74 9.27
N LEU A 179 -2.76 27.48 8.36
CA LEU A 179 -2.60 28.90 8.27
C LEU A 179 -3.82 29.67 8.75
N CYS A 180 -3.60 30.81 9.42
CA CYS A 180 -4.68 31.78 9.62
C CYS A 180 -4.90 32.54 8.27
N PRO A 181 -5.98 33.34 8.15
CA PRO A 181 -6.25 34.06 6.88
C PRO A 181 -5.16 35.03 6.44
N SER A 182 -4.37 35.53 7.39
CA SER A 182 -3.24 36.40 7.05
C SER A 182 -2.01 35.65 6.51
N GLY A 183 -2.08 34.33 6.42
CA GLY A 183 -0.95 33.55 5.87
C GLY A 183 0.12 33.16 6.91
N HIS A 184 -0.14 33.45 8.18
CA HIS A 184 0.82 33.13 9.20
C HIS A 184 0.46 31.77 9.73
N ALA A 185 1.37 31.19 10.51
CA ALA A 185 1.24 29.81 10.98
C ALA A 185 0.52 29.68 12.33
N VAL A 186 -0.37 28.71 12.38
CA VAL A 186 -1.06 28.31 13.59
C VAL A 186 -0.53 26.96 14.07
N GLY A 187 0.06 26.17 13.18
CA GLY A 187 0.63 24.91 13.61
C GLY A 187 0.94 24.00 12.46
N ILE A 188 1.43 22.80 12.77
CA ILE A 188 1.67 21.85 11.71
C ILE A 188 0.82 20.60 11.86
N PHE A 189 0.35 20.13 10.72
CA PHE A 189 -0.56 19.00 10.61
C PHE A 189 0.14 17.72 11.03
N ARG A 190 -0.52 16.90 11.85
CA ARG A 190 0.11 15.65 12.26
C ARG A 190 -0.73 14.40 12.09
N ALA A 191 -2.05 14.49 12.20
CA ALA A 191 -2.91 13.34 12.10
C ALA A 191 -4.34 13.73 11.73
N ALA A 192 -4.99 12.85 10.96
CA ALA A 192 -6.41 12.89 10.70
C ALA A 192 -7.23 12.29 11.84
N VAL A 193 -8.35 12.91 12.19
CA VAL A 193 -9.33 12.27 13.03
C VAL A 193 -10.37 11.69 12.09
N CYS A 194 -10.47 10.36 12.07
CA CYS A 194 -11.34 9.67 11.14
C CYS A 194 -12.52 9.03 11.81
N THR A 195 -13.59 8.91 11.04
CA THR A 195 -14.78 8.21 11.44
C THR A 195 -15.04 7.22 10.30
N ARG A 196 -14.77 5.94 10.55
CA ARG A 196 -14.97 4.86 9.56
C ARG A 196 -14.32 5.22 8.25
N GLY A 197 -13.04 5.57 8.31
CA GLY A 197 -12.27 5.90 7.10
C GLY A 197 -12.43 7.31 6.53
N VAL A 198 -13.27 8.15 7.14
CA VAL A 198 -13.48 9.48 6.60
C VAL A 198 -12.90 10.50 7.55
N ALA A 199 -11.98 11.28 7.03
CA ALA A 199 -11.44 12.36 7.84
C ALA A 199 -12.48 13.45 7.99
N LYS A 200 -12.75 13.80 9.24
CA LYS A 200 -13.68 14.87 9.58
C LYS A 200 -12.97 16.02 10.27
N ALA A 201 -11.76 15.76 10.74
CA ALA A 201 -11.01 16.73 11.51
C ALA A 201 -9.52 16.42 11.46
N VAL A 202 -8.74 17.42 11.84
CA VAL A 202 -7.29 17.33 11.76
C VAL A 202 -6.71 17.65 13.13
N ASP A 203 -5.68 16.91 13.46
CA ASP A 203 -4.88 17.12 14.64
C ASP A 203 -3.57 17.78 14.22
N PHE A 204 -3.19 18.85 14.92
CA PHE A 204 -1.97 19.57 14.62
C PHE A 204 -1.13 19.92 15.84
N VAL A 205 0.18 20.05 15.63
CA VAL A 205 1.05 20.56 16.67
C VAL A 205 0.91 22.09 16.69
N PRO A 206 0.47 22.69 17.82
CA PRO A 206 0.20 24.13 17.88
C PRO A 206 1.45 24.98 17.86
N VAL A 207 1.37 26.13 17.18
CA VAL A 207 2.56 26.96 17.02
C VAL A 207 3.18 27.42 18.36
N GLU A 208 2.37 27.56 19.41
CA GLU A 208 2.90 27.90 20.73
C GLU A 208 3.75 26.79 21.34
N SER A 209 3.48 25.53 21.03
CA SER A 209 4.38 24.43 21.42
C SER A 209 5.74 24.63 20.78
N MET A 210 5.74 24.98 19.51
CA MET A 210 7.00 25.30 18.86
C MET A 210 7.74 26.47 19.54
N GLU A 211 7.01 27.52 19.91
CA GLU A 211 7.63 28.72 20.47
C GLU A 211 8.20 28.40 21.84
N THR A 212 7.49 27.59 22.62
CA THR A 212 7.96 27.17 23.91
C THR A 212 9.27 26.42 23.75
N THR A 213 9.21 25.32 22.99
CA THR A 213 10.39 24.54 22.63
C THR A 213 11.58 25.47 22.32
N MET A 214 11.36 26.46 21.46
CA MET A 214 12.47 27.35 21.08
C MET A 214 13.00 28.19 22.22
N ARG A 215 12.16 28.44 23.22
CA ARG A 215 12.54 29.24 24.39
C ARG A 215 12.99 28.35 25.57
N SER A 216 13.21 27.07 25.29
CA SER A 216 13.56 26.12 26.34
C SER A 216 14.91 25.45 26.03
N PRO A 217 15.52 24.77 27.01
CA PRO A 217 16.78 24.05 26.77
C PRO A 217 16.72 23.02 25.65
N VAL A 218 17.79 22.94 24.88
CA VAL A 218 17.95 21.97 23.82
C VAL A 218 18.41 20.63 24.40
N PHE A 219 19.05 20.67 25.57
CA PHE A 219 19.61 19.46 26.22
C PHE A 219 19.08 19.44 27.63
N THR A 220 18.62 18.28 28.08
CA THR A 220 18.18 18.09 29.46
C THR A 220 18.95 16.92 30.06
N ASP A 221 19.26 17.02 31.35
CA ASP A 221 20.08 15.97 31.96
C ASP A 221 19.23 14.85 32.59
N ASN A 222 19.48 13.61 32.15
CA ASN A 222 18.84 12.39 32.72
C ASN A 222 19.86 11.25 32.90
N SER A 223 21.14 11.61 33.00
CA SER A 223 22.24 10.65 32.98
C SER A 223 22.51 10.01 34.35
N SER A 224 21.98 10.63 35.39
CA SER A 224 22.21 10.16 36.74
C SER A 224 20.91 10.03 37.51
N PRO A 225 20.88 9.06 38.43
CA PRO A 225 19.66 8.82 39.20
C PRO A 225 19.36 10.02 40.02
N PRO A 226 18.09 10.38 40.12
CA PRO A 226 17.74 11.57 40.86
C PRO A 226 17.93 11.41 42.34
N ALA A 227 18.22 12.52 43.00
CA ALA A 227 18.10 12.61 44.42
C ALA A 227 16.65 12.26 44.75
N VAL A 228 16.45 11.60 45.88
CA VAL A 228 15.12 11.38 46.41
C VAL A 228 14.52 12.71 46.84
N PRO A 229 13.40 13.12 46.23
CA PRO A 229 12.77 14.35 46.62
C PRO A 229 11.97 14.20 47.89
N GLN A 230 11.52 15.33 48.42
CA GLN A 230 10.75 15.33 49.62
C GLN A 230 9.36 14.82 49.34
N SER A 231 8.84 15.22 48.18
CA SER A 231 7.51 14.83 47.74
C SER A 231 7.56 14.15 46.36
N PHE A 232 6.50 13.39 46.09
CA PHE A 232 6.36 12.55 44.89
C PHE A 232 6.84 13.18 43.59
N GLN A 233 7.72 12.48 42.88
CA GLN A 233 8.19 12.89 41.56
C GLN A 233 8.38 11.67 40.66
N VAL A 234 8.13 11.87 39.37
CA VAL A 234 8.54 10.96 38.32
C VAL A 234 9.79 11.53 37.60
N ALA A 235 10.84 10.74 37.50
CA ALA A 235 12.08 11.16 36.89
C ALA A 235 12.53 10.11 35.90
N HIS A 236 13.27 10.56 34.89
CA HIS A 236 13.88 9.65 33.94
C HIS A 236 15.33 9.38 34.21
N LEU A 237 15.75 8.14 33.96
CA LEU A 237 17.13 7.77 34.08
C LEU A 237 17.57 7.16 32.78
N HIS A 238 18.34 7.93 32.02
CA HIS A 238 18.87 7.44 30.75
C HIS A 238 20.35 7.11 30.88
N ALA A 239 20.68 5.83 31.04
CA ALA A 239 22.05 5.43 31.37
C ALA A 239 22.38 4.12 30.71
N PRO A 240 23.65 3.91 30.32
CA PRO A 240 23.91 2.68 29.59
C PRO A 240 23.67 1.46 30.47
N THR A 241 23.54 0.30 29.82
CA THR A 241 23.58 -0.97 30.52
C THR A 241 25.02 -1.16 30.97
N GLY A 242 25.18 -1.65 32.20
CA GLY A 242 26.50 -1.70 32.80
C GLY A 242 26.66 -0.61 33.86
N SER A 243 26.03 0.55 33.66
CA SER A 243 26.04 1.58 34.71
C SER A 243 25.28 1.07 35.95
N GLY A 244 24.70 -0.13 35.86
CA GLY A 244 24.09 -0.80 36.98
C GLY A 244 22.76 -0.20 37.37
N LYS A 245 21.91 0.06 36.38
CA LYS A 245 20.61 0.68 36.63
C LYS A 245 19.76 -0.18 37.54
N SER A 246 19.88 -1.50 37.39
CA SER A 246 19.08 -2.41 38.18
C SER A 246 19.83 -3.09 39.33
N THR A 247 21.13 -2.79 39.47
CA THR A 247 21.91 -3.31 40.63
C THR A 247 22.46 -2.17 41.48
N LYS A 248 23.47 -1.46 40.95
CA LYS A 248 24.05 -0.32 41.65
C LYS A 248 23.02 0.71 42.19
N VAL A 249 22.08 1.11 41.36
CA VAL A 249 21.20 2.21 41.81
C VAL A 249 20.12 1.85 42.81
N PRO A 250 19.47 0.66 42.68
CA PRO A 250 18.67 0.30 43.85
C PRO A 250 19.55 0.20 45.13
N ALA A 251 20.72 -0.43 45.03
CA ALA A 251 21.61 -0.61 46.21
C ALA A 251 21.95 0.72 46.88
N ALA A 252 22.20 1.75 46.04
CA ALA A 252 22.63 3.04 46.53
C ALA A 252 21.52 3.71 47.30
N TYR A 253 20.32 3.67 46.75
CA TYR A 253 19.13 4.15 47.45
C TYR A 253 18.89 3.37 48.77
N ALA A 254 18.98 2.07 48.74
CA ALA A 254 18.71 1.28 49.93
C ALA A 254 19.74 1.61 51.01
N ALA A 255 21.00 1.78 50.59
CA ALA A 255 22.05 2.24 51.49
C ALA A 255 21.70 3.57 52.18
N GLN A 256 20.81 4.36 51.60
CA GLN A 256 20.35 5.58 52.26
C GLN A 256 19.17 5.34 53.18
N GLY A 257 18.66 4.12 53.22
CA GLY A 257 17.54 3.80 54.12
C GLY A 257 16.15 3.83 53.49
N TYR A 258 16.06 3.99 52.18
CA TYR A 258 14.75 3.93 51.49
C TYR A 258 14.34 2.48 51.13
N LYS A 259 13.04 2.21 51.03
CA LYS A 259 12.57 0.93 50.44
C LYS A 259 12.37 1.07 48.92
N VAL A 260 12.96 0.17 48.16
CA VAL A 260 13.02 0.29 46.71
C VAL A 260 12.40 -0.93 46.03
N LEU A 261 11.52 -0.69 45.05
CA LEU A 261 10.95 -1.76 44.21
C LEU A 261 11.51 -1.63 42.82
N VAL A 262 12.02 -2.73 42.29
CA VAL A 262 12.62 -2.73 40.98
C VAL A 262 11.90 -3.66 40.05
N LEU A 263 11.26 -3.07 39.06
CA LEU A 263 10.46 -3.80 38.11
C LEU A 263 11.16 -3.97 36.76
N ASN A 264 11.11 -5.21 36.25
CA ASN A 264 11.76 -5.55 35.00
C ASN A 264 10.86 -6.44 34.15
N PRO A 265 10.90 -6.31 32.82
CA PRO A 265 10.01 -7.21 32.04
C PRO A 265 10.32 -8.71 32.18
N SER A 266 11.60 -9.04 32.35
CA SER A 266 12.12 -10.41 32.22
C SER A 266 12.25 -11.12 33.57
N VAL A 267 11.77 -12.36 33.64
CA VAL A 267 11.99 -13.21 34.81
C VAL A 267 13.50 -13.47 35.03
N ALA A 268 14.20 -13.84 33.96
CA ALA A 268 15.61 -14.21 34.08
C ALA A 268 16.42 -13.02 34.61
N ALA A 269 16.13 -11.83 34.11
CA ALA A 269 16.89 -10.67 34.56
C ALA A 269 16.53 -10.30 35.99
N THR A 270 15.25 -10.38 36.30
CA THR A 270 14.75 -10.15 37.65
C THR A 270 15.48 -11.05 38.68
N LEU A 271 15.60 -12.35 38.38
CA LEU A 271 16.27 -13.30 39.29
C LEU A 271 17.79 -13.11 39.30
N GLY A 272 18.33 -12.72 38.15
CA GLY A 272 19.75 -12.44 38.01
C GLY A 272 20.14 -11.22 38.81
N PHE A 273 19.30 -10.19 38.82
CA PHE A 273 19.62 -8.97 39.57
C PHE A 273 19.60 -9.23 41.06
N GLY A 274 18.57 -9.93 41.52
CA GLY A 274 18.44 -10.29 42.93
C GLY A 274 19.62 -11.08 43.44
N ALA A 275 20.00 -12.12 42.71
CA ALA A 275 21.12 -12.98 43.06
C ALA A 275 22.40 -12.15 43.09
N TYR A 276 22.57 -11.28 42.12
CA TYR A 276 23.73 -10.42 42.05
C TYR A 276 23.83 -9.54 43.29
N MET A 277 22.69 -9.02 43.71
CA MET A 277 22.70 -8.13 44.84
C MET A 277 23.11 -8.88 46.10
N SER A 278 22.69 -10.13 46.25
CA SER A 278 22.96 -10.82 47.51
C SER A 278 24.42 -11.23 47.57
N LYS A 279 25.02 -11.42 46.40
CA LYS A 279 26.43 -11.77 46.28
C LYS A 279 27.32 -10.54 46.41
N ALA A 280 27.03 -9.49 45.62
CA ALA A 280 27.95 -8.35 45.43
C ALA A 280 27.62 -7.07 46.22
N HIS A 281 26.35 -6.77 46.40
CA HIS A 281 25.96 -5.57 47.16
C HIS A 281 25.50 -5.90 48.59
N GLY A 282 25.68 -7.15 49.02
CA GLY A 282 25.36 -7.56 50.40
C GLY A 282 23.94 -8.03 50.70
N ILE A 283 22.95 -7.34 50.14
CA ILE A 283 21.53 -7.51 50.52
C ILE A 283 20.82 -8.69 49.82
N ASP A 284 20.11 -9.48 50.61
CA ASP A 284 19.29 -10.63 50.13
C ASP A 284 17.87 -10.08 49.88
N PRO A 285 17.55 -9.70 48.63
CA PRO A 285 16.30 -8.95 48.44
C PRO A 285 15.06 -9.84 48.33
N ASN A 286 13.90 -9.29 48.60
CA ASN A 286 12.63 -9.91 48.19
C ASN A 286 12.60 -10.14 46.69
N ILE A 287 12.15 -11.32 46.28
CA ILE A 287 12.00 -11.68 44.87
C ILE A 287 10.53 -11.99 44.63
N ARG A 288 9.98 -11.45 43.54
CA ARG A 288 8.57 -11.68 43.20
C ARG A 288 8.42 -11.98 41.70
N THR A 289 8.25 -13.27 41.38
CA THR A 289 8.01 -13.76 40.02
C THR A 289 7.07 -14.96 40.07
N GLY A 290 6.50 -15.34 38.93
CA GLY A 290 5.65 -16.51 38.90
C GLY A 290 6.39 -17.74 39.40
N VAL A 291 7.58 -17.99 38.83
CA VAL A 291 8.33 -19.20 39.13
C VAL A 291 9.02 -19.23 40.54
N ARG A 292 9.37 -18.06 41.07
CA ARG A 292 10.10 -17.98 42.30
C ARG A 292 9.72 -16.69 43.06
N THR A 293 9.15 -16.86 44.25
CA THR A 293 8.80 -15.72 45.11
C THR A 293 9.47 -15.97 46.44
N ILE A 294 10.04 -14.91 47.02
CA ILE A 294 10.78 -14.99 48.28
C ILE A 294 10.61 -13.69 49.02
N THR A 295 10.14 -13.79 50.26
CA THR A 295 10.08 -12.68 51.19
C THR A 295 11.19 -12.87 52.27
N THR A 296 12.27 -12.10 52.16
CA THR A 296 13.32 -11.95 53.18
C THR A 296 13.11 -10.77 54.16
N GLY A 297 12.18 -9.88 53.86
CA GLY A 297 12.06 -8.67 54.67
C GLY A 297 13.09 -7.60 54.36
N ALA A 298 13.99 -7.83 53.41
CA ALA A 298 14.91 -6.77 52.95
C ALA A 298 14.18 -5.52 52.41
N PRO A 299 14.86 -4.37 52.35
CA PRO A 299 14.18 -3.17 51.86
C PRO A 299 14.25 -3.01 50.33
N VAL A 300 14.87 -3.96 49.63
CA VAL A 300 14.81 -4.00 48.17
C VAL A 300 14.04 -5.24 47.70
N THR A 301 13.08 -5.01 46.83
CA THR A 301 12.28 -6.06 46.21
C THR A 301 12.49 -6.05 44.70
N TYR A 302 12.83 -7.19 44.12
CA TYR A 302 12.88 -7.39 42.66
C TYR A 302 11.68 -8.18 42.15
N SER A 303 11.03 -7.64 41.13
CA SER A 303 9.79 -8.19 40.60
C SER A 303 9.64 -7.93 39.10
N THR A 304 8.98 -8.83 38.40
CA THR A 304 8.57 -8.58 37.03
C THR A 304 7.41 -7.62 37.11
N TYR A 305 7.11 -6.98 35.98
CA TYR A 305 5.93 -6.16 35.83
C TYR A 305 4.68 -7.08 35.89
N GLY A 306 4.78 -8.27 35.33
CA GLY A 306 3.70 -9.24 35.39
C GLY A 306 3.28 -9.61 36.82
N LYS A 307 4.25 -9.98 37.66
CA LYS A 307 3.97 -10.34 39.04
C LYS A 307 3.39 -9.17 39.82
N PHE A 308 3.94 -7.99 39.55
CA PHE A 308 3.45 -6.74 40.18
C PHE A 308 1.95 -6.52 39.91
N LEU A 309 1.54 -6.66 38.65
CA LEU A 309 0.14 -6.56 38.29
C LEU A 309 -0.66 -7.72 38.93
N ALA A 310 -0.16 -8.94 38.84
CA ALA A 310 -0.81 -10.07 39.51
C ALA A 310 -1.03 -9.83 41.02
N ASP A 311 -0.05 -9.23 41.72
CA ASP A 311 -0.22 -8.83 43.15
C ASP A 311 -1.16 -7.66 43.36
N GLY A 312 -1.63 -7.04 42.27
CA GLY A 312 -2.59 -5.95 42.36
C GLY A 312 -1.98 -4.56 42.43
N GLY A 313 -0.73 -4.42 42.01
CA GLY A 313 -0.12 -3.11 41.89
C GLY A 313 0.54 -2.67 43.20
N CYS A 314 0.39 -1.39 43.52
CA CYS A 314 1.11 -0.78 44.63
C CYS A 314 0.50 -1.12 45.97
N SER A 315 1.25 -1.85 46.81
CA SER A 315 0.84 -2.16 48.17
C SER A 315 1.16 -0.95 49.04
N GLY A 316 0.12 -0.34 49.60
CA GLY A 316 0.24 0.94 50.32
C GLY A 316 1.32 0.96 51.37
N GLY A 317 2.19 1.98 51.31
CA GLY A 317 3.28 2.19 52.27
C GLY A 317 4.46 1.22 52.19
N ALA A 318 4.53 0.42 51.13
CA ALA A 318 5.58 -0.60 51.03
C ALA A 318 6.89 -0.05 50.44
N TYR A 319 6.83 0.85 49.46
CA TYR A 319 8.08 1.34 48.86
C TYR A 319 8.18 2.86 48.82
N ASP A 320 9.41 3.36 48.89
CA ASP A 320 9.68 4.80 48.78
C ASP A 320 10.05 5.17 47.35
N ILE A 321 10.61 4.20 46.64
CA ILE A 321 11.11 4.40 45.30
C ILE A 321 10.74 3.17 44.45
N ILE A 322 10.24 3.43 43.24
CA ILE A 322 9.92 2.40 42.30
C ILE A 322 10.65 2.68 40.99
N ILE A 323 11.56 1.77 40.65
CA ILE A 323 12.36 1.89 39.49
C ILE A 323 11.66 0.98 38.52
N CYS A 324 11.09 1.63 37.49
CA CYS A 324 10.57 0.97 36.32
C CYS A 324 11.66 0.84 35.26
N ASP A 325 12.36 -0.28 35.34
CA ASP A 325 13.46 -0.56 34.43
C ASP A 325 13.04 -1.03 33.05
N GLU A 326 13.94 -0.92 32.08
CA GLU A 326 13.65 -1.19 30.65
C GLU A 326 12.32 -0.59 30.32
N CYS A 327 12.13 0.67 30.68
CA CYS A 327 10.89 1.37 30.52
C CYS A 327 10.62 1.76 29.04
N HIS A 328 11.60 1.50 28.19
CA HIS A 328 11.41 1.58 26.73
C HIS A 328 10.59 0.45 26.12
N SER A 329 10.39 -0.65 26.86
CA SER A 329 9.71 -1.84 26.37
C SER A 329 8.26 -1.53 26.08
N THR A 330 7.79 -2.10 24.97
CA THR A 330 6.43 -1.86 24.48
C THR A 330 5.62 -3.12 24.40
N ASP A 331 6.07 -4.21 25.03
CA ASP A 331 5.16 -5.30 25.35
C ASP A 331 4.06 -4.78 26.26
N SER A 332 2.88 -5.42 26.19
CA SER A 332 1.74 -4.90 26.90
C SER A 332 1.84 -5.04 28.44
N THR A 333 2.60 -6.00 28.92
CA THR A 333 2.71 -6.13 30.40
C THR A 333 3.46 -4.92 30.97
N THR A 334 4.57 -4.55 30.33
CA THR A 334 5.32 -3.38 30.72
C THR A 334 4.44 -2.13 30.72
N ILE A 335 3.79 -1.83 29.60
CA ILE A 335 2.94 -0.68 29.52
C ILE A 335 1.87 -0.65 30.61
N LEU A 336 1.17 -1.76 30.79
CA LEU A 336 0.10 -1.81 31.77
C LEU A 336 0.73 -1.65 33.20
N GLY A 337 1.84 -2.32 33.44
CA GLY A 337 2.58 -2.23 34.71
C GLY A 337 3.03 -0.81 35.00
N ILE A 338 3.66 -0.15 34.00
CA ILE A 338 4.12 1.23 34.18
C ILE A 338 2.94 2.16 34.42
N GLY A 339 1.86 2.01 33.64
CA GLY A 339 0.65 2.81 33.84
C GLY A 339 0.09 2.67 35.25
N THR A 340 0.07 1.43 35.72
CA THR A 340 -0.35 1.12 37.11
C THR A 340 0.49 1.86 38.18
N VAL A 341 1.81 1.72 38.10
CA VAL A 341 2.72 2.42 39.03
C VAL A 341 2.44 3.93 39.00
N LEU A 342 2.25 4.48 37.82
CA LEU A 342 2.08 5.92 37.69
C LEU A 342 0.72 6.40 38.15
N ASP A 343 -0.29 5.55 37.99
CA ASP A 343 -1.58 5.87 38.59
C ASP A 343 -1.58 5.70 40.12
N GLN A 344 -0.77 4.79 40.67
CA GLN A 344 -0.91 4.40 42.10
C GLN A 344 0.19 4.83 43.06
N ALA A 345 1.40 5.10 42.56
CA ALA A 345 2.56 5.28 43.40
C ALA A 345 2.41 6.42 44.44
N GLU A 346 1.86 7.55 44.03
CA GLU A 346 1.75 8.68 44.95
C GLU A 346 0.91 8.22 46.15
N THR A 347 -0.31 7.79 45.86
CA THR A 347 -1.25 7.27 46.87
C THR A 347 -0.69 6.18 47.77
N ALA A 348 0.09 5.28 47.20
CA ALA A 348 0.71 4.23 47.99
C ALA A 348 1.86 4.77 48.88
N GLY A 349 2.22 6.04 48.73
CA GLY A 349 3.17 6.71 49.62
C GLY A 349 4.60 6.75 49.13
N ALA A 350 4.80 6.51 47.84
CA ALA A 350 6.13 6.57 47.25
C ALA A 350 6.56 8.02 47.06
N ARG A 351 7.87 8.25 47.12
CA ARG A 351 8.42 9.60 46.89
C ARG A 351 8.93 9.80 45.43
N LEU A 352 9.25 8.69 44.76
CA LEU A 352 10.02 8.69 43.52
C LEU A 352 9.70 7.49 42.65
N VAL A 353 9.40 7.75 41.37
CA VAL A 353 9.34 6.72 40.36
C VAL A 353 10.45 7.03 39.40
N VAL A 354 11.25 6.03 39.07
CA VAL A 354 12.34 6.22 38.14
C VAL A 354 12.02 5.41 36.90
N LEU A 355 11.95 6.12 35.77
CA LEU A 355 11.77 5.50 34.47
C LEU A 355 13.11 5.30 33.76
N ALA A 356 13.61 4.08 33.82
CA ALA A 356 15.00 3.79 33.53
C ALA A 356 15.14 2.95 32.28
N THR A 357 16.04 3.39 31.41
CA THR A 357 16.29 2.73 30.15
C THR A 357 17.59 3.24 29.54
N ALA A 358 18.32 2.35 28.83
CA ALA A 358 19.48 2.77 28.06
C ALA A 358 19.10 3.39 26.72
N THR A 359 17.87 3.14 26.26
CA THR A 359 17.40 3.53 24.92
C THR A 359 16.04 4.19 25.00
N PRO A 360 16.02 5.46 25.41
CA PRO A 360 14.77 6.21 25.46
C PRO A 360 14.28 6.56 24.02
N PRO A 361 13.01 6.97 23.89
CA PRO A 361 12.47 7.33 22.59
C PRO A 361 13.23 8.49 21.93
N GLY A 362 13.51 8.32 20.65
CA GLY A 362 14.27 9.31 19.90
C GLY A 362 15.75 8.96 19.89
N SER A 363 16.15 7.96 20.68
CA SER A 363 17.54 7.54 20.68
C SER A 363 17.81 6.75 19.43
N VAL A 364 19.11 6.63 19.19
CA VAL A 364 19.72 6.20 17.97
C VAL A 364 20.86 5.29 18.39
N THR A 365 21.17 4.28 17.58
CA THR A 365 22.32 3.44 17.82
C THR A 365 23.61 4.17 17.42
N VAL A 366 24.50 4.35 18.39
CA VAL A 366 25.85 4.90 18.14
C VAL A 366 26.92 3.83 18.29
N PRO A 367 28.11 4.08 17.72
CA PRO A 367 29.18 3.08 17.83
C PRO A 367 29.58 2.76 19.27
N HIS A 368 29.99 1.51 19.50
CA HIS A 368 30.45 1.05 20.82
C HIS A 368 31.91 0.53 20.73
N PRO A 369 32.81 1.05 21.59
CA PRO A 369 34.24 0.71 21.43
C PRO A 369 34.56 -0.80 21.48
N ASN A 370 33.98 -1.51 22.43
CA ASN A 370 34.20 -2.97 22.59
C ASN A 370 33.68 -3.85 21.46
N ILE A 371 32.83 -3.31 20.59
CA ILE A 371 32.16 -4.10 19.56
C ILE A 371 32.56 -3.66 18.15
N GLU A 372 33.22 -4.55 17.41
CA GLU A 372 33.49 -4.30 15.99
C GLU A 372 32.27 -4.73 15.17
N GLU A 373 31.84 -3.85 14.26
CA GLU A 373 30.63 -4.07 13.45
C GLU A 373 31.01 -4.29 11.99
N VAL A 374 30.51 -5.38 11.41
CA VAL A 374 30.87 -5.78 10.05
C VAL A 374 29.68 -6.21 9.22
N ALA A 375 29.49 -5.56 8.07
CA ALA A 375 28.43 -5.95 7.15
C ALA A 375 28.63 -7.41 6.77
N LEU A 376 27.52 -8.13 6.71
CA LEU A 376 27.46 -9.46 6.12
C LEU A 376 27.55 -9.26 4.59
N SER A 377 28.22 -10.16 3.87
CA SER A 377 28.21 -10.09 2.39
C SER A 377 27.52 -11.32 1.77
N ASN A 378 27.60 -11.45 0.44
CA ASN A 378 27.14 -12.68 -0.26
C ASN A 378 28.16 -13.83 -0.22
N THR A 379 29.31 -13.61 0.41
CA THR A 379 30.35 -14.63 0.54
C THR A 379 30.13 -15.52 1.78
N GLY A 380 29.92 -16.80 1.58
CA GLY A 380 29.73 -17.68 2.73
C GLY A 380 28.82 -18.82 2.37
N GLU A 381 28.95 -19.89 3.17
CA GLU A 381 28.28 -21.16 2.87
C GLU A 381 26.85 -21.21 3.36
N ILE A 382 26.55 -20.39 4.37
CA ILE A 382 25.25 -20.42 5.03
C ILE A 382 24.40 -19.27 4.51
N PRO A 383 23.36 -19.58 3.69
CA PRO A 383 22.45 -18.50 3.32
C PRO A 383 21.84 -17.90 4.57
N PHE A 384 21.59 -16.61 4.52
CA PHE A 384 21.02 -15.91 5.66
C PHE A 384 20.39 -14.61 5.22
N TYR A 385 19.06 -14.60 5.11
CA TYR A 385 18.29 -13.37 4.81
C TYR A 385 18.79 -12.64 3.55
N GLY A 386 19.01 -13.42 2.49
CA GLY A 386 19.52 -12.90 1.24
C GLY A 386 21.00 -12.62 1.24
N LYS A 387 21.68 -12.78 2.37
CA LYS A 387 23.15 -12.67 2.41
C LYS A 387 23.74 -14.01 2.83
N ALA A 388 24.96 -13.99 3.37
CA ALA A 388 25.64 -15.21 3.80
C ALA A 388 26.47 -15.08 5.10
N ILE A 389 26.48 -16.16 5.88
CA ILE A 389 27.45 -16.33 6.96
C ILE A 389 28.50 -17.42 6.59
N PRO A 390 29.81 -17.06 6.60
CA PRO A 390 30.85 -18.09 6.45
C PRO A 390 31.01 -18.89 7.74
N ILE A 391 31.33 -20.16 7.61
CA ILE A 391 31.43 -21.05 8.78
C ILE A 391 32.56 -20.58 9.70
N GLU A 392 33.65 -20.07 9.10
CA GLU A 392 34.75 -19.44 9.85
C GLU A 392 34.24 -18.61 11.01
N ALA A 393 33.23 -17.78 10.73
CA ALA A 393 32.76 -16.80 11.68
C ALA A 393 32.10 -17.42 12.91
N ILE A 394 31.59 -18.66 12.78
CA ILE A 394 30.84 -19.28 13.88
C ILE A 394 31.22 -20.72 14.25
N ARG A 395 32.27 -21.30 13.66
CA ARG A 395 32.55 -22.72 13.90
C ARG A 395 33.21 -23.00 15.25
N GLY A 396 34.15 -22.17 15.65
CA GLY A 396 34.63 -22.15 17.03
C GLY A 396 33.80 -21.19 17.87
N GLY A 397 33.75 -21.43 19.19
CA GLY A 397 33.28 -20.42 20.15
C GLY A 397 31.79 -20.38 20.41
N ARG A 398 31.34 -19.29 21.05
CA ARG A 398 29.92 -19.08 21.41
C ARG A 398 29.30 -17.88 20.68
N HIS A 399 28.33 -18.12 19.82
CA HIS A 399 27.68 -17.05 19.06
C HIS A 399 26.17 -17.05 19.17
N LEU A 400 25.59 -15.90 18.86
CA LEU A 400 24.14 -15.70 18.91
C LEU A 400 23.68 -15.13 17.56
N ILE A 401 22.67 -15.75 16.98
CA ILE A 401 22.16 -15.34 15.70
C ILE A 401 20.68 -15.05 15.88
N PHE A 402 20.31 -13.79 15.71
CA PHE A 402 18.92 -13.40 15.82
C PHE A 402 18.20 -13.65 14.50
N CYS A 403 17.19 -14.52 14.57
CA CYS A 403 16.20 -14.63 13.53
C CYS A 403 14.87 -14.02 13.98
N HIS A 404 14.05 -13.68 12.99
CA HIS A 404 12.78 -13.00 13.21
C HIS A 404 11.61 -13.94 13.55
N SER A 405 11.70 -15.20 13.14
CA SER A 405 10.61 -16.17 13.29
C SER A 405 11.10 -17.47 13.92
N LYS A 406 10.20 -18.14 14.64
CA LYS A 406 10.47 -19.47 15.17
C LYS A 406 10.85 -20.45 14.04
N LYS A 407 10.13 -20.36 12.91
CA LYS A 407 10.34 -21.22 11.75
C LYS A 407 11.80 -21.17 11.29
N LYS A 408 12.31 -19.96 11.04
CA LYS A 408 13.70 -19.81 10.55
C LYS A 408 14.76 -20.21 11.58
N CYS A 409 14.43 -20.17 12.87
CA CYS A 409 15.34 -20.66 13.91
C CYS A 409 15.54 -22.19 13.82
N ASP A 410 14.47 -22.91 13.45
CA ASP A 410 14.52 -24.37 13.32
C ASP A 410 15.24 -24.83 12.05
N GLU A 411 15.07 -24.05 10.98
CA GLU A 411 15.64 -24.37 9.68
C GLU A 411 17.12 -23.94 9.56
N LEU A 412 17.54 -22.98 10.38
CA LEU A 412 18.94 -22.58 10.45
C LEU A 412 19.72 -23.48 11.40
N ALA A 413 19.14 -23.74 12.57
CA ALA A 413 19.71 -24.71 13.53
C ALA A 413 19.93 -26.07 12.85
N ALA A 414 18.93 -26.54 12.11
CA ALA A 414 19.05 -27.78 11.31
C ALA A 414 20.14 -27.68 10.24
N LYS A 415 20.13 -26.60 9.48
CA LYS A 415 21.16 -26.35 8.46
C LYS A 415 22.58 -26.17 9.09
N LEU A 416 22.63 -25.71 10.33
CA LEU A 416 23.91 -25.55 11.03
C LEU A 416 24.38 -26.87 11.65
N SER A 417 23.46 -27.63 12.25
CA SER A 417 23.82 -28.93 12.86
C SER A 417 24.16 -30.01 11.83
N GLY A 418 23.81 -29.78 10.56
CA GLY A 418 24.25 -30.65 9.47
C GLY A 418 25.74 -30.51 9.18
N LEU A 419 26.28 -29.32 9.44
CA LEU A 419 27.69 -29.00 9.14
C LEU A 419 28.59 -29.15 10.38
N GLY A 420 28.24 -30.08 11.25
CA GLY A 420 29.02 -30.33 12.46
C GLY A 420 29.15 -29.10 13.35
N ILE A 421 28.02 -28.43 13.60
CA ILE A 421 28.00 -27.27 14.48
C ILE A 421 26.98 -27.48 15.60
N ASN A 422 27.38 -27.23 16.84
CA ASN A 422 26.45 -27.33 17.95
C ASN A 422 25.52 -26.10 17.92
N ALA A 423 24.31 -26.32 17.42
CA ALA A 423 23.34 -25.25 17.23
C ALA A 423 22.05 -25.58 17.97
N VAL A 424 21.68 -24.72 18.93
CA VAL A 424 20.42 -24.86 19.66
C VAL A 424 19.52 -23.67 19.32
N ALA A 425 18.29 -23.96 18.91
CA ALA A 425 17.31 -22.90 18.62
C ALA A 425 16.59 -22.54 19.91
N TYR A 426 16.29 -21.25 20.10
CA TYR A 426 15.49 -20.83 21.26
C TYR A 426 14.41 -19.82 20.86
N TYR A 427 13.19 -20.06 21.32
CA TYR A 427 12.09 -19.14 21.07
C TYR A 427 11.03 -19.27 22.17
N ARG A 428 9.93 -18.52 22.06
CA ARG A 428 8.81 -18.64 23.01
C ARG A 428 8.19 -20.02 22.86
N GLY A 429 7.99 -20.70 24.00
CA GLY A 429 7.47 -22.07 24.04
C GLY A 429 8.54 -23.04 24.50
N LEU A 430 9.75 -22.90 23.94
CA LEU A 430 10.91 -23.67 24.37
C LEU A 430 11.38 -23.19 25.73
N ASP A 431 12.23 -23.99 26.36
CA ASP A 431 12.70 -23.74 27.72
C ASP A 431 14.19 -23.41 27.68
N VAL A 432 14.60 -22.42 28.47
CA VAL A 432 16.02 -22.18 28.71
C VAL A 432 16.59 -23.32 29.54
N SER A 433 17.89 -23.55 29.39
CA SER A 433 18.59 -24.78 29.84
C SER A 433 18.77 -25.77 28.67
N VAL A 434 18.14 -25.46 27.53
CA VAL A 434 18.56 -26.02 26.24
C VAL A 434 19.73 -25.23 25.65
N ILE A 435 20.10 -24.12 26.31
CA ILE A 435 21.25 -23.29 25.94
C ILE A 435 22.49 -23.72 26.75
N PRO A 436 23.43 -24.49 26.14
CA PRO A 436 24.71 -24.85 26.78
C PRO A 436 25.34 -23.66 27.51
N THR A 437 26.00 -23.94 28.63
CA THR A 437 26.13 -22.90 29.66
C THR A 437 27.22 -21.79 29.53
N ILE A 438 28.52 -21.95 29.20
CA ILE A 438 29.48 -23.11 29.20
C ILE A 438 30.02 -23.55 27.79
N GLY A 439 29.46 -24.59 27.17
CA GLY A 439 30.08 -25.23 25.98
C GLY A 439 30.27 -24.35 24.74
N ASP A 440 30.77 -24.93 23.65
CA ASP A 440 30.73 -24.29 22.32
C ASP A 440 29.31 -24.40 21.81
N VAL A 441 28.84 -23.33 21.16
CA VAL A 441 27.42 -23.20 20.85
C VAL A 441 27.07 -22.08 19.84
N VAL A 442 25.99 -22.30 19.10
CA VAL A 442 25.37 -21.25 18.29
C VAL A 442 23.87 -21.25 18.58
N VAL A 443 23.45 -20.44 19.53
CA VAL A 443 22.03 -20.26 19.77
C VAL A 443 21.46 -19.45 18.59
N VAL A 444 20.40 -19.96 17.99
CA VAL A 444 19.68 -19.26 16.93
C VAL A 444 18.30 -18.91 17.51
N ALA A 445 18.01 -17.60 17.60
CA ALA A 445 16.88 -17.18 18.43
C ALA A 445 16.13 -15.93 17.98
N THR A 446 14.84 -15.91 18.30
CA THR A 446 14.03 -14.71 18.24
C THR A 446 14.39 -13.85 19.43
N ASP A 447 13.72 -12.71 19.53
CA ASP A 447 13.96 -11.76 20.61
C ASP A 447 13.48 -12.27 21.98
N ALA A 448 12.78 -13.40 22.00
CA ALA A 448 12.45 -14.10 23.26
C ALA A 448 13.70 -14.40 24.11
N LEU A 449 14.82 -14.60 23.41
CA LEU A 449 16.15 -14.76 24.01
C LEU A 449 16.48 -13.72 25.08
N MET A 450 16.01 -12.49 24.88
CA MET A 450 16.43 -11.40 25.75
C MET A 450 15.65 -11.35 27.09
N THR A 451 14.39 -11.81 27.10
CA THR A 451 13.64 -11.98 28.35
C THR A 451 13.87 -13.35 29.00
N GLY A 452 14.36 -14.31 28.22
CA GLY A 452 14.59 -15.68 28.68
C GLY A 452 15.97 -15.95 29.25
N TYR A 453 17.00 -15.35 28.64
CA TYR A 453 18.40 -15.73 28.88
C TYR A 453 19.23 -14.46 29.13
N THR A 454 20.18 -14.50 30.06
CA THR A 454 20.96 -13.31 30.46
C THR A 454 22.43 -13.30 29.95
N GLY A 455 22.90 -14.42 29.40
CA GLY A 455 24.29 -14.56 28.97
C GLY A 455 24.71 -13.74 27.76
N ASP A 456 26.03 -13.56 27.62
CA ASP A 456 26.63 -12.81 26.50
C ASP A 456 27.27 -13.80 25.52
N PHE A 457 27.78 -13.29 24.40
CA PHE A 457 28.33 -14.15 23.33
C PHE A 457 29.58 -13.55 22.68
N ASP A 458 30.32 -14.39 21.96
CA ASP A 458 31.53 -13.92 21.26
C ASP A 458 31.15 -12.95 20.16
N SER A 459 30.06 -13.25 19.46
CA SER A 459 29.51 -12.37 18.43
C SER A 459 28.00 -12.44 18.36
N VAL A 460 27.45 -11.57 17.52
CA VAL A 460 26.03 -11.52 17.27
C VAL A 460 25.89 -11.34 15.78
N ILE A 461 25.01 -12.13 15.19
CA ILE A 461 24.68 -11.98 13.79
C ILE A 461 23.20 -11.63 13.74
N ASP A 462 22.88 -10.52 13.08
CA ASP A 462 21.55 -9.90 13.19
C ASP A 462 20.88 -9.81 11.82
N CYS A 463 19.67 -10.39 11.71
CA CYS A 463 18.89 -10.27 10.48
C CYS A 463 18.26 -8.89 10.32
N ASN A 464 18.36 -8.06 11.37
CA ASN A 464 17.82 -6.66 11.41
C ASN A 464 16.36 -6.53 11.02
N THR A 465 15.59 -7.60 11.21
CA THR A 465 14.17 -7.54 11.05
C THR A 465 13.53 -8.13 12.25
N CYS A 466 12.30 -7.70 12.52
CA CYS A 466 11.47 -8.33 13.52
C CYS A 466 10.04 -8.48 13.07
N VAL A 467 9.32 -9.28 13.83
CA VAL A 467 7.91 -9.51 13.64
C VAL A 467 7.18 -8.62 14.62
N THR A 468 6.16 -7.94 14.14
CA THR A 468 5.36 -7.11 15.01
C THR A 468 3.90 -7.31 14.69
N GLN A 469 3.01 -6.85 15.58
CA GLN A 469 1.58 -6.82 15.26
C GLN A 469 1.11 -5.42 15.00
N THR A 470 0.22 -5.29 14.01
CA THR A 470 -0.38 -4.03 13.71
C THR A 470 -1.87 -4.16 13.54
N VAL A 471 -2.61 -3.17 13.98
CA VAL A 471 -4.05 -3.19 13.80
C VAL A 471 -4.36 -2.45 12.52
N ASP A 472 -5.29 -2.99 11.74
CA ASP A 472 -5.85 -2.25 10.61
C ASP A 472 -7.34 -2.10 10.88
N PHE A 473 -7.83 -0.87 10.83
CA PHE A 473 -9.24 -0.61 10.97
C PHE A 473 -9.90 -0.89 9.64
N SER A 474 -10.06 -2.18 9.32
CA SER A 474 -10.35 -2.61 7.95
C SER A 474 -11.87 -2.62 7.65
N LEU A 475 -12.69 -2.50 8.70
CA LEU A 475 -14.15 -2.52 8.58
C LEU A 475 -14.68 -3.72 7.80
N ASP A 476 -14.00 -4.85 7.91
CA ASP A 476 -14.37 -6.02 7.09
C ASP A 476 -14.67 -7.30 7.90
N PRO A 477 -15.53 -7.20 8.94
CA PRO A 477 -16.41 -6.08 9.33
C PRO A 477 -15.93 -5.07 10.34
N THR A 478 -14.83 -5.35 11.03
CA THR A 478 -14.44 -4.49 12.14
C THR A 478 -12.95 -4.11 12.07
N PHE A 479 -12.08 -4.85 12.73
CA PHE A 479 -10.64 -4.61 12.64
C PHE A 479 -9.93 -5.90 12.41
N THR A 480 -8.66 -5.76 12.06
CA THR A 480 -7.78 -6.86 11.80
C THR A 480 -6.53 -6.63 12.65
N ILE A 481 -6.10 -7.68 13.32
CA ILE A 481 -4.75 -7.67 13.89
C ILE A 481 -3.90 -8.55 13.01
N GLU A 482 -2.92 -7.93 12.35
CA GLU A 482 -2.04 -8.57 11.38
C GLU A 482 -0.66 -8.73 11.99
N THR A 483 -0.02 -9.85 11.70
CA THR A 483 1.36 -10.08 12.09
C THR A 483 2.18 -9.80 10.87
N THR A 484 3.11 -8.86 10.97
CA THR A 484 3.91 -8.43 9.84
C THR A 484 5.38 -8.48 10.22
N THR A 485 6.22 -8.58 9.20
CA THR A 485 7.66 -8.52 9.40
C THR A 485 8.06 -7.14 8.99
N VAL A 486 8.91 -6.50 9.80
CA VAL A 486 9.32 -5.12 9.56
C VAL A 486 10.81 -4.93 9.92
N PRO A 487 11.43 -3.85 9.41
CA PRO A 487 12.81 -3.52 9.77
C PRO A 487 12.95 -3.12 11.23
N GLN A 488 14.07 -3.49 11.85
CA GLN A 488 14.25 -3.24 13.28
C GLN A 488 14.34 -1.73 13.55
N ASP A 489 14.13 -1.33 14.81
CA ASP A 489 14.34 0.04 15.23
C ASP A 489 15.61 0.17 16.07
N ALA A 490 15.98 1.41 16.40
CA ALA A 490 17.16 1.69 17.22
C ALA A 490 17.24 0.94 18.54
N VAL A 491 16.09 0.62 19.12
CA VAL A 491 15.99 -0.19 20.35
C VAL A 491 16.31 -1.65 20.07
N SER A 492 15.68 -2.21 19.05
CA SER A 492 15.91 -3.63 18.70
C SER A 492 17.40 -3.84 18.32
N ARG A 493 17.97 -2.90 17.58
CA ARG A 493 19.36 -3.01 17.14
C ARG A 493 20.30 -3.00 18.33
N SER A 494 20.15 -1.96 19.15
CA SER A 494 20.96 -1.76 20.35
C SER A 494 20.93 -2.96 21.29
N GLN A 495 19.73 -3.54 21.46
CA GLN A 495 19.51 -4.67 22.36
C GLN A 495 20.05 -5.99 21.80
N ARG A 496 19.91 -6.20 20.48
CA ARG A 496 20.45 -7.40 19.86
C ARG A 496 21.97 -7.34 19.86
N ARG A 497 22.52 -6.16 19.49
CA ARG A 497 23.96 -5.94 19.49
C ARG A 497 24.54 -6.05 20.91
N GLY A 498 23.74 -5.72 21.92
CA GLY A 498 24.16 -5.75 23.33
C GLY A 498 24.48 -7.12 23.93
N ARG A 499 24.21 -8.20 23.20
CA ARG A 499 24.53 -9.54 23.70
C ARG A 499 25.97 -9.97 23.44
N THR A 500 26.80 -9.03 22.97
CA THR A 500 28.23 -9.24 22.80
C THR A 500 28.93 -7.92 23.13
N GLY A 501 30.24 -7.97 23.36
CA GLY A 501 31.00 -6.78 23.76
C GLY A 501 30.80 -6.37 25.22
N ARG A 502 30.40 -7.33 26.05
CA ARG A 502 30.19 -7.09 27.48
C ARG A 502 31.48 -7.33 28.26
N GLY A 503 32.20 -6.25 28.53
CA GLY A 503 33.46 -6.31 29.28
C GLY A 503 34.61 -6.99 28.54
N ARG A 504 34.41 -7.23 27.24
CA ARG A 504 35.38 -7.96 26.43
C ARG A 504 35.20 -7.62 24.96
N ARG A 505 36.00 -8.25 24.09
CA ARG A 505 35.90 -8.08 22.64
C ARG A 505 34.57 -8.67 22.16
N GLY A 506 33.99 -8.07 21.13
CA GLY A 506 32.77 -8.59 20.52
C GLY A 506 32.63 -8.20 19.06
N ILE A 507 32.01 -9.08 18.30
CA ILE A 507 31.72 -8.84 16.89
C ILE A 507 30.20 -8.80 16.62
N TYR A 508 29.74 -7.79 15.89
CA TYR A 508 28.33 -7.71 15.49
C TYR A 508 28.22 -7.70 13.98
N ARG A 509 27.63 -8.75 13.43
CA ARG A 509 27.46 -8.87 12.00
C ARG A 509 26.00 -8.60 11.66
N PHE A 510 25.77 -7.84 10.57
CA PHE A 510 24.43 -7.38 10.20
C PHE A 510 24.09 -7.48 8.71
N VAL A 511 22.86 -7.85 8.42
CA VAL A 511 22.35 -7.92 7.05
C VAL A 511 22.12 -6.53 6.45
N THR A 512 21.87 -5.53 7.31
CA THR A 512 21.35 -4.22 6.88
C THR A 512 21.66 -3.10 7.89
N PRO A 513 22.08 -1.91 7.41
CA PRO A 513 22.26 -0.71 8.27
C PRO A 513 20.98 0.11 8.57
N GLY A 514 19.94 -0.04 7.76
CA GLY A 514 18.62 0.51 8.09
C GLY A 514 18.25 0.36 9.57
N GLU A 515 17.70 1.44 10.12
CA GLU A 515 17.28 1.48 11.52
C GLU A 515 16.13 2.45 11.58
N ARG A 516 14.92 1.95 11.83
CA ARG A 516 13.72 2.79 11.80
C ARG A 516 13.59 3.51 13.17
N PRO A 517 12.75 4.54 13.23
CA PRO A 517 12.66 5.37 14.44
C PRO A 517 12.15 4.64 15.71
N SER A 518 12.89 4.82 16.80
CA SER A 518 12.57 4.26 18.12
C SER A 518 11.45 4.95 18.84
N GLY A 519 10.84 4.20 19.77
CA GLY A 519 10.01 4.76 20.80
C GLY A 519 8.53 4.90 20.49
N MET A 520 8.06 4.34 19.39
CA MET A 520 6.66 4.42 19.00
C MET A 520 6.04 3.05 19.11
N PHE A 521 4.77 2.96 19.46
CA PHE A 521 4.12 1.65 19.43
C PHE A 521 2.71 1.67 18.88
N ASP A 522 2.31 0.52 18.35
CA ASP A 522 1.10 0.41 17.55
C ASP A 522 -0.12 0.31 18.47
N SER A 523 -1.25 0.74 17.93
CA SER A 523 -2.55 0.65 18.60
C SER A 523 -2.86 -0.80 19.00
N SER A 524 -2.38 -1.79 18.23
CA SER A 524 -2.55 -3.17 18.63
C SER A 524 -2.04 -3.51 20.03
N VAL A 525 -1.03 -2.81 20.49
CA VAL A 525 -0.51 -3.02 21.84
C VAL A 525 -1.47 -2.51 22.92
N LEU A 526 -2.21 -1.45 22.61
CA LEU A 526 -3.22 -0.93 23.51
C LEU A 526 -4.32 -1.98 23.61
N CYS A 527 -4.75 -2.49 22.47
CA CYS A 527 -5.69 -3.60 22.43
C CYS A 527 -5.21 -4.71 23.37
N GLU A 528 -3.93 -5.05 23.27
CA GLU A 528 -3.32 -6.14 24.02
C GLU A 528 -3.31 -5.89 25.53
N CYS A 529 -3.16 -4.63 25.90
CA CYS A 529 -3.32 -4.20 27.29
C CYS A 529 -4.72 -4.46 27.83
N TYR A 530 -5.74 -4.08 27.08
CA TYR A 530 -7.11 -4.39 27.50
C TYR A 530 -7.32 -5.90 27.58
N ASP A 531 -6.78 -6.60 26.58
CA ASP A 531 -6.87 -8.08 26.52
C ASP A 531 -6.24 -8.69 27.78
N ALA A 532 -5.05 -8.18 28.14
CA ALA A 532 -4.31 -8.73 29.24
C ALA A 532 -5.01 -8.40 30.54
N GLY A 533 -5.49 -7.19 30.66
CA GLY A 533 -6.27 -6.79 31.85
C GLY A 533 -7.43 -7.73 32.17
N CYS A 534 -8.17 -8.06 31.13
CA CYS A 534 -9.32 -8.94 31.18
C CYS A 534 -8.91 -10.38 31.38
N ALA A 535 -7.83 -10.80 30.71
CA ALA A 535 -7.43 -12.21 30.72
C ALA A 535 -6.72 -12.59 32.03
N TRP A 536 -5.81 -11.72 32.45
CA TRP A 536 -4.85 -12.06 33.54
C TRP A 536 -5.06 -11.30 34.87
N TYR A 537 -5.48 -10.05 34.79
CA TYR A 537 -5.36 -9.20 35.99
C TYR A 537 -6.71 -8.74 36.53
N GLU A 538 -7.78 -9.38 36.05
CA GLU A 538 -9.12 -9.07 36.53
C GLU A 538 -9.34 -7.56 36.57
N LEU A 539 -8.92 -6.86 35.52
CA LEU A 539 -9.23 -5.45 35.36
C LEU A 539 -10.40 -5.34 34.41
N THR A 540 -11.40 -4.53 34.78
CA THR A 540 -12.41 -4.09 33.83
C THR A 540 -11.76 -3.14 32.80
N PRO A 541 -12.33 -3.05 31.59
CA PRO A 541 -11.83 -2.07 30.64
C PRO A 541 -11.68 -0.65 31.21
N ALA A 542 -12.67 -0.16 31.96
CA ALA A 542 -12.54 1.15 32.61
C ALA A 542 -11.29 1.23 33.51
N GLU A 543 -11.04 0.19 34.31
CA GLU A 543 -9.85 0.18 35.16
C GLU A 543 -8.55 0.25 34.33
N THR A 544 -8.46 -0.58 33.29
CA THR A 544 -7.34 -0.53 32.37
C THR A 544 -7.15 0.86 31.77
N SER A 545 -8.25 1.51 31.39
CA SER A 545 -8.20 2.87 30.85
C SER A 545 -7.55 3.85 31.82
N VAL A 546 -7.83 3.71 33.11
CA VAL A 546 -7.22 4.60 34.15
C VAL A 546 -5.69 4.41 34.13
N ARG A 547 -5.26 3.16 34.15
CA ARG A 547 -3.82 2.90 34.14
C ARG A 547 -3.14 3.38 32.84
N LEU A 548 -3.77 3.13 31.69
CA LEU A 548 -3.19 3.50 30.43
C LEU A 548 -3.18 5.01 30.29
N ARG A 549 -4.25 5.67 30.75
CA ARG A 549 -4.25 7.15 30.77
C ARG A 549 -3.04 7.76 31.49
N ALA A 550 -2.72 7.22 32.67
CA ALA A 550 -1.58 7.68 33.39
C ALA A 550 -0.31 7.47 32.56
N TYR A 551 -0.19 6.32 31.91
CA TYR A 551 0.92 6.11 30.99
C TYR A 551 0.92 7.15 29.87
N LEU A 552 -0.22 7.39 29.25
CA LEU A 552 -0.23 8.29 28.08
C LEU A 552 0.02 9.73 28.51
N ASN A 553 -0.36 10.07 29.73
CA ASN A 553 -0.14 11.41 30.23
C ASN A 553 1.31 11.69 30.67
N THR A 554 2.22 10.73 30.48
CA THR A 554 3.58 10.85 31.02
C THR A 554 4.63 11.01 29.95
N PRO A 555 5.17 12.24 29.82
CA PRO A 555 6.15 12.49 28.78
C PRO A 555 7.41 11.66 28.96
N GLY A 556 8.09 11.39 27.86
CA GLY A 556 9.40 10.74 27.85
C GLY A 556 9.34 9.23 27.72
N LEU A 557 8.17 8.64 28.04
CA LEU A 557 7.87 7.25 27.77
C LEU A 557 7.50 7.07 26.32
N PRO A 558 7.67 5.86 25.79
CA PRO A 558 7.28 5.54 24.43
C PRO A 558 5.90 6.11 24.06
N VAL A 559 5.67 6.36 22.78
CA VAL A 559 4.49 7.10 22.36
C VAL A 559 3.53 6.24 21.54
N CYS A 560 2.25 6.60 21.59
CA CYS A 560 1.28 5.84 20.85
C CYS A 560 0.16 6.76 20.50
N GLN A 561 -0.77 6.30 19.66
CA GLN A 561 -1.98 7.08 19.37
C GLN A 561 -3.03 6.89 20.46
N ASP A 562 -3.82 7.92 20.72
CA ASP A 562 -4.84 7.86 21.78
C ASP A 562 -6.11 7.19 21.30
N HIS A 563 -6.09 5.86 21.32
CA HIS A 563 -7.21 5.03 20.92
C HIS A 563 -7.85 4.35 22.11
N LEU A 564 -7.78 4.99 23.27
CA LEU A 564 -8.20 4.37 24.52
C LEU A 564 -9.73 4.21 24.60
N GLU A 565 -10.46 5.28 24.33
CA GLU A 565 -11.92 5.14 24.30
C GLU A 565 -12.36 4.11 23.28
N PHE A 566 -11.74 4.08 22.10
CA PHE A 566 -12.09 3.01 21.16
C PHE A 566 -11.93 1.63 21.80
N TRP A 567 -10.72 1.33 22.24
CA TRP A 567 -10.45 -0.01 22.73
C TRP A 567 -11.24 -0.38 23.97
N GLU A 568 -11.39 0.55 24.91
CA GLU A 568 -12.26 0.30 26.06
C GLU A 568 -13.70 -0.04 25.64
N SER A 569 -14.20 0.63 24.60
CA SER A 569 -15.58 0.40 24.16
C SER A 569 -15.70 -1.03 23.61
N VAL A 570 -14.67 -1.46 22.89
CA VAL A 570 -14.66 -2.82 22.31
C VAL A 570 -14.74 -3.91 23.41
N PHE A 571 -13.82 -3.86 24.37
CA PHE A 571 -13.78 -4.89 25.41
C PHE A 571 -14.96 -4.85 26.40
N THR A 572 -15.52 -3.67 26.61
CA THR A 572 -16.71 -3.51 27.42
C THR A 572 -17.88 -4.39 26.99
N GLY A 573 -18.06 -4.58 25.67
CA GLY A 573 -19.08 -5.52 25.15
C GLY A 573 -18.69 -6.99 25.13
N LEU A 574 -17.41 -7.31 25.35
CA LEU A 574 -16.99 -8.71 25.31
C LEU A 574 -17.25 -9.43 26.66
N THR A 575 -18.52 -9.53 27.04
CA THR A 575 -18.87 -10.07 28.37
C THR A 575 -19.14 -11.57 28.34
N HIS A 576 -19.08 -12.19 29.52
CA HIS A 576 -19.42 -13.60 29.72
C HIS A 576 -18.62 -14.55 28.84
N ILE A 577 -17.31 -14.35 28.82
CA ILE A 577 -16.41 -15.28 28.08
C ILE A 577 -16.47 -16.67 28.70
N ASP A 578 -16.27 -17.71 27.90
CA ASP A 578 -16.15 -19.06 28.41
C ASP A 578 -14.82 -19.20 29.17
N ALA A 579 -14.89 -19.56 30.44
CA ALA A 579 -13.70 -19.58 31.27
C ALA A 579 -12.74 -20.66 30.89
N HIS A 580 -13.24 -21.76 30.36
CA HIS A 580 -12.37 -22.84 30.00
C HIS A 580 -11.53 -22.49 28.77
N PHE A 581 -12.19 -22.00 27.72
CA PHE A 581 -11.45 -21.49 26.57
C PHE A 581 -10.38 -20.47 26.98
N LEU A 582 -10.76 -19.50 27.82
CA LEU A 582 -9.82 -18.48 28.24
C LEU A 582 -8.65 -19.07 29.04
N SER A 583 -8.90 -20.04 29.92
CA SER A 583 -7.79 -20.68 30.62
C SER A 583 -6.88 -21.39 29.61
N GLN A 584 -7.44 -21.98 28.56
CA GLN A 584 -6.61 -22.65 27.54
C GLN A 584 -5.79 -21.68 26.69
N THR A 585 -6.36 -20.56 26.28
CA THR A 585 -5.53 -19.63 25.48
C THR A 585 -4.49 -18.89 26.34
N LYS A 586 -4.80 -18.63 27.59
CA LYS A 586 -3.78 -18.11 28.51
C LYS A 586 -2.58 -19.09 28.63
N GLN A 587 -2.84 -20.32 29.02
CA GLN A 587 -1.76 -21.27 29.17
C GLN A 587 -1.01 -21.53 27.86
N ALA A 588 -1.66 -21.38 26.71
CA ALA A 588 -0.95 -21.66 25.45
C ALA A 588 0.03 -20.54 25.11
N GLY A 589 -0.21 -19.36 25.65
CA GLY A 589 0.81 -18.32 25.65
C GLY A 589 0.85 -17.43 24.41
N ASP A 590 -0.06 -17.67 23.48
CA ASP A 590 -0.16 -16.79 22.30
C ASP A 590 -0.80 -15.45 22.63
N ASN A 591 -0.67 -14.52 21.69
CA ASN A 591 -1.07 -13.15 21.89
C ASN A 591 -2.58 -13.08 21.85
N PHE A 592 -3.16 -12.09 22.53
CA PHE A 592 -4.61 -11.86 22.48
C PHE A 592 -5.39 -13.07 22.94
N PRO A 593 -5.03 -13.60 24.13
CA PRO A 593 -5.76 -14.74 24.65
C PRO A 593 -7.22 -14.46 24.86
N TYR A 594 -7.55 -13.24 25.30
CA TYR A 594 -8.93 -12.88 25.47
C TYR A 594 -9.68 -12.78 24.11
N LEU A 595 -9.15 -12.09 23.13
CA LEU A 595 -9.86 -11.99 21.84
C LEU A 595 -9.97 -13.39 21.17
N VAL A 596 -8.93 -14.20 21.25
CA VAL A 596 -9.02 -15.57 20.70
C VAL A 596 -10.09 -16.41 21.41
N ALA A 597 -10.03 -16.46 22.74
CA ALA A 597 -10.98 -17.23 23.51
C ALA A 597 -12.39 -16.68 23.35
N TYR A 598 -12.52 -15.38 23.07
CA TYR A 598 -13.86 -14.78 22.96
C TYR A 598 -14.51 -15.17 21.60
N GLN A 599 -13.72 -15.14 20.55
CA GLN A 599 -14.23 -15.64 19.28
C GLN A 599 -14.56 -17.13 19.42
N ALA A 600 -13.78 -17.87 20.20
CA ALA A 600 -13.98 -19.29 20.32
C ALA A 600 -15.30 -19.57 21.06
N THR A 601 -15.56 -18.74 22.06
CA THR A 601 -16.76 -18.75 22.84
C THR A 601 -18.00 -18.53 21.98
N VAL A 602 -18.00 -17.45 21.22
CA VAL A 602 -19.11 -17.16 20.31
C VAL A 602 -19.36 -18.30 19.30
N CYS A 603 -18.29 -18.82 18.73
CA CYS A 603 -18.32 -20.01 17.91
C CYS A 603 -18.99 -21.22 18.59
N ALA A 604 -18.45 -21.69 19.70
CA ALA A 604 -18.99 -22.87 20.33
C ALA A 604 -20.46 -22.72 20.69
N ARG A 605 -20.84 -21.55 21.20
CA ARG A 605 -22.19 -21.32 21.62
C ARG A 605 -23.15 -21.33 20.43
N ALA A 606 -22.66 -20.95 19.26
CA ALA A 606 -23.46 -21.04 18.04
C ALA A 606 -23.26 -22.37 17.31
N GLN A 607 -22.50 -23.29 17.90
CA GLN A 607 -22.04 -24.50 17.20
C GLN A 607 -21.50 -24.22 15.83
N ALA A 608 -20.74 -23.14 15.71
CA ALA A 608 -20.13 -22.81 14.44
C ALA A 608 -18.62 -23.06 14.49
N PRO A 609 -18.03 -23.32 13.33
CA PRO A 609 -16.57 -23.53 13.31
C PRO A 609 -15.80 -22.22 13.55
N PRO A 610 -14.52 -22.33 13.91
CA PRO A 610 -13.70 -21.15 14.05
C PRO A 610 -13.40 -20.62 12.63
N PRO A 611 -12.88 -19.39 12.50
CA PRO A 611 -12.61 -18.84 11.16
C PRO A 611 -11.63 -19.68 10.30
N SER A 612 -10.82 -20.50 10.94
CA SER A 612 -9.90 -21.41 10.26
C SER A 612 -9.55 -22.48 11.24
N TRP A 613 -8.83 -23.49 10.76
CA TRP A 613 -8.28 -24.51 11.65
C TRP A 613 -6.78 -24.33 11.92
N ASP A 614 -6.31 -23.09 11.86
CA ASP A 614 -5.00 -22.72 12.36
C ASP A 614 -4.85 -23.01 13.87
N GLN A 615 -3.62 -23.23 14.32
CA GLN A 615 -3.31 -23.57 15.72
C GLN A 615 -3.88 -22.56 16.69
N MET A 616 -4.00 -21.31 16.26
CA MET A 616 -4.77 -20.31 17.00
C MET A 616 -6.09 -20.87 17.61
N TRP A 617 -6.81 -21.68 16.82
CA TRP A 617 -8.19 -22.14 17.21
C TRP A 617 -8.21 -23.56 17.82
N LYS A 618 -7.05 -24.04 18.25
CA LYS A 618 -6.91 -25.41 18.73
C LYS A 618 -7.80 -25.79 19.90
N CYS A 619 -8.24 -24.81 20.67
CA CYS A 619 -9.13 -25.09 21.76
C CYS A 619 -10.48 -25.61 21.25
N LEU A 620 -10.77 -25.44 19.96
CA LEU A 620 -11.99 -25.94 19.37
C LEU A 620 -11.86 -27.29 18.62
N ILE A 621 -10.66 -27.83 18.43
CA ILE A 621 -10.45 -29.05 17.62
C ILE A 621 -11.33 -30.22 18.05
N ARG A 622 -11.40 -30.47 19.35
CA ARG A 622 -12.22 -31.57 19.87
C ARG A 622 -13.70 -31.42 19.53
N LEU A 623 -14.16 -30.19 19.33
CA LEU A 623 -15.55 -29.96 18.95
C LEU A 623 -15.78 -30.06 17.45
N LYS A 624 -14.71 -30.23 16.67
CA LYS A 624 -14.77 -30.21 15.21
C LYS A 624 -15.99 -30.93 14.65
N PRO A 625 -16.30 -32.14 15.14
CA PRO A 625 -17.38 -32.91 14.51
C PRO A 625 -18.78 -32.37 14.73
N THR A 626 -18.99 -31.51 15.74
CA THR A 626 -20.30 -30.88 15.97
C THR A 626 -20.46 -29.42 15.42
N LEU A 627 -19.38 -28.84 14.88
CA LEU A 627 -19.44 -27.42 14.50
C LEU A 627 -19.71 -27.34 13.01
N HIS A 628 -20.64 -26.46 12.64
CA HIS A 628 -21.11 -26.36 11.27
C HIS A 628 -21.64 -24.96 10.99
N GLY A 629 -21.59 -24.58 9.71
CA GLY A 629 -22.12 -23.34 9.21
C GLY A 629 -21.05 -22.26 9.15
N PRO A 630 -21.47 -21.03 8.92
CA PRO A 630 -20.51 -19.93 8.89
C PRO A 630 -20.09 -19.44 10.28
N THR A 631 -18.88 -18.92 10.36
CA THR A 631 -18.35 -18.32 11.57
C THR A 631 -19.01 -16.95 11.85
N PRO A 632 -19.50 -16.74 13.07
CA PRO A 632 -19.93 -15.41 13.45
C PRO A 632 -18.67 -14.60 13.77
N LEU A 633 -18.15 -13.93 12.73
CA LEU A 633 -16.85 -13.28 12.81
C LEU A 633 -16.99 -11.98 13.61
N LEU A 634 -16.10 -11.80 14.60
CA LEU A 634 -16.08 -10.58 15.43
C LEU A 634 -15.04 -9.60 14.93
N TYR A 635 -13.96 -10.15 14.37
CA TYR A 635 -12.77 -9.38 13.99
C TYR A 635 -11.85 -10.38 13.27
N ARG A 636 -10.78 -9.91 12.68
CA ARG A 636 -9.80 -10.77 12.00
C ARG A 636 -8.47 -10.82 12.74
N LEU A 637 -8.08 -12.03 13.10
CA LEU A 637 -6.83 -12.25 13.80
C LEU A 637 -5.88 -13.09 12.97
N GLY A 638 -6.26 -13.34 11.73
CA GLY A 638 -5.49 -14.21 10.83
C GLY A 638 -6.37 -14.46 9.63
N ALA A 639 -5.94 -15.36 8.77
CA ALA A 639 -6.68 -15.76 7.61
C ALA A 639 -8.04 -16.31 8.01
N VAL A 640 -9.08 -15.94 7.27
CA VAL A 640 -10.41 -16.47 7.51
C VAL A 640 -10.78 -17.35 6.32
N GLN A 641 -10.81 -18.66 6.54
CA GLN A 641 -11.08 -19.62 5.46
C GLN A 641 -12.54 -20.01 5.38
N ASN A 642 -13.23 -20.05 6.51
CA ASN A 642 -14.64 -20.41 6.53
C ASN A 642 -15.52 -19.29 6.04
N GLU A 643 -16.71 -19.63 5.56
CA GLU A 643 -17.73 -18.64 5.30
C GLU A 643 -18.05 -17.92 6.61
N VAL A 644 -18.53 -16.69 6.51
CA VAL A 644 -18.78 -15.88 7.67
C VAL A 644 -20.19 -15.33 7.69
N THR A 645 -20.69 -15.15 8.91
CA THR A 645 -21.93 -14.42 9.09
C THR A 645 -21.68 -13.24 10.00
N LEU A 646 -22.45 -12.17 9.77
CA LEU A 646 -22.22 -10.89 10.46
C LEU A 646 -23.38 -10.49 11.32
N THR A 647 -24.28 -11.44 11.58
CA THR A 647 -25.53 -11.17 12.27
C THR A 647 -25.39 -11.29 13.79
N HIS A 648 -24.25 -11.80 14.27
CA HIS A 648 -24.08 -11.92 15.75
C HIS A 648 -24.14 -10.56 16.47
N PRO A 649 -24.90 -10.47 17.57
CA PRO A 649 -24.97 -9.16 18.26
C PRO A 649 -23.60 -8.53 18.62
N ILE A 650 -22.61 -9.35 18.96
CA ILE A 650 -21.28 -8.87 19.32
C ILE A 650 -20.59 -8.28 18.10
N THR A 651 -20.76 -8.93 16.96
CA THR A 651 -20.26 -8.35 15.73
C THR A 651 -20.88 -6.97 15.49
N LYS A 652 -22.20 -6.86 15.66
CA LYS A 652 -22.90 -5.60 15.50
C LYS A 652 -22.40 -4.55 16.49
N TYR A 653 -22.16 -4.95 17.72
CA TYR A 653 -21.60 -4.08 18.73
C TYR A 653 -20.21 -3.54 18.33
N ILE A 654 -19.34 -4.42 17.88
CA ILE A 654 -17.99 -4.00 17.56
C ILE A 654 -18.10 -3.08 16.32
N MET A 655 -18.98 -3.41 15.38
CA MET A 655 -19.20 -2.51 14.22
C MET A 655 -19.63 -1.12 14.70
N ALA A 656 -20.56 -1.06 15.65
CA ALA A 656 -20.91 0.27 16.20
C ALA A 656 -19.70 0.99 16.79
N CYS A 657 -18.82 0.26 17.48
CA CYS A 657 -17.62 0.86 18.10
C CYS A 657 -16.67 1.52 17.05
N MET A 658 -16.59 0.95 15.86
CA MET A 658 -15.82 1.55 14.75
C MET A 658 -16.27 2.98 14.36
N SER A 659 -17.44 3.42 14.81
CA SER A 659 -17.82 4.81 14.62
C SER A 659 -17.02 5.79 15.53
N ALA A 660 -16.23 5.25 16.45
CA ALA A 660 -15.43 6.09 17.32
C ALA A 660 -14.53 7.01 16.49
N ASP A 661 -14.24 8.19 17.06
CA ASP A 661 -13.25 9.12 16.48
C ASP A 661 -11.86 8.46 16.62
N LEU A 662 -11.19 8.18 15.50
CA LEU A 662 -9.88 7.54 15.54
C LEU A 662 -8.81 8.46 14.90
N GLU A 663 -7.81 8.82 15.67
CA GLU A 663 -6.59 9.43 15.13
C GLU A 663 -5.87 8.38 14.27
N VAL A 664 -5.53 8.75 13.05
CA VAL A 664 -4.60 7.96 12.23
C VAL A 664 -3.58 8.96 11.68
N VAL A 665 -2.31 8.59 11.68
CA VAL A 665 -1.30 9.53 11.23
C VAL A 665 -1.28 9.58 9.69
N THR A 666 -0.88 10.74 9.20
CA THR A 666 -0.86 11.02 7.79
C THR A 666 0.58 11.36 7.35
N GLY B 22 13.03 3.32 -17.48
CA GLY B 22 13.87 2.32 -16.72
C GLY B 22 13.78 0.91 -17.26
N SER B 23 14.90 0.18 -17.22
CA SER B 23 14.91 -1.24 -17.52
C SER B 23 14.45 -2.02 -16.27
N VAL B 24 13.89 -3.20 -16.47
CA VAL B 24 13.81 -4.18 -15.39
C VAL B 24 15.27 -4.55 -14.96
N VAL B 25 15.46 -4.89 -13.69
CA VAL B 25 16.78 -5.06 -13.08
C VAL B 25 16.79 -6.28 -12.18
N ILE B 26 17.76 -7.16 -12.39
CA ILE B 26 17.93 -8.34 -11.56
C ILE B 26 18.48 -7.87 -10.21
N VAL B 27 17.82 -8.27 -9.12
CA VAL B 27 18.25 -7.80 -7.79
C VAL B 27 18.61 -8.92 -6.85
N GLY B 28 18.33 -10.15 -7.28
CA GLY B 28 18.72 -11.31 -6.53
C GLY B 28 18.46 -12.50 -7.43
N ARG B 29 18.48 -13.68 -6.84
CA ARG B 29 18.30 -14.91 -7.57
C ARG B 29 17.75 -15.91 -6.57
N ILE B 30 17.07 -16.96 -7.03
CA ILE B 30 16.56 -18.03 -6.15
C ILE B 30 17.32 -19.29 -6.61
N ILE B 31 18.18 -19.80 -5.74
CA ILE B 31 19.03 -20.96 -6.03
C ILE B 31 18.31 -22.25 -5.66
N LEU B 32 18.14 -23.12 -6.65
CA LEU B 32 17.48 -24.41 -6.48
C LEU B 32 18.52 -25.53 -6.28
N SER B 33 18.06 -26.67 -5.74
CA SER B 33 18.91 -27.84 -5.47
C SER B 33 19.18 -28.66 -6.74
N SER B 37 15.00 -33.85 -3.24
CA SER B 37 16.47 -33.82 -3.35
C SER B 37 16.92 -32.69 -4.26
N ILE B 38 13.64 -31.18 -3.55
CA ILE B 38 13.67 -29.79 -4.04
C ILE B 38 13.73 -28.73 -2.91
N THR B 39 14.84 -28.00 -2.85
CA THR B 39 15.01 -26.97 -1.83
C THR B 39 15.44 -25.67 -2.50
N ALA B 40 15.32 -24.58 -1.77
CA ALA B 40 15.57 -23.26 -2.32
C ALA B 40 16.08 -22.31 -1.28
N TYR B 41 16.97 -21.39 -1.72
CA TYR B 41 17.36 -20.23 -0.91
C TYR B 41 17.62 -19.03 -1.80
N SER B 42 17.39 -17.84 -1.23
CA SER B 42 17.51 -16.59 -1.94
C SER B 42 18.84 -15.93 -1.65
N GLN B 43 19.32 -15.15 -2.63
CA GLN B 43 20.40 -14.22 -2.41
C GLN B 43 20.05 -12.85 -3.02
N GLN B 44 20.24 -11.78 -2.25
CA GLN B 44 20.09 -10.43 -2.77
C GLN B 44 21.44 -9.91 -3.24
N THR B 45 21.48 -9.44 -4.49
CA THR B 45 22.72 -9.00 -5.09
C THR B 45 22.76 -7.48 -5.27
N ARG B 46 21.66 -6.80 -5.00
CA ARG B 46 21.60 -5.37 -5.20
C ARG B 46 20.68 -4.69 -4.21
N GLY B 47 21.14 -3.57 -3.68
CA GLY B 47 20.28 -2.67 -2.91
C GLY B 47 19.54 -1.65 -3.77
N LEU B 48 18.88 -0.72 -3.10
CA LEU B 48 17.93 0.14 -3.75
C LEU B 48 18.66 1.06 -4.71
N LEU B 49 19.75 1.65 -4.22
CA LEU B 49 20.56 2.55 -5.04
C LEU B 49 21.09 1.85 -6.31
N GLY B 50 21.69 0.67 -6.13
CA GLY B 50 22.22 -0.12 -7.24
C GLY B 50 21.12 -0.33 -8.26
N CYS B 51 19.96 -0.76 -7.76
CA CYS B 51 18.79 -1.06 -8.59
C CYS B 51 18.34 0.14 -9.38
N ILE B 52 18.27 1.31 -8.75
CA ILE B 52 17.85 2.52 -9.46
C ILE B 52 18.83 2.93 -10.55
N ILE B 53 20.12 2.96 -10.22
CA ILE B 53 21.15 3.38 -11.17
C ILE B 53 21.16 2.45 -12.38
N THR B 54 21.10 1.15 -12.12
CA THR B 54 21.16 0.13 -13.17
C THR B 54 19.92 0.19 -14.05
N SER B 55 18.78 0.50 -13.44
CA SER B 55 17.56 0.64 -14.16
C SER B 55 17.69 1.75 -15.17
N LEU B 56 18.38 2.82 -14.79
CA LEU B 56 18.46 4.00 -15.63
C LEU B 56 19.49 3.89 -16.73
N THR B 57 20.64 3.31 -16.39
CA THR B 57 21.66 3.08 -17.41
C THR B 57 21.26 1.91 -18.27
N GLY B 58 20.58 0.93 -17.65
CA GLY B 58 20.32 -0.34 -18.32
C GLY B 58 21.58 -1.21 -18.49
N ARG B 59 22.68 -0.78 -17.87
CA ARG B 59 23.95 -1.48 -17.92
C ARG B 59 24.22 -2.17 -16.57
N ASP B 60 24.20 -3.49 -16.62
CA ASP B 60 24.41 -4.37 -15.49
C ASP B 60 25.50 -5.42 -15.76
N LYS B 61 26.63 -5.32 -15.05
CA LYS B 61 27.74 -6.29 -15.22
C LYS B 61 27.87 -7.35 -14.13
N ASN B 62 27.03 -7.31 -13.08
CA ASN B 62 27.18 -8.29 -11.99
C ASN B 62 27.09 -9.68 -12.59
N GLN B 63 27.73 -10.66 -11.94
CA GLN B 63 27.59 -12.06 -12.38
C GLN B 63 26.12 -12.49 -12.28
N VAL B 64 25.65 -13.18 -13.30
CA VAL B 64 24.33 -13.78 -13.25
C VAL B 64 24.49 -15.28 -12.97
N GLU B 65 23.65 -15.81 -12.11
CA GLU B 65 23.73 -17.22 -11.71
C GLU B 65 22.32 -17.70 -11.42
N GLY B 66 22.10 -18.99 -11.61
CA GLY B 66 20.82 -19.61 -11.26
C GLY B 66 19.75 -19.60 -12.34
N GLU B 67 18.68 -20.33 -12.06
CA GLU B 67 17.57 -20.44 -12.98
C GLU B 67 16.53 -19.34 -12.72
N VAL B 68 16.40 -18.91 -11.46
CA VAL B 68 15.36 -17.96 -11.06
C VAL B 68 15.98 -16.66 -10.55
N GLN B 69 15.68 -15.58 -11.26
CA GLN B 69 16.16 -14.28 -10.90
C GLN B 69 15.07 -13.60 -10.10
N VAL B 70 15.49 -12.74 -9.17
CA VAL B 70 14.61 -11.82 -8.53
C VAL B 70 14.85 -10.50 -9.25
N VAL B 71 13.80 -9.98 -9.87
CA VAL B 71 13.89 -8.75 -10.66
C VAL B 71 12.97 -7.64 -10.12
N SER B 72 13.29 -6.40 -10.49
CA SER B 72 12.56 -5.25 -9.98
C SER B 72 12.49 -4.13 -11.00
N THR B 73 11.36 -3.44 -11.03
CA THR B 73 11.30 -2.10 -11.59
C THR B 73 11.38 -1.13 -10.42
N ALA B 74 11.20 0.16 -10.68
CA ALA B 74 11.10 1.14 -9.59
C ALA B 74 9.83 0.98 -8.74
N THR B 75 8.75 0.51 -9.37
CA THR B 75 7.46 0.36 -8.69
C THR B 75 7.18 -1.05 -8.14
N GLN B 76 7.96 -2.07 -8.50
CA GLN B 76 7.49 -3.45 -8.29
C GLN B 76 8.61 -4.52 -8.34
N SER B 77 8.43 -5.57 -7.54
CA SER B 77 9.38 -6.69 -7.50
C SER B 77 8.69 -8.00 -7.78
N PHE B 78 9.34 -8.85 -8.55
CA PHE B 78 8.77 -10.11 -8.95
C PHE B 78 9.90 -11.07 -9.40
N LEU B 79 9.56 -12.19 -10.03
CA LEU B 79 10.53 -13.19 -10.44
C LEU B 79 10.55 -13.42 -11.93
N ALA B 80 11.69 -13.96 -12.38
CA ALA B 80 11.87 -14.34 -13.76
C ALA B 80 12.57 -15.69 -13.78
N THR B 81 12.14 -16.55 -14.69
CA THR B 81 12.60 -17.92 -14.75
C THR B 81 13.17 -18.19 -16.12
N CYS B 82 14.41 -18.69 -16.14
CA CYS B 82 15.08 -19.00 -17.40
C CYS B 82 14.70 -20.40 -17.88
N VAL B 83 14.26 -20.50 -19.16
CA VAL B 83 13.90 -21.77 -19.80
C VAL B 83 14.32 -21.70 -21.26
N ASN B 84 15.01 -22.74 -21.75
CA ASN B 84 15.46 -22.83 -23.15
C ASN B 84 16.29 -21.62 -23.58
N GLY B 85 17.13 -21.12 -22.66
CA GLY B 85 17.98 -19.98 -22.94
C GLY B 85 17.28 -18.64 -22.91
N VAL B 86 15.99 -18.64 -22.51
CA VAL B 86 15.21 -17.41 -22.40
C VAL B 86 14.83 -17.10 -20.96
N CYS B 87 14.93 -15.83 -20.59
CA CYS B 87 14.53 -15.42 -19.27
C CYS B 87 13.07 -14.97 -19.40
N TRP B 88 12.14 -15.73 -18.86
CA TRP B 88 10.73 -15.45 -18.99
C TRP B 88 10.17 -14.80 -17.69
N THR B 89 9.24 -13.86 -17.86
CA THR B 89 8.45 -13.35 -16.76
C THR B 89 7.01 -12.92 -17.21
N VAL B 90 6.31 -12.19 -16.35
CA VAL B 90 4.93 -11.78 -16.65
C VAL B 90 4.85 -10.38 -17.24
N TYR B 91 3.97 -10.25 -18.23
CA TYR B 91 3.77 -8.97 -18.88
C TYR B 91 3.26 -7.93 -17.85
N HIS B 92 2.36 -8.36 -16.96
CA HIS B 92 1.81 -7.45 -15.93
C HIS B 92 2.87 -6.89 -14.95
N GLY B 93 3.99 -7.58 -14.80
CA GLY B 93 5.12 -7.03 -14.10
C GLY B 93 6.10 -6.24 -14.95
N ALA B 94 6.50 -6.77 -16.09
CA ALA B 94 7.60 -6.17 -16.85
C ALA B 94 7.11 -5.26 -17.97
N GLY B 95 5.85 -5.39 -18.36
CA GLY B 95 5.41 -4.70 -19.55
C GLY B 95 6.31 -5.05 -20.72
N SER B 96 6.67 -4.03 -21.50
CA SER B 96 7.52 -4.17 -22.69
C SER B 96 8.97 -3.69 -22.43
N LYS B 97 9.36 -3.65 -21.16
CA LYS B 97 10.64 -3.07 -20.79
C LYS B 97 11.85 -3.93 -21.19
N THR B 98 12.95 -3.26 -21.45
CA THR B 98 14.25 -3.86 -21.57
C THR B 98 14.72 -4.39 -20.21
N LEU B 99 15.63 -5.36 -20.26
CA LEU B 99 16.30 -5.93 -19.08
C LEU B 99 17.71 -5.38 -19.09
N ALA B 100 18.14 -4.90 -17.93
CA ALA B 100 19.47 -4.37 -17.79
C ALA B 100 20.45 -5.50 -18.06
N GLY B 101 21.48 -5.21 -18.86
CA GLY B 101 22.45 -6.22 -19.28
C GLY B 101 23.89 -5.78 -19.31
N PRO B 102 24.81 -6.73 -19.53
CA PRO B 102 26.21 -6.39 -19.51
C PRO B 102 26.64 -5.50 -20.64
N LYS B 103 26.02 -5.67 -21.80
CA LYS B 103 26.26 -4.77 -22.91
C LYS B 103 25.16 -3.70 -23.04
N GLY B 104 24.45 -3.41 -21.95
CA GLY B 104 23.36 -2.42 -22.01
C GLY B 104 21.99 -3.07 -22.04
N PRO B 105 20.94 -2.25 -22.19
CA PRO B 105 19.54 -2.68 -22.14
C PRO B 105 19.21 -3.77 -23.14
N ILE B 106 18.70 -4.90 -22.67
CA ILE B 106 18.32 -6.02 -23.53
C ILE B 106 16.85 -5.88 -23.86
N THR B 107 16.57 -5.60 -25.13
CA THR B 107 15.23 -5.59 -25.70
C THR B 107 14.60 -6.98 -25.58
N GLN B 108 13.30 -7.04 -25.29
CA GLN B 108 12.57 -8.32 -25.22
C GLN B 108 12.63 -9.09 -26.55
N MET B 109 13.04 -10.34 -26.46
CA MET B 109 13.00 -11.21 -27.63
C MET B 109 11.56 -11.60 -27.88
N TYR B 110 10.79 -11.81 -26.82
CA TYR B 110 9.37 -12.17 -26.99
C TYR B 110 8.41 -11.37 -26.10
N THR B 111 7.27 -10.95 -26.69
CA THR B 111 6.25 -10.20 -25.96
C THR B 111 4.91 -10.81 -26.30
N ASN B 112 4.38 -11.67 -25.44
CA ASN B 112 3.06 -12.26 -25.67
C ASN B 112 2.04 -11.74 -24.66
N VAL B 113 1.42 -10.61 -25.00
CA VAL B 113 0.49 -9.98 -24.06
C VAL B 113 -0.69 -10.92 -23.77
N ASP B 114 -1.15 -11.65 -24.77
CA ASP B 114 -2.33 -12.50 -24.59
C ASP B 114 -2.13 -13.55 -23.53
N GLN B 115 -0.89 -14.02 -23.38
CA GLN B 115 -0.55 -15.06 -22.39
C GLN B 115 0.11 -14.51 -21.10
N ASP B 116 0.25 -13.18 -21.01
CA ASP B 116 0.88 -12.51 -19.86
C ASP B 116 2.31 -13.00 -19.69
N LEU B 117 3.03 -13.01 -20.82
CA LEU B 117 4.33 -13.66 -20.96
C LEU B 117 5.29 -12.82 -21.77
N VAL B 118 6.45 -12.54 -21.21
CA VAL B 118 7.51 -11.86 -21.94
C VAL B 118 8.81 -12.58 -21.70
N GLY B 119 9.79 -12.34 -22.57
CA GLY B 119 11.04 -13.08 -22.52
C GLY B 119 12.24 -12.32 -23.02
N TRP B 120 13.32 -12.38 -22.26
CA TRP B 120 14.58 -11.85 -22.76
C TRP B 120 15.60 -12.95 -23.03
N GLN B 121 16.46 -12.74 -24.01
CA GLN B 121 17.59 -13.66 -24.21
C GLN B 121 18.43 -13.67 -22.94
N ALA B 122 18.56 -14.83 -22.30
CA ALA B 122 19.29 -14.94 -21.04
C ALA B 122 20.74 -14.54 -21.25
N PRO B 123 21.27 -13.64 -20.39
CA PRO B 123 22.69 -13.27 -20.58
C PRO B 123 23.64 -14.42 -20.19
N PRO B 124 24.93 -14.33 -20.54
CA PRO B 124 25.84 -15.36 -20.05
C PRO B 124 25.74 -15.49 -18.53
N GLY B 125 25.89 -16.71 -18.05
CA GLY B 125 25.83 -16.99 -16.62
C GLY B 125 24.54 -17.63 -16.18
N ALA B 126 23.43 -17.21 -16.79
CA ALA B 126 22.11 -17.77 -16.47
C ALA B 126 22.03 -19.22 -16.93
N ARG B 127 21.51 -20.07 -16.08
CA ARG B 127 21.20 -21.45 -16.43
C ARG B 127 19.71 -21.56 -16.62
N SER B 128 19.30 -22.48 -17.49
CA SER B 128 17.90 -22.74 -17.76
C SER B 128 17.40 -23.99 -17.06
N LEU B 129 16.10 -24.04 -16.81
CA LEU B 129 15.42 -25.25 -16.42
C LEU B 129 14.95 -25.85 -17.73
N THR B 130 14.78 -27.17 -17.76
CA THR B 130 14.27 -27.81 -18.98
C THR B 130 12.79 -28.07 -18.77
N PRO B 131 11.99 -27.99 -19.86
CA PRO B 131 10.56 -28.28 -19.78
C PRO B 131 10.27 -29.61 -19.11
N CYS B 132 9.27 -29.62 -18.24
CA CYS B 132 8.74 -30.85 -17.66
C CYS B 132 8.00 -31.54 -18.77
N THR B 133 8.25 -32.84 -18.94
CA THR B 133 7.67 -33.65 -20.01
C THR B 133 6.90 -34.84 -19.44
N CYS B 134 7.58 -35.66 -18.63
CA CYS B 134 6.94 -36.79 -17.96
C CYS B 134 5.45 -36.50 -17.75
N GLY B 135 5.15 -35.29 -17.27
CA GLY B 135 3.78 -34.82 -17.14
C GLY B 135 3.18 -35.15 -15.78
N SER B 136 3.95 -34.86 -14.73
CA SER B 136 3.50 -35.10 -13.35
C SER B 136 2.35 -34.16 -12.96
N SER B 137 1.61 -34.55 -11.93
CA SER B 137 0.52 -33.75 -11.39
C SER B 137 0.79 -33.24 -9.99
N ASP B 138 1.90 -33.66 -9.39
CA ASP B 138 2.36 -33.09 -8.13
C ASP B 138 3.34 -32.01 -8.54
N LEU B 139 3.00 -30.76 -8.25
CA LEU B 139 3.80 -29.63 -8.70
C LEU B 139 4.30 -28.85 -7.51
N TYR B 140 5.32 -28.02 -7.73
CA TYR B 140 5.88 -27.22 -6.64
C TYR B 140 6.19 -25.83 -7.14
N LEU B 141 5.68 -24.84 -6.41
CA LEU B 141 5.86 -23.45 -6.77
C LEU B 141 6.94 -22.87 -5.90
N VAL B 142 7.86 -22.15 -6.53
CA VAL B 142 8.94 -21.51 -5.82
C VAL B 142 8.66 -20.02 -5.71
N THR B 143 8.53 -19.52 -4.49
CA THR B 143 8.23 -18.11 -4.25
C THR B 143 9.51 -17.28 -4.14
N ARG B 144 9.33 -15.97 -4.09
CA ARG B 144 10.46 -15.06 -3.93
C ARG B 144 11.11 -15.19 -2.55
N HIS B 145 10.43 -15.86 -1.62
CA HIS B 145 10.96 -16.08 -0.26
C HIS B 145 11.64 -17.45 -0.19
N ALA B 146 11.67 -18.13 -1.33
CA ALA B 146 12.30 -19.43 -1.49
C ALA B 146 11.56 -20.52 -0.75
N ASP B 147 10.26 -20.31 -0.48
CA ASP B 147 9.40 -21.40 -0.06
C ASP B 147 9.14 -22.29 -1.26
N VAL B 148 8.78 -23.54 -0.97
CA VAL B 148 8.42 -24.52 -1.98
C VAL B 148 7.03 -25.04 -1.63
N ILE B 149 6.03 -24.56 -2.36
CA ILE B 149 4.60 -24.81 -2.11
C ILE B 149 4.10 -25.93 -3.00
N PRO B 150 3.64 -27.04 -2.40
CA PRO B 150 3.09 -28.12 -3.22
C PRO B 150 1.77 -27.72 -3.85
N VAL B 151 1.62 -28.04 -5.13
CA VAL B 151 0.42 -27.72 -5.84
C VAL B 151 0.00 -28.97 -6.58
N ARG B 152 -1.30 -29.20 -6.62
CA ARG B 152 -1.88 -30.26 -7.43
C ARG B 152 -2.40 -29.64 -8.71
N ARG B 153 -1.94 -30.12 -9.85
CA ARG B 153 -2.41 -29.59 -11.13
C ARG B 153 -3.82 -30.05 -11.38
N ARG B 154 -4.60 -29.27 -12.15
CA ARG B 154 -5.93 -29.66 -12.63
C ARG B 154 -6.01 -29.57 -14.15
N GLY B 155 -5.93 -28.34 -14.66
CA GLY B 155 -6.05 -28.08 -16.10
C GLY B 155 -4.71 -27.84 -16.77
N ASP B 156 -4.76 -27.19 -17.91
CA ASP B 156 -3.54 -26.81 -18.63
C ASP B 156 -2.78 -25.73 -17.86
N SER B 157 -3.51 -24.87 -17.13
CA SER B 157 -2.91 -23.67 -16.56
C SER B 157 -3.27 -23.37 -15.09
N ARG B 158 -3.88 -24.32 -14.37
CA ARG B 158 -4.34 -24.11 -12.98
C ARG B 158 -3.78 -25.15 -12.00
N GLY B 159 -3.53 -24.74 -10.77
CA GLY B 159 -3.19 -25.72 -9.75
C GLY B 159 -3.70 -25.34 -8.37
N SER B 160 -4.23 -26.32 -7.64
CA SER B 160 -4.78 -26.06 -6.31
C SER B 160 -3.71 -26.21 -5.25
N LEU B 161 -3.63 -25.24 -4.33
CA LEU B 161 -2.69 -25.29 -3.20
C LEU B 161 -3.10 -26.34 -2.18
N LEU B 162 -2.17 -27.22 -1.80
CA LEU B 162 -2.45 -28.21 -0.76
C LEU B 162 -2.86 -27.56 0.57
N SER B 163 -2.33 -26.37 0.83
CA SER B 163 -2.66 -25.62 2.03
C SER B 163 -2.99 -24.19 1.63
N PRO B 164 -4.28 -23.82 1.60
CA PRO B 164 -4.63 -22.42 1.32
C PRO B 164 -3.78 -21.41 2.09
N ARG B 165 -3.40 -20.34 1.42
CA ARG B 165 -2.62 -19.30 2.05
C ARG B 165 -3.25 -17.96 1.76
N PRO B 166 -3.00 -16.99 2.66
CA PRO B 166 -3.41 -15.65 2.35
C PRO B 166 -2.72 -15.22 1.05
N VAL B 167 -3.41 -14.40 0.27
CA VAL B 167 -2.93 -13.98 -1.04
C VAL B 167 -1.66 -13.15 -0.91
N SER B 168 -1.58 -12.31 0.12
CA SER B 168 -0.37 -11.54 0.36
C SER B 168 0.90 -12.42 0.37
N TYR B 169 0.76 -13.70 0.67
CA TYR B 169 1.91 -14.62 0.71
C TYR B 169 2.58 -14.80 -0.67
N LEU B 170 1.78 -14.72 -1.73
CA LEU B 170 2.28 -14.94 -3.07
C LEU B 170 2.64 -13.63 -3.81
N LYS B 171 2.39 -12.47 -3.22
CA LYS B 171 2.70 -11.23 -3.94
C LYS B 171 4.22 -11.08 -4.07
N GLY B 172 4.64 -10.63 -5.24
CA GLY B 172 6.07 -10.56 -5.58
C GLY B 172 6.55 -11.87 -6.18
N SER B 173 5.70 -12.87 -6.31
CA SER B 173 6.18 -14.16 -6.86
C SER B 173 5.79 -14.46 -8.30
N SER B 174 4.98 -13.60 -8.93
CA SER B 174 4.74 -13.66 -10.38
C SER B 174 6.07 -13.92 -11.05
N GLY B 175 6.07 -14.86 -11.97
CA GLY B 175 7.23 -15.13 -12.75
C GLY B 175 8.04 -16.31 -12.24
N GLY B 176 7.75 -16.77 -11.02
CA GLY B 176 8.45 -17.90 -10.42
C GLY B 176 7.99 -19.25 -10.99
N PRO B 177 8.89 -20.24 -11.02
CA PRO B 177 8.58 -21.50 -11.68
C PRO B 177 7.60 -22.40 -10.95
N LEU B 178 6.81 -23.14 -11.71
CA LEU B 178 6.10 -24.31 -11.22
C LEU B 178 6.91 -25.52 -11.67
N LEU B 179 7.34 -26.33 -10.71
CA LEU B 179 8.23 -27.45 -11.00
C LEU B 179 7.55 -28.80 -10.82
N CYS B 180 7.90 -29.77 -11.66
CA CYS B 180 7.51 -31.16 -11.42
C CYS B 180 8.49 -31.78 -10.40
N PRO B 181 8.24 -33.01 -9.92
CA PRO B 181 9.12 -33.58 -8.88
C PRO B 181 10.56 -33.75 -9.35
N SER B 182 10.75 -34.08 -10.64
CA SER B 182 12.08 -34.19 -11.22
C SER B 182 12.87 -32.86 -11.18
N GLY B 183 12.16 -31.73 -11.09
CA GLY B 183 12.78 -30.40 -11.06
C GLY B 183 12.73 -29.70 -12.41
N HIS B 184 12.06 -30.31 -13.37
CA HIS B 184 11.81 -29.67 -14.65
C HIS B 184 10.63 -28.69 -14.47
N ALA B 185 10.44 -27.81 -15.46
CA ALA B 185 9.53 -26.70 -15.33
C ALA B 185 8.23 -26.98 -16.03
N VAL B 186 7.12 -26.86 -15.30
CA VAL B 186 5.79 -26.93 -15.91
C VAL B 186 5.43 -25.59 -16.54
N GLY B 187 5.65 -24.50 -15.80
CA GLY B 187 5.39 -23.15 -16.29
C GLY B 187 5.83 -22.05 -15.34
N ILE B 188 5.28 -20.86 -15.50
CA ILE B 188 5.53 -19.80 -14.52
C ILE B 188 4.24 -19.28 -13.90
N PHE B 189 4.29 -19.05 -12.61
CA PHE B 189 3.20 -18.51 -11.82
C PHE B 189 2.78 -17.13 -12.34
N ARG B 190 1.48 -16.93 -12.56
CA ARG B 190 1.03 -15.61 -13.00
C ARG B 190 -0.04 -14.94 -12.13
N ALA B 191 -0.88 -15.72 -11.48
CA ALA B 191 -1.96 -15.16 -10.68
C ALA B 191 -2.54 -16.17 -9.69
N ALA B 192 -2.99 -15.67 -8.56
CA ALA B 192 -3.77 -16.46 -7.62
C ALA B 192 -5.27 -16.44 -7.94
N VAL B 193 -5.94 -17.51 -7.57
CA VAL B 193 -7.39 -17.60 -7.60
C VAL B 193 -7.83 -17.51 -6.14
N CYS B 194 -8.62 -16.49 -5.83
CA CYS B 194 -9.01 -16.20 -4.46
C CYS B 194 -10.47 -16.40 -4.11
N THR B 195 -10.67 -16.85 -2.87
CA THR B 195 -11.95 -16.90 -2.20
C THR B 195 -11.77 -15.98 -0.99
N ARG B 196 -12.51 -14.88 -0.99
CA ARG B 196 -12.47 -13.92 0.11
C ARG B 196 -11.06 -13.68 0.60
N GLY B 197 -10.17 -13.36 -0.33
CA GLY B 197 -8.79 -13.00 0.04
C GLY B 197 -7.83 -14.15 0.36
N VAL B 198 -8.30 -15.39 0.24
CA VAL B 198 -7.49 -16.56 0.50
C VAL B 198 -7.18 -17.26 -0.81
N ALA B 199 -5.89 -17.36 -1.14
CA ALA B 199 -5.46 -18.08 -2.31
C ALA B 199 -5.72 -19.58 -2.16
N LYS B 200 -6.57 -20.13 -3.02
CA LYS B 200 -6.86 -21.56 -3.00
C LYS B 200 -6.14 -22.26 -4.15
N ALA B 201 -5.84 -21.51 -5.21
CA ALA B 201 -5.22 -22.08 -6.37
C ALA B 201 -4.38 -21.02 -7.04
N VAL B 202 -3.68 -21.43 -8.09
CA VAL B 202 -2.74 -20.58 -8.81
C VAL B 202 -2.86 -20.82 -10.30
N ASP B 203 -2.69 -19.73 -11.02
CA ASP B 203 -2.73 -19.74 -12.46
C ASP B 203 -1.31 -19.61 -12.93
N PHE B 204 -0.93 -20.41 -13.90
CA PHE B 204 0.40 -20.32 -14.44
C PHE B 204 0.41 -20.30 -15.95
N VAL B 205 1.50 -19.81 -16.53
CA VAL B 205 1.72 -19.87 -17.97
C VAL B 205 2.51 -21.15 -18.29
N PRO B 206 1.88 -22.12 -18.98
CA PRO B 206 2.57 -23.41 -19.18
C PRO B 206 3.75 -23.34 -20.12
N VAL B 207 4.63 -24.32 -20.01
CA VAL B 207 5.84 -24.36 -20.83
C VAL B 207 5.51 -24.49 -22.34
N GLU B 208 4.38 -25.09 -22.69
CA GLU B 208 3.97 -25.16 -24.12
C GLU B 208 3.60 -23.77 -24.72
N SER B 209 3.04 -22.89 -23.90
CA SER B 209 2.78 -21.51 -24.35
C SER B 209 4.08 -20.75 -24.58
N MET B 210 5.13 -21.11 -23.85
CA MET B 210 6.47 -20.55 -24.10
C MET B 210 7.01 -21.00 -25.47
N GLU B 211 6.87 -22.28 -25.77
CA GLU B 211 7.38 -22.84 -27.04
C GLU B 211 6.66 -22.24 -28.25
N THR B 212 5.34 -22.20 -28.16
CA THR B 212 4.50 -21.54 -29.13
C THR B 212 5.02 -20.13 -29.36
N THR B 213 5.30 -19.43 -28.27
CA THR B 213 5.72 -18.02 -28.32
C THR B 213 7.07 -17.87 -29.01
N MET B 214 7.95 -18.86 -28.84
CA MET B 214 9.28 -18.83 -29.41
C MET B 214 9.30 -18.98 -30.95
N ARG B 215 8.22 -19.54 -31.50
CA ARG B 215 8.02 -19.71 -32.95
C ARG B 215 7.13 -18.68 -33.65
N SER B 216 6.84 -17.58 -32.98
CA SER B 216 5.98 -16.57 -33.57
C SER B 216 6.83 -15.48 -34.23
N PRO B 217 6.32 -14.88 -35.31
CA PRO B 217 7.10 -13.93 -36.12
C PRO B 217 7.92 -12.84 -35.40
N VAL B 218 9.09 -12.55 -35.98
CA VAL B 218 9.93 -11.43 -35.55
C VAL B 218 9.14 -10.13 -35.69
N PHE B 219 8.49 -9.98 -36.85
CA PHE B 219 7.58 -8.87 -37.12
C PHE B 219 6.48 -9.34 -38.06
N THR B 220 5.27 -9.57 -37.53
CA THR B 220 4.10 -9.80 -38.38
C THR B 220 3.65 -8.48 -38.98
N ASP B 221 3.59 -8.41 -40.30
CA ASP B 221 3.06 -7.25 -40.99
C ASP B 221 1.55 -7.23 -40.81
N ASN B 222 1.07 -6.22 -40.09
CA ASN B 222 -0.37 -5.99 -39.92
C ASN B 222 -0.83 -4.70 -40.55
N SER B 223 0.06 -4.02 -41.27
CA SER B 223 -0.23 -2.72 -41.89
C SER B 223 -1.05 -2.82 -43.19
N SER B 224 -1.26 -4.04 -43.70
CA SER B 224 -2.01 -4.25 -44.94
C SER B 224 -3.43 -4.65 -44.61
N PRO B 225 -4.43 -3.87 -45.03
CA PRO B 225 -5.79 -4.39 -44.83
C PRO B 225 -5.96 -5.67 -45.60
N PRO B 226 -6.62 -6.69 -45.00
CA PRO B 226 -6.71 -7.99 -45.61
C PRO B 226 -7.70 -7.96 -46.74
N ALA B 227 -7.65 -8.95 -47.63
CA ALA B 227 -8.66 -9.11 -48.67
C ALA B 227 -9.83 -9.88 -48.08
N VAL B 228 -11.01 -9.75 -48.69
CA VAL B 228 -12.21 -10.34 -48.12
C VAL B 228 -12.18 -11.85 -48.31
N PRO B 229 -12.19 -12.60 -47.20
CA PRO B 229 -12.10 -14.06 -47.29
C PRO B 229 -13.40 -14.69 -47.75
N GLN B 230 -13.28 -15.92 -48.26
CA GLN B 230 -14.42 -16.73 -48.69
C GLN B 230 -15.40 -16.89 -47.53
N SER B 231 -14.84 -17.05 -46.32
CA SER B 231 -15.64 -17.20 -45.12
C SER B 231 -15.05 -16.39 -43.94
N PHE B 232 -15.79 -16.38 -42.83
CA PHE B 232 -15.58 -15.42 -41.75
C PHE B 232 -14.14 -15.44 -41.22
N GLN B 233 -13.47 -14.28 -41.22
CA GLN B 233 -12.24 -14.10 -40.47
C GLN B 233 -12.19 -12.79 -39.67
N VAL B 234 -11.36 -12.81 -38.64
CA VAL B 234 -11.06 -11.68 -37.80
C VAL B 234 -9.63 -11.28 -38.08
N ALA B 235 -9.40 -10.06 -38.51
CA ALA B 235 -8.08 -9.61 -38.88
C ALA B 235 -7.67 -8.37 -38.09
N HIS B 236 -6.37 -8.22 -37.88
CA HIS B 236 -5.86 -7.06 -37.22
C HIS B 236 -5.25 -6.12 -38.25
N LEU B 237 -5.35 -4.81 -37.98
CA LEU B 237 -4.76 -3.78 -38.81
C LEU B 237 -4.03 -2.76 -37.95
N HIS B 238 -2.70 -2.81 -37.98
CA HIS B 238 -1.88 -1.85 -37.22
C HIS B 238 -1.24 -0.81 -38.14
N ALA B 239 -1.69 0.44 -38.01
CA ALA B 239 -1.25 1.57 -38.82
C ALA B 239 -1.63 2.91 -38.16
N PRO B 240 -0.88 3.99 -38.49
CA PRO B 240 -1.12 5.28 -37.83
C PRO B 240 -2.44 5.92 -38.23
N THR B 241 -2.86 6.95 -37.49
CA THR B 241 -4.03 7.74 -37.88
C THR B 241 -3.56 8.79 -38.87
N GLY B 242 -4.26 8.90 -39.99
CA GLY B 242 -3.77 9.62 -41.18
C GLY B 242 -3.23 8.65 -42.23
N SER B 243 -3.04 7.40 -41.83
CA SER B 243 -2.80 6.29 -42.73
C SER B 243 -3.99 5.97 -43.66
N GLY B 244 -5.22 6.29 -43.22
CA GLY B 244 -6.41 5.96 -44.00
C GLY B 244 -7.09 4.66 -43.63
N LYS B 245 -6.69 4.07 -42.50
CA LYS B 245 -7.35 2.88 -41.99
C LYS B 245 -8.88 3.02 -41.92
N SER B 246 -9.37 4.23 -41.64
CA SER B 246 -10.79 4.48 -41.43
C SER B 246 -11.47 5.23 -42.60
N THR B 247 -10.70 5.61 -43.62
CA THR B 247 -11.21 6.36 -44.77
C THR B 247 -10.86 5.65 -46.08
N LYS B 248 -9.57 5.57 -46.39
CA LYS B 248 -9.08 4.93 -47.61
C LYS B 248 -9.53 3.48 -47.73
N VAL B 249 -9.44 2.72 -46.64
CA VAL B 249 -9.71 1.29 -46.76
C VAL B 249 -11.19 0.96 -46.87
N PRO B 250 -12.05 1.65 -46.09
CA PRO B 250 -13.49 1.46 -46.32
C PRO B 250 -13.89 1.80 -47.75
N ALA B 251 -13.37 2.89 -48.29
CA ALA B 251 -13.66 3.25 -49.69
C ALA B 251 -13.25 2.14 -50.64
N ALA B 252 -12.03 1.61 -50.45
CA ALA B 252 -11.52 0.54 -51.31
C ALA B 252 -12.45 -0.66 -51.28
N TYR B 253 -12.80 -1.14 -50.09
CA TYR B 253 -13.77 -2.24 -49.98
C TYR B 253 -15.11 -1.89 -50.66
N ALA B 254 -15.53 -0.63 -50.55
CA ALA B 254 -16.80 -0.17 -51.12
C ALA B 254 -16.77 -0.21 -52.64
N ALA B 255 -15.65 0.22 -53.22
CA ALA B 255 -15.45 0.15 -54.67
C ALA B 255 -15.59 -1.27 -55.20
N GLN B 256 -15.20 -2.25 -54.39
CA GLN B 256 -15.27 -3.68 -54.75
C GLN B 256 -16.63 -4.24 -54.52
N GLY B 257 -17.54 -3.39 -54.01
CA GLY B 257 -18.93 -3.76 -53.85
C GLY B 257 -19.33 -4.26 -52.49
N TYR B 258 -18.43 -4.20 -51.51
CA TYR B 258 -18.82 -4.67 -50.16
C TYR B 258 -19.60 -3.58 -49.39
N LYS B 259 -20.49 -3.99 -48.53
CA LYS B 259 -21.04 -3.10 -47.52
C LYS B 259 -20.18 -3.16 -46.26
N VAL B 260 -19.88 -1.99 -45.71
CA VAL B 260 -18.91 -1.87 -44.63
C VAL B 260 -19.37 -0.88 -43.56
N LEU B 261 -19.37 -1.38 -42.31
CA LEU B 261 -19.65 -0.57 -41.10
C LEU B 261 -18.34 -0.20 -40.41
N VAL B 262 -18.11 1.09 -40.16
CA VAL B 262 -16.93 1.54 -39.44
C VAL B 262 -17.32 2.05 -38.06
N LEU B 263 -16.75 1.44 -37.02
CA LEU B 263 -17.04 1.80 -35.63
C LEU B 263 -15.93 2.58 -34.94
N ASN B 264 -16.31 3.68 -34.30
CA ASN B 264 -15.35 4.55 -33.67
C ASN B 264 -15.82 5.03 -32.28
N PRO B 265 -14.91 5.15 -31.30
CA PRO B 265 -15.28 5.63 -29.95
C PRO B 265 -15.70 7.10 -29.85
N SER B 266 -15.42 7.93 -30.86
CA SER B 266 -15.68 9.37 -30.77
C SER B 266 -16.89 9.85 -31.56
N VAL B 267 -17.81 10.54 -30.90
CA VAL B 267 -18.90 11.20 -31.62
C VAL B 267 -18.32 12.19 -32.65
N ALA B 268 -17.38 13.04 -32.22
CA ALA B 268 -16.83 14.07 -33.10
C ALA B 268 -16.13 13.47 -34.33
N ALA B 269 -15.28 12.48 -34.12
CA ALA B 269 -14.66 11.78 -35.24
C ALA B 269 -15.71 11.21 -36.19
N THR B 270 -16.71 10.52 -35.65
CA THR B 270 -17.70 9.84 -36.46
C THR B 270 -18.45 10.80 -37.38
N LEU B 271 -18.95 11.89 -36.81
CA LEU B 271 -19.61 12.95 -37.57
C LEU B 271 -18.68 13.55 -38.62
N GLY B 272 -17.43 13.75 -38.24
CA GLY B 272 -16.39 14.25 -39.15
C GLY B 272 -16.16 13.42 -40.42
N PHE B 273 -16.41 12.12 -40.36
CA PHE B 273 -16.19 11.27 -41.54
C PHE B 273 -17.13 11.55 -42.73
N GLY B 274 -18.24 12.23 -42.49
CA GLY B 274 -19.26 12.44 -43.51
C GLY B 274 -18.89 13.48 -44.53
N ALA B 275 -18.54 14.68 -44.10
CA ALA B 275 -18.03 15.69 -45.02
C ALA B 275 -16.69 15.26 -45.62
N TYR B 276 -15.84 14.60 -44.83
CA TYR B 276 -14.51 14.18 -45.34
C TYR B 276 -14.60 13.14 -46.45
N MET B 277 -15.43 12.12 -46.27
CA MET B 277 -15.56 11.05 -47.25
C MET B 277 -16.31 11.49 -48.52
N SER B 278 -17.26 12.41 -48.36
CA SER B 278 -17.95 13.00 -49.50
C SER B 278 -16.92 13.71 -50.40
N LYS B 279 -16.26 14.71 -49.85
CA LYS B 279 -15.24 15.49 -50.56
C LYS B 279 -14.10 14.66 -51.13
N ALA B 280 -13.55 13.75 -50.33
CA ALA B 280 -12.33 13.02 -50.67
C ALA B 280 -12.49 11.69 -51.40
N HIS B 281 -13.65 11.05 -51.26
CA HIS B 281 -13.88 9.74 -51.90
C HIS B 281 -15.25 9.60 -52.58
N GLY B 282 -15.99 10.71 -52.67
CA GLY B 282 -17.27 10.69 -53.38
C GLY B 282 -18.24 9.68 -52.81
N ILE B 283 -18.19 9.50 -51.49
CA ILE B 283 -19.12 8.63 -50.78
C ILE B 283 -19.75 9.47 -49.67
N ASP B 284 -21.06 9.66 -49.72
CA ASP B 284 -21.80 10.34 -48.65
C ASP B 284 -22.37 9.28 -47.72
N PRO B 285 -21.62 8.93 -46.65
CA PRO B 285 -21.96 7.74 -45.91
C PRO B 285 -23.11 7.89 -44.95
N ASN B 286 -23.68 6.76 -44.54
CA ASN B 286 -24.54 6.71 -43.35
C ASN B 286 -23.71 7.10 -42.13
N ILE B 287 -24.29 7.92 -41.25
CA ILE B 287 -23.59 8.39 -40.06
C ILE B 287 -24.50 8.13 -38.88
N ARG B 288 -24.00 7.47 -37.83
CA ARG B 288 -24.83 7.10 -36.69
C ARG B 288 -24.18 7.43 -35.36
N THR B 289 -24.82 8.34 -34.61
CA THR B 289 -24.41 8.73 -33.26
C THR B 289 -25.63 8.99 -32.36
N GLY B 290 -25.38 9.10 -31.04
CA GLY B 290 -26.42 9.36 -30.07
C GLY B 290 -27.10 10.68 -30.31
N VAL B 291 -26.36 11.65 -30.84
CA VAL B 291 -26.87 13.00 -30.99
C VAL B 291 -27.29 13.34 -32.43
N ARG B 292 -26.95 12.48 -33.39
CA ARG B 292 -27.31 12.71 -34.81
C ARG B 292 -27.15 11.48 -35.76
N THR B 293 -28.24 11.19 -36.48
CA THR B 293 -28.29 10.16 -37.49
C THR B 293 -28.52 10.73 -38.88
N ILE B 294 -27.76 10.21 -39.85
CA ILE B 294 -27.96 10.46 -41.28
C ILE B 294 -27.94 9.15 -42.06
N THR B 295 -29.02 8.90 -42.80
CA THR B 295 -29.14 7.72 -43.65
C THR B 295 -29.21 8.24 -45.09
N THR B 296 -28.19 7.91 -45.88
CA THR B 296 -28.07 8.26 -47.30
C THR B 296 -28.31 7.11 -48.26
N GLY B 297 -28.29 5.89 -47.76
CA GLY B 297 -28.32 4.70 -48.62
C GLY B 297 -26.94 4.19 -49.01
N ALA B 298 -25.88 4.93 -48.65
CA ALA B 298 -24.54 4.53 -49.05
C ALA B 298 -24.15 3.15 -48.52
N PRO B 299 -23.18 2.51 -49.16
CA PRO B 299 -22.67 1.24 -48.71
C PRO B 299 -21.65 1.32 -47.58
N VAL B 300 -21.35 2.53 -47.10
CA VAL B 300 -20.45 2.70 -45.99
C VAL B 300 -21.16 3.46 -44.87
N THR B 301 -21.05 2.95 -43.64
CA THR B 301 -21.70 3.57 -42.48
C THR B 301 -20.67 3.79 -41.37
N TYR B 302 -20.60 4.99 -40.82
CA TYR B 302 -19.79 5.27 -39.65
C TYR B 302 -20.72 5.39 -38.49
N SER B 303 -20.35 4.77 -37.38
CA SER B 303 -21.14 4.77 -36.16
C SER B 303 -20.22 4.75 -34.97
N THR B 304 -20.67 5.33 -33.87
CA THR B 304 -20.01 5.09 -32.61
C THR B 304 -20.35 3.70 -32.11
N TYR B 305 -19.48 3.19 -31.26
CA TYR B 305 -19.78 1.94 -30.57
C TYR B 305 -21.07 2.02 -29.76
N GLY B 306 -21.29 3.17 -29.09
CA GLY B 306 -22.47 3.39 -28.25
C GLY B 306 -23.77 3.38 -29.04
N LYS B 307 -23.78 4.06 -30.18
CA LYS B 307 -24.94 4.02 -31.04
C LYS B 307 -25.14 2.64 -31.68
N PHE B 308 -24.05 1.94 -31.97
CA PHE B 308 -24.13 0.57 -32.51
C PHE B 308 -24.84 -0.33 -31.45
N LEU B 309 -24.44 -0.17 -30.20
CA LEU B 309 -25.03 -0.92 -29.11
C LEU B 309 -26.52 -0.56 -28.95
N ALA B 310 -26.86 0.74 -28.94
CA ALA B 310 -28.26 1.23 -28.93
C ALA B 310 -29.10 0.72 -30.10
N ASP B 311 -28.53 0.61 -31.29
CA ASP B 311 -29.24 0.04 -32.43
C ASP B 311 -29.44 -1.49 -32.32
N GLY B 312 -28.92 -2.13 -31.27
CA GLY B 312 -29.09 -3.56 -31.05
C GLY B 312 -28.05 -4.43 -31.72
N GLY B 313 -26.90 -3.86 -32.07
CA GLY B 313 -25.79 -4.64 -32.55
C GLY B 313 -25.88 -4.85 -34.05
N CYS B 314 -25.42 -6.01 -34.51
CA CYS B 314 -25.42 -6.34 -35.93
C CYS B 314 -26.81 -6.52 -36.57
N SER B 315 -27.12 -5.65 -37.53
CA SER B 315 -28.31 -5.77 -38.36
C SER B 315 -28.16 -6.99 -39.25
N GLY B 316 -29.17 -7.85 -39.26
CA GLY B 316 -29.13 -9.08 -40.05
C GLY B 316 -28.78 -8.85 -41.52
N GLY B 317 -27.59 -9.29 -41.92
CA GLY B 317 -27.17 -9.20 -43.32
C GLY B 317 -26.79 -7.82 -43.84
N ALA B 318 -26.76 -6.83 -42.96
CA ALA B 318 -26.54 -5.45 -43.40
C ALA B 318 -25.11 -5.18 -43.89
N TYR B 319 -24.11 -5.79 -43.24
CA TYR B 319 -22.71 -5.48 -43.54
C TYR B 319 -21.87 -6.74 -43.83
N ASP B 320 -20.92 -6.60 -44.76
CA ASP B 320 -19.95 -7.66 -45.11
C ASP B 320 -18.70 -7.54 -44.30
N ILE B 321 -18.36 -6.30 -44.00
CA ILE B 321 -17.13 -5.95 -43.32
C ILE B 321 -17.48 -5.01 -42.14
N ILE B 322 -16.96 -5.31 -40.95
CA ILE B 322 -17.09 -4.41 -39.80
C ILE B 322 -15.69 -4.02 -39.37
N ILE B 323 -15.38 -2.72 -39.48
CA ILE B 323 -14.08 -2.22 -39.04
C ILE B 323 -14.25 -1.58 -37.66
N CYS B 324 -13.67 -2.24 -36.66
CA CYS B 324 -13.60 -1.74 -35.28
C CYS B 324 -12.38 -0.87 -35.15
N ASP B 325 -12.59 0.43 -35.30
CA ASP B 325 -11.48 1.37 -35.29
C ASP B 325 -11.11 1.69 -33.83
N GLU B 326 -9.88 2.14 -33.64
CA GLU B 326 -9.34 2.46 -32.29
C GLU B 326 -9.64 1.31 -31.31
N CYS B 327 -9.40 0.09 -31.76
CA CYS B 327 -9.76 -1.10 -31.01
C CYS B 327 -8.84 -1.31 -29.76
N HIS B 328 -7.88 -0.42 -29.54
CA HIS B 328 -7.07 -0.40 -28.34
C HIS B 328 -7.79 0.29 -27.18
N SER B 329 -8.88 0.97 -27.50
CA SER B 329 -9.59 1.79 -26.54
C SER B 329 -10.25 0.85 -25.50
N THR B 330 -10.16 1.23 -24.23
CA THR B 330 -10.58 0.38 -23.10
C THR B 330 -11.66 1.00 -22.26
N ASP B 331 -12.34 2.00 -22.79
CA ASP B 331 -13.62 2.41 -22.22
C ASP B 331 -14.61 1.27 -22.40
N SER B 332 -15.58 1.20 -21.51
CA SER B 332 -16.51 0.11 -21.46
C SER B 332 -17.40 0.04 -22.73
N THR B 333 -17.73 1.20 -23.29
CA THR B 333 -18.57 1.22 -24.50
C THR B 333 -17.84 0.53 -25.66
N THR B 334 -16.53 0.74 -25.77
CA THR B 334 -15.74 0.10 -26.81
C THR B 334 -15.62 -1.41 -26.58
N ILE B 335 -15.37 -1.81 -25.34
CA ILE B 335 -15.21 -3.20 -25.04
C ILE B 335 -16.49 -4.02 -25.36
N LEU B 336 -17.62 -3.57 -24.84
CA LEU B 336 -18.90 -4.25 -25.07
C LEU B 336 -19.26 -4.22 -26.55
N GLY B 337 -18.96 -3.09 -27.21
CA GLY B 337 -19.26 -2.93 -28.63
C GLY B 337 -18.51 -3.93 -29.50
N ILE B 338 -17.23 -4.11 -29.23
CA ILE B 338 -16.38 -5.03 -29.98
C ILE B 338 -16.72 -6.45 -29.64
N GLY B 339 -17.01 -6.68 -28.38
CA GLY B 339 -17.50 -7.98 -27.93
C GLY B 339 -18.78 -8.35 -28.64
N THR B 340 -19.70 -7.40 -28.78
CA THR B 340 -20.95 -7.60 -29.52
C THR B 340 -20.64 -7.96 -30.99
N VAL B 341 -19.81 -7.17 -31.64
CA VAL B 341 -19.38 -7.46 -33.01
C VAL B 341 -18.82 -8.88 -33.13
N LEU B 342 -18.01 -9.30 -32.17
CA LEU B 342 -17.35 -10.61 -32.28
C LEU B 342 -18.31 -11.79 -32.00
N ASP B 343 -19.33 -11.55 -31.19
CA ASP B 343 -20.33 -12.57 -30.97
C ASP B 343 -21.39 -12.63 -32.08
N GLN B 344 -21.61 -11.51 -32.77
CA GLN B 344 -22.77 -11.41 -33.68
C GLN B 344 -22.46 -11.39 -35.16
N ALA B 345 -21.22 -11.03 -35.53
CA ALA B 345 -20.90 -10.71 -36.94
C ALA B 345 -21.04 -11.92 -37.86
N GLU B 346 -20.44 -13.06 -37.51
CA GLU B 346 -20.47 -14.27 -38.37
C GLU B 346 -21.90 -14.71 -38.65
N THR B 347 -22.69 -14.83 -37.59
CA THR B 347 -24.09 -15.21 -37.72
C THR B 347 -24.90 -14.19 -38.50
N ALA B 348 -24.47 -12.93 -38.50
CA ALA B 348 -25.18 -11.88 -39.22
C ALA B 348 -24.72 -11.75 -40.67
N GLY B 349 -23.95 -12.72 -41.16
CA GLY B 349 -23.56 -12.75 -42.56
C GLY B 349 -22.32 -11.98 -42.94
N ALA B 350 -21.65 -11.35 -41.97
CA ALA B 350 -20.43 -10.63 -42.30
C ALA B 350 -19.31 -11.62 -42.56
N ARG B 351 -18.34 -11.18 -43.35
CA ARG B 351 -17.22 -12.01 -43.80
C ARG B 351 -15.91 -11.64 -43.14
N LEU B 352 -15.83 -10.44 -42.59
CA LEU B 352 -14.57 -9.84 -42.17
C LEU B 352 -14.73 -8.78 -41.06
N VAL B 353 -14.15 -9.03 -39.91
CA VAL B 353 -14.10 -8.00 -38.88
C VAL B 353 -12.67 -7.56 -38.89
N VAL B 354 -12.45 -6.26 -38.83
CA VAL B 354 -11.10 -5.73 -38.78
C VAL B 354 -10.93 -4.95 -37.48
N LEU B 355 -9.99 -5.41 -36.66
CA LEU B 355 -9.66 -4.73 -35.40
C LEU B 355 -8.48 -3.81 -35.63
N ALA B 356 -8.76 -2.53 -35.77
CA ALA B 356 -7.80 -1.56 -36.25
C ALA B 356 -7.38 -0.64 -35.16
N THR B 357 -6.07 -0.41 -35.09
CA THR B 357 -5.47 0.52 -34.15
C THR B 357 -4.05 0.88 -34.57
N ALA B 358 -3.60 2.06 -34.16
CA ALA B 358 -2.20 2.44 -34.28
C ALA B 358 -1.37 1.99 -33.07
N THR B 359 -2.02 1.66 -31.95
CA THR B 359 -1.31 1.23 -30.73
C THR B 359 -1.86 -0.05 -30.12
N PRO B 360 -1.48 -1.21 -30.66
CA PRO B 360 -1.97 -2.44 -30.08
C PRO B 360 -1.30 -2.72 -28.75
N PRO B 361 -1.82 -3.69 -27.99
CA PRO B 361 -1.24 -4.06 -26.72
C PRO B 361 0.24 -4.48 -26.82
N GLY B 362 1.05 -3.98 -25.90
CA GLY B 362 2.47 -4.28 -25.89
C GLY B 362 3.29 -3.22 -26.58
N SER B 363 2.63 -2.35 -27.34
CA SER B 363 3.31 -1.24 -28.01
C SER B 363 4.02 -0.32 -27.02
N VAL B 364 4.98 0.41 -27.55
CA VAL B 364 5.74 1.40 -26.81
C VAL B 364 5.83 2.62 -27.71
N THR B 365 5.94 3.80 -27.11
CA THR B 365 6.01 5.01 -27.88
C THR B 365 7.40 5.14 -28.43
N VAL B 366 7.48 5.38 -29.74
CA VAL B 366 8.75 5.59 -30.43
C VAL B 366 8.81 7.05 -30.90
N PRO B 367 10.02 7.53 -31.26
CA PRO B 367 10.12 8.91 -31.74
C PRO B 367 9.26 9.13 -32.96
N HIS B 368 8.68 10.32 -33.05
CA HIS B 368 7.89 10.72 -34.20
C HIS B 368 8.74 11.75 -34.94
N PRO B 369 9.02 11.49 -36.24
CA PRO B 369 9.89 12.40 -37.05
C PRO B 369 9.40 13.85 -37.09
N ASN B 370 8.10 14.03 -37.10
CA ASN B 370 7.56 15.37 -37.08
C ASN B 370 7.24 15.97 -35.72
N ILE B 371 7.73 15.39 -34.63
CA ILE B 371 7.48 15.96 -33.30
C ILE B 371 8.74 16.02 -32.46
N GLU B 372 9.15 17.23 -32.11
CA GLU B 372 10.25 17.46 -31.18
C GLU B 372 9.69 17.35 -29.77
N GLU B 373 10.37 16.56 -28.93
CA GLU B 373 9.90 16.32 -27.58
C GLU B 373 10.90 16.91 -26.65
N VAL B 374 10.43 17.83 -25.80
CA VAL B 374 11.25 18.57 -24.88
C VAL B 374 10.67 18.51 -23.50
N ALA B 375 11.50 18.09 -22.54
CA ALA B 375 11.09 17.97 -21.16
C ALA B 375 10.92 19.35 -20.57
N LEU B 376 9.88 19.52 -19.77
CA LEU B 376 9.75 20.74 -19.01
C LEU B 376 10.87 20.77 -17.93
N SER B 377 11.31 21.96 -17.60
CA SER B 377 12.25 22.11 -16.51
C SER B 377 11.48 22.88 -15.47
N ASN B 378 12.19 23.37 -14.48
CA ASN B 378 11.59 24.23 -13.46
C ASN B 378 11.67 25.69 -13.82
N THR B 379 12.19 26.04 -15.00
CA THR B 379 12.20 27.45 -15.40
C THR B 379 10.93 27.75 -16.20
N GLY B 380 10.23 28.82 -15.81
CA GLY B 380 8.94 29.16 -16.42
C GLY B 380 8.02 29.77 -15.39
N GLU B 381 7.16 30.62 -15.86
CA GLU B 381 6.25 31.40 -14.99
C GLU B 381 5.01 30.63 -14.52
N ILE B 382 4.67 29.58 -15.24
CA ILE B 382 3.43 28.87 -14.98
C ILE B 382 3.76 27.49 -14.38
N PRO B 383 3.48 27.31 -13.08
CA PRO B 383 3.70 26.00 -12.45
C PRO B 383 2.84 24.91 -13.10
N PHE B 384 3.37 23.71 -13.24
CA PHE B 384 2.65 22.65 -13.91
C PHE B 384 3.18 21.30 -13.44
N TYR B 385 2.41 20.63 -12.59
CA TYR B 385 2.72 19.28 -12.07
C TYR B 385 4.15 19.18 -11.53
N GLY B 386 4.57 20.24 -10.85
CA GLY B 386 5.88 20.28 -10.21
C GLY B 386 6.97 20.85 -11.10
N LYS B 387 6.64 21.02 -12.38
CA LYS B 387 7.56 21.67 -13.28
C LYS B 387 6.97 23.03 -13.61
N ALA B 388 7.38 23.58 -14.77
CA ALA B 388 7.06 24.93 -15.15
C ALA B 388 6.94 25.06 -16.69
N ILE B 389 5.98 25.86 -17.11
CA ILE B 389 5.82 26.23 -18.52
C ILE B 389 6.21 27.72 -18.73
N PRO B 390 7.19 27.98 -19.59
CA PRO B 390 7.51 29.36 -19.95
C PRO B 390 6.36 29.95 -20.74
N ILE B 391 5.93 31.14 -20.36
CA ILE B 391 4.84 31.84 -21.02
C ILE B 391 5.08 31.99 -22.55
N GLU B 392 6.33 32.17 -22.94
CA GLU B 392 6.72 32.31 -24.33
C GLU B 392 6.44 31.02 -25.13
N ALA B 393 6.38 29.87 -24.45
CA ALA B 393 6.06 28.62 -25.12
C ALA B 393 4.59 28.59 -25.54
N ILE B 394 3.73 29.40 -24.90
CA ILE B 394 2.29 29.37 -25.20
C ILE B 394 1.59 30.70 -25.47
N ARG B 395 2.31 31.83 -25.44
CA ARG B 395 1.68 33.18 -25.46
C ARG B 395 0.82 33.39 -26.73
N GLY B 396 1.29 32.87 -27.86
CA GLY B 396 0.53 32.95 -29.10
C GLY B 396 0.58 31.58 -29.74
N GLY B 397 -0.31 31.36 -30.68
CA GLY B 397 -0.45 30.09 -31.37
C GLY B 397 -1.53 29.27 -30.66
N ARG B 398 -1.66 28.01 -31.08
CA ARG B 398 -2.71 27.11 -30.58
C ARG B 398 -2.09 25.93 -29.87
N HIS B 399 -2.29 25.88 -28.55
CA HIS B 399 -1.64 24.89 -27.68
C HIS B 399 -2.64 24.13 -26.78
N LEU B 400 -2.34 22.84 -26.60
CA LEU B 400 -3.12 21.88 -25.82
C LEU B 400 -2.29 21.42 -24.62
N ILE B 401 -2.83 21.61 -23.43
CA ILE B 401 -2.22 21.15 -22.17
C ILE B 401 -3.17 20.08 -21.60
N PHE B 402 -2.70 18.83 -21.48
CA PHE B 402 -3.49 17.76 -20.87
C PHE B 402 -3.26 17.77 -19.35
N CYS B 403 -4.35 17.90 -18.63
CA CYS B 403 -4.34 17.70 -17.17
C CYS B 403 -5.19 16.48 -16.84
N HIS B 404 -4.90 15.88 -15.68
CA HIS B 404 -5.60 14.67 -15.26
C HIS B 404 -7.02 14.88 -14.76
N SER B 405 -7.33 16.07 -14.26
CA SER B 405 -8.63 16.33 -13.66
C SER B 405 -9.30 17.62 -14.09
N LYS B 406 -10.63 17.60 -14.04
CA LYS B 406 -11.45 18.80 -14.20
C LYS B 406 -10.91 19.98 -13.40
N LYS B 407 -10.66 19.74 -12.13
CA LYS B 407 -10.27 20.81 -11.23
C LYS B 407 -8.97 21.43 -11.65
N LYS B 408 -8.02 20.62 -12.12
CA LYS B 408 -6.75 21.15 -12.57
C LYS B 408 -6.97 21.95 -13.87
N CYS B 409 -7.84 21.46 -14.75
CA CYS B 409 -8.17 22.26 -15.95
C CYS B 409 -8.68 23.65 -15.57
N ASP B 410 -9.63 23.71 -14.65
CA ASP B 410 -10.23 24.98 -14.22
C ASP B 410 -9.19 25.91 -13.62
N GLU B 411 -8.33 25.37 -12.75
CA GLU B 411 -7.34 26.25 -12.10
C GLU B 411 -6.28 26.80 -13.10
N LEU B 412 -5.79 25.96 -13.99
CA LEU B 412 -4.83 26.40 -14.98
C LEU B 412 -5.44 27.34 -16.03
N ALA B 413 -6.65 27.08 -16.46
CA ALA B 413 -7.27 28.00 -17.40
C ALA B 413 -7.46 29.37 -16.73
N ALA B 414 -7.76 29.41 -15.43
CA ALA B 414 -7.98 30.68 -14.70
C ALA B 414 -6.68 31.45 -14.57
N LYS B 415 -5.62 30.73 -14.24
CA LYS B 415 -4.31 31.33 -14.13
C LYS B 415 -3.91 31.97 -15.47
N LEU B 416 -4.03 31.22 -16.56
CA LEU B 416 -3.71 31.73 -17.89
C LEU B 416 -4.59 32.92 -18.27
N SER B 417 -5.91 32.78 -18.15
CA SER B 417 -6.79 33.97 -18.31
C SER B 417 -6.37 35.22 -17.50
N GLY B 418 -5.89 35.01 -16.27
CA GLY B 418 -5.50 36.13 -15.40
C GLY B 418 -4.28 36.86 -15.92
N LEU B 419 -3.44 36.17 -16.70
CA LEU B 419 -2.30 36.77 -17.38
C LEU B 419 -2.72 37.33 -18.74
N GLY B 420 -4.00 37.23 -19.10
CA GLY B 420 -4.46 37.73 -20.40
C GLY B 420 -4.12 36.82 -21.56
N ILE B 421 -3.84 35.54 -21.28
CA ILE B 421 -3.66 34.57 -22.35
C ILE B 421 -5.05 33.99 -22.63
N ASN B 422 -5.45 33.96 -23.90
CA ASN B 422 -6.68 33.37 -24.26
C ASN B 422 -6.66 31.85 -23.94
N ALA B 423 -7.47 31.46 -22.96
CA ALA B 423 -7.39 30.07 -22.49
C ALA B 423 -8.76 29.63 -22.09
N VAL B 424 -9.02 28.37 -22.37
CA VAL B 424 -10.30 27.77 -22.12
C VAL B 424 -10.12 26.35 -21.58
N ALA B 425 -11.03 25.93 -20.69
CA ALA B 425 -11.04 24.55 -20.17
C ALA B 425 -11.98 23.65 -20.96
N TYR B 426 -11.57 22.39 -21.22
CA TYR B 426 -12.48 21.41 -21.78
C TYR B 426 -12.41 20.07 -21.07
N TYR B 427 -13.57 19.57 -20.69
CA TYR B 427 -13.67 18.26 -20.03
C TYR B 427 -15.10 17.78 -20.16
N ARG B 428 -15.36 16.52 -19.78
CA ARG B 428 -16.66 15.92 -19.93
C ARG B 428 -17.73 16.74 -19.21
N GLY B 429 -18.80 17.04 -19.92
CA GLY B 429 -19.90 17.86 -19.41
C GLY B 429 -19.94 19.28 -19.95
N LEU B 430 -18.86 19.72 -20.59
CA LEU B 430 -18.81 21.04 -21.20
C LEU B 430 -19.20 20.86 -22.64
N ASP B 431 -19.82 21.86 -23.25
CA ASP B 431 -20.06 21.77 -24.68
C ASP B 431 -18.79 22.13 -25.43
N VAL B 432 -18.55 21.45 -26.54
CA VAL B 432 -17.29 21.57 -27.22
C VAL B 432 -17.12 22.95 -27.89
N SER B 433 -18.23 23.69 -28.07
CA SER B 433 -18.15 25.07 -28.55
C SER B 433 -17.24 25.98 -27.71
N VAL B 434 -16.90 25.59 -26.47
CA VAL B 434 -15.89 26.34 -25.68
C VAL B 434 -14.51 26.44 -26.37
N ILE B 435 -14.19 25.52 -27.28
CA ILE B 435 -13.18 25.66 -28.36
C ILE B 435 -12.15 26.73 -28.20
N PRO B 436 -12.05 27.74 -29.11
CA PRO B 436 -12.49 28.40 -30.41
C PRO B 436 -12.48 27.76 -31.84
N THR B 437 -11.47 26.99 -32.20
CA THR B 437 -11.38 26.34 -33.56
C THR B 437 -10.43 27.12 -34.42
N ILE B 438 -10.45 28.46 -34.28
CA ILE B 438 -9.47 29.32 -34.96
C ILE B 438 -8.95 30.46 -34.03
N GLY B 439 -7.70 30.89 -34.26
CA GLY B 439 -7.12 31.98 -33.51
C GLY B 439 -6.35 31.46 -32.30
N ASP B 440 -5.61 32.34 -31.66
CA ASP B 440 -4.75 31.96 -30.55
C ASP B 440 -5.63 31.31 -29.46
N VAL B 441 -5.16 30.21 -28.91
CA VAL B 441 -5.84 29.62 -27.74
C VAL B 441 -4.92 28.65 -27.05
N VAL B 442 -5.01 28.62 -25.73
CA VAL B 442 -4.51 27.50 -24.93
C VAL B 442 -5.74 26.72 -24.42
N VAL B 443 -5.91 25.53 -24.97
CA VAL B 443 -6.89 24.57 -24.48
C VAL B 443 -6.28 23.71 -23.35
N VAL B 444 -6.91 23.74 -22.19
CA VAL B 444 -6.51 22.96 -21.03
C VAL B 444 -7.52 21.86 -20.80
N ALA B 445 -7.16 20.64 -21.12
CA ALA B 445 -8.15 19.57 -21.23
C ALA B 445 -7.79 18.30 -20.50
N THR B 446 -8.83 17.51 -20.21
CA THR B 446 -8.71 16.13 -19.86
C THR B 446 -8.75 15.30 -21.11
N ASP B 447 -8.66 13.99 -20.92
CA ASP B 447 -8.79 13.02 -22.01
C ASP B 447 -10.15 13.05 -22.70
N ALA B 448 -11.16 13.68 -22.09
CA ALA B 448 -12.45 13.88 -22.80
C ALA B 448 -12.25 14.53 -24.19
N LEU B 449 -11.17 15.29 -24.32
CA LEU B 449 -10.78 15.94 -25.58
C LEU B 449 -10.63 14.96 -26.72
N MET B 450 -10.13 13.77 -26.41
CA MET B 450 -9.75 12.84 -27.46
C MET B 450 -10.96 12.21 -28.13
N THR B 451 -12.13 12.44 -27.54
CA THR B 451 -13.39 12.05 -28.14
C THR B 451 -14.34 13.20 -28.45
N GLY B 452 -14.20 14.34 -27.77
CA GLY B 452 -15.12 15.42 -28.03
C GLY B 452 -14.71 16.32 -29.20
N TYR B 453 -13.41 16.34 -29.57
CA TYR B 453 -12.86 17.37 -30.45
C TYR B 453 -11.83 16.77 -31.38
N THR B 454 -11.86 17.03 -32.70
CA THR B 454 -10.90 16.36 -33.59
C THR B 454 -9.59 17.12 -33.95
N GLY B 455 -9.51 18.40 -33.66
CA GLY B 455 -8.38 19.19 -34.15
C GLY B 455 -6.96 18.94 -33.61
N ASP B 456 -6.00 19.54 -34.30
CA ASP B 456 -4.59 19.44 -33.92
C ASP B 456 -4.12 20.78 -33.40
N PHE B 457 -2.92 20.76 -32.85
CA PHE B 457 -2.37 21.88 -32.13
C PHE B 457 -0.90 22.03 -32.46
N ASP B 458 -0.38 23.21 -32.17
CA ASP B 458 1.03 23.49 -32.43
C ASP B 458 1.92 22.78 -31.43
N SER B 459 1.36 22.53 -30.25
CA SER B 459 2.06 21.85 -29.18
C SER B 459 1.08 21.19 -28.24
N VAL B 460 1.59 20.20 -27.55
CA VAL B 460 0.91 19.47 -26.54
C VAL B 460 1.84 19.52 -25.37
N ILE B 461 1.28 19.87 -24.22
CA ILE B 461 2.00 19.85 -22.97
C ILE B 461 1.21 18.85 -22.12
N ASP B 462 1.93 17.86 -21.63
CA ASP B 462 1.32 16.66 -21.08
C ASP B 462 1.80 16.49 -19.65
N CYS B 463 0.84 16.39 -18.74
CA CYS B 463 1.08 16.05 -17.34
C CYS B 463 1.57 14.60 -17.13
N ASN B 464 1.40 13.75 -18.15
CA ASN B 464 1.86 12.37 -18.07
C ASN B 464 1.17 11.54 -16.99
N THR B 465 -0.01 12.00 -16.55
CA THR B 465 -0.84 11.24 -15.58
C THR B 465 -2.26 11.20 -16.05
N CYS B 466 -3.03 10.26 -15.50
CA CYS B 466 -4.46 10.19 -15.76
C CYS B 466 -5.24 9.61 -14.61
N VAL B 467 -6.53 9.83 -14.67
CA VAL B 467 -7.46 9.26 -13.77
C VAL B 467 -8.05 7.99 -14.36
N THR B 468 -8.12 6.97 -13.53
CA THR B 468 -8.70 5.70 -13.90
C THR B 468 -9.51 5.19 -12.71
N GLN B 469 -10.45 4.31 -12.97
CA GLN B 469 -11.16 3.63 -11.89
C GLN B 469 -10.62 2.23 -11.65
N THR B 470 -10.51 1.85 -10.38
CA THR B 470 -10.03 0.54 -10.04
C THR B 470 -10.97 -0.15 -9.04
N VAL B 471 -11.25 -1.42 -9.26
CA VAL B 471 -11.99 -2.19 -8.26
C VAL B 471 -11.06 -2.71 -7.19
N ASP B 472 -11.51 -2.66 -5.96
CA ASP B 472 -10.80 -3.29 -4.84
C ASP B 472 -11.84 -4.24 -4.19
N PHE B 473 -11.55 -5.54 -4.14
CA PHE B 473 -12.52 -6.51 -3.57
C PHE B 473 -12.39 -6.45 -2.06
N SER B 474 -12.89 -5.35 -1.47
CA SER B 474 -12.47 -4.93 -0.14
C SER B 474 -13.24 -5.56 0.99
N LEU B 475 -14.36 -6.22 0.67
CA LEU B 475 -15.16 -6.96 1.64
C LEU B 475 -15.63 -6.07 2.80
N ASP B 476 -15.89 -4.80 2.50
CA ASP B 476 -16.31 -3.85 3.55
C ASP B 476 -17.63 -3.11 3.30
N PRO B 477 -18.69 -3.84 2.95
CA PRO B 477 -18.88 -5.28 2.96
C PRO B 477 -18.61 -6.10 1.72
N THR B 478 -18.45 -5.47 0.56
CA THR B 478 -18.40 -6.19 -0.67
C THR B 478 -17.22 -5.77 -1.53
N PHE B 479 -17.44 -4.80 -2.42
CA PHE B 479 -16.36 -4.25 -3.21
C PHE B 479 -16.42 -2.74 -3.21
N THR B 480 -15.30 -2.15 -3.66
CA THR B 480 -15.15 -0.70 -3.76
C THR B 480 -14.72 -0.37 -5.21
N ILE B 481 -15.31 0.67 -5.78
CA ILE B 481 -14.86 1.17 -7.09
C ILE B 481 -14.27 2.54 -6.80
N GLU B 482 -12.97 2.64 -7.01
CA GLU B 482 -12.13 3.73 -6.55
C GLU B 482 -11.62 4.50 -7.75
N THR B 483 -11.63 5.82 -7.66
CA THR B 483 -11.00 6.67 -8.66
C THR B 483 -9.59 6.93 -8.23
N THR B 484 -8.61 6.61 -9.09
CA THR B 484 -7.21 6.92 -8.78
C THR B 484 -6.46 7.57 -9.95
N THR B 485 -5.45 8.33 -9.58
CA THR B 485 -4.55 8.98 -10.51
C THR B 485 -3.39 8.01 -10.69
N VAL B 486 -3.00 7.75 -11.94
CA VAL B 486 -1.90 6.82 -12.25
C VAL B 486 -0.97 7.36 -13.36
N PRO B 487 0.26 6.83 -13.44
CA PRO B 487 1.10 7.20 -14.60
C PRO B 487 0.43 6.79 -15.89
N GLN B 488 0.54 7.61 -16.95
CA GLN B 488 0.01 7.22 -18.26
C GLN B 488 0.75 5.98 -18.78
N ASP B 489 0.11 5.23 -19.66
CA ASP B 489 0.74 4.16 -20.40
C ASP B 489 1.10 4.62 -21.83
N ALA B 490 1.74 3.71 -22.57
CA ALA B 490 2.21 3.99 -23.91
C ALA B 490 1.10 4.42 -24.88
N VAL B 491 -0.13 3.93 -24.68
CA VAL B 491 -1.27 4.32 -25.51
C VAL B 491 -1.69 5.76 -25.19
N SER B 492 -1.74 6.12 -23.91
CA SER B 492 -2.11 7.48 -23.50
C SER B 492 -1.07 8.50 -24.01
N ARG B 493 0.21 8.22 -23.79
CA ARG B 493 1.27 9.10 -24.25
C ARG B 493 1.24 9.33 -25.77
N SER B 494 1.15 8.26 -26.54
CA SER B 494 1.14 8.35 -27.98
C SER B 494 -0.11 9.06 -28.53
N GLN B 495 -1.27 8.83 -27.91
CA GLN B 495 -2.51 9.50 -28.36
C GLN B 495 -2.56 10.99 -27.92
N ARG B 496 -2.02 11.30 -26.77
CA ARG B 496 -1.93 12.71 -26.34
C ARG B 496 -0.94 13.48 -27.23
N ARG B 497 0.19 12.84 -27.52
CA ARG B 497 1.25 13.46 -28.28
C ARG B 497 0.78 13.65 -29.73
N GLY B 498 -0.04 12.75 -30.18
CA GLY B 498 -0.54 12.76 -31.52
C GLY B 498 -1.53 13.84 -31.80
N ARG B 499 -1.88 14.66 -30.80
CA ARG B 499 -2.67 15.89 -31.09
C ARG B 499 -1.82 17.04 -31.68
N THR B 500 -0.50 16.83 -31.79
CA THR B 500 0.38 17.70 -32.57
C THR B 500 1.08 16.81 -33.61
N GLY B 501 1.77 17.43 -34.56
CA GLY B 501 2.51 16.68 -35.61
C GLY B 501 1.80 16.21 -36.88
N ARG B 502 0.47 16.34 -36.98
CA ARG B 502 -0.27 15.93 -38.21
C ARG B 502 -0.29 17.07 -39.22
N GLY B 503 0.55 17.02 -40.25
CA GLY B 503 0.56 18.11 -41.24
C GLY B 503 1.07 19.46 -40.73
N ARG B 504 1.56 19.50 -39.50
CA ARG B 504 2.41 20.59 -39.03
C ARG B 504 3.53 20.01 -38.20
N ARG B 505 4.63 20.75 -38.13
CA ARG B 505 5.74 20.35 -37.28
C ARG B 505 5.28 20.67 -35.84
N GLY B 506 5.42 19.69 -34.96
CA GLY B 506 4.90 19.84 -33.63
C GLY B 506 5.94 19.74 -32.55
N ILE B 507 5.53 20.18 -31.36
CA ILE B 507 6.32 20.13 -30.13
C ILE B 507 5.52 19.40 -29.03
N TYR B 508 6.16 18.45 -28.37
CA TYR B 508 5.57 17.72 -27.25
C TYR B 508 6.37 18.01 -26.02
N ARG B 509 5.77 18.72 -25.06
CA ARG B 509 6.45 18.99 -23.79
C ARG B 509 5.86 18.08 -22.71
N PHE B 510 6.72 17.58 -21.81
CA PHE B 510 6.31 16.54 -20.84
C PHE B 510 6.90 16.77 -19.46
N VAL B 511 6.19 16.27 -18.45
CA VAL B 511 6.63 16.37 -17.06
C VAL B 511 7.60 15.24 -16.73
N THR B 512 7.31 14.04 -17.23
CA THR B 512 8.14 12.89 -16.93
C THR B 512 8.17 11.90 -18.10
N PRO B 513 9.36 11.32 -18.41
CA PRO B 513 9.46 10.27 -19.43
C PRO B 513 8.83 8.92 -19.02
N GLY B 514 8.39 8.78 -17.79
CA GLY B 514 7.63 7.58 -17.40
C GLY B 514 6.63 7.08 -18.45
N GLU B 515 6.25 5.81 -18.31
CA GLU B 515 5.30 5.19 -19.24
C GLU B 515 4.95 3.78 -18.81
N ARG B 516 3.80 3.60 -18.14
CA ARG B 516 3.29 2.26 -17.77
C ARG B 516 3.06 1.34 -19.00
N PRO B 517 3.05 0.02 -18.79
CA PRO B 517 2.76 -0.97 -19.87
C PRO B 517 1.39 -0.76 -20.50
N SER B 518 1.33 -0.83 -21.83
CA SER B 518 0.09 -0.61 -22.54
C SER B 518 -0.75 -1.88 -22.64
N GLY B 519 -2.05 -1.69 -22.75
CA GLY B 519 -2.91 -2.75 -23.24
C GLY B 519 -3.68 -3.57 -22.22
N MET B 520 -3.59 -3.18 -20.96
CA MET B 520 -4.27 -3.90 -19.90
C MET B 520 -5.40 -3.03 -19.37
N PHE B 521 -6.50 -3.62 -18.92
CA PHE B 521 -7.53 -2.82 -18.30
C PHE B 521 -8.13 -3.47 -17.06
N ASP B 522 -8.71 -2.62 -16.21
CA ASP B 522 -9.16 -3.05 -14.89
C ASP B 522 -10.50 -3.81 -14.93
N SER B 523 -10.72 -4.68 -13.95
CA SER B 523 -12.01 -5.38 -13.76
C SER B 523 -13.15 -4.41 -13.53
N SER B 524 -12.87 -3.18 -13.09
CA SER B 524 -13.93 -2.21 -12.93
C SER B 524 -14.55 -1.81 -14.31
N VAL B 525 -13.75 -1.87 -15.37
CA VAL B 525 -14.29 -1.65 -16.69
C VAL B 525 -15.27 -2.80 -17.07
N LEU B 526 -14.97 -4.04 -16.69
CA LEU B 526 -15.93 -5.14 -16.96
C LEU B 526 -17.23 -4.86 -16.22
N CYS B 527 -17.11 -4.47 -14.95
CA CYS B 527 -18.26 -4.04 -14.16
C CYS B 527 -19.09 -2.97 -14.87
N GLU B 528 -18.44 -1.95 -15.44
CA GLU B 528 -19.11 -0.90 -16.24
C GLU B 528 -19.84 -1.43 -17.44
N CYS B 529 -19.30 -2.45 -18.07
CA CYS B 529 -19.99 -3.10 -19.17
C CYS B 529 -21.34 -3.66 -18.78
N TYR B 530 -21.42 -4.32 -17.64
CA TYR B 530 -22.68 -4.88 -17.18
C TYR B 530 -23.58 -3.72 -16.75
N ASP B 531 -22.99 -2.70 -16.12
CA ASP B 531 -23.77 -1.48 -15.71
C ASP B 531 -24.46 -0.86 -16.95
N ALA B 532 -23.69 -0.60 -17.98
CA ALA B 532 -24.23 -0.02 -19.22
C ALA B 532 -25.19 -0.94 -19.95
N GLY B 533 -24.90 -2.24 -19.94
CA GLY B 533 -25.85 -3.21 -20.45
C GLY B 533 -27.23 -3.03 -19.87
N CYS B 534 -27.28 -3.01 -18.55
CA CYS B 534 -28.49 -2.84 -17.81
C CYS B 534 -29.09 -1.43 -17.96
N ALA B 535 -28.25 -0.41 -17.84
CA ALA B 535 -28.75 0.98 -17.85
C ALA B 535 -29.23 1.42 -19.22
N TRP B 536 -28.52 1.01 -20.29
CA TRP B 536 -28.65 1.66 -21.62
C TRP B 536 -29.12 0.75 -22.70
N TYR B 537 -28.67 -0.51 -22.70
CA TYR B 537 -28.82 -1.37 -23.87
C TYR B 537 -29.79 -2.54 -23.67
N GLU B 538 -30.57 -2.49 -22.59
CA GLU B 538 -31.57 -3.51 -22.23
C GLU B 538 -30.98 -4.89 -22.28
N LEU B 539 -29.75 -5.04 -21.77
CA LEU B 539 -29.13 -6.35 -21.79
C LEU B 539 -29.26 -7.00 -20.42
N THR B 540 -29.59 -8.27 -20.41
CA THR B 540 -29.54 -9.01 -19.17
C THR B 540 -28.07 -9.26 -18.82
N PRO B 541 -27.78 -9.44 -17.53
CA PRO B 541 -26.41 -9.76 -17.17
C PRO B 541 -25.80 -10.87 -18.02
N ALA B 542 -26.58 -11.92 -18.30
CA ALA B 542 -26.08 -13.06 -19.12
C ALA B 542 -25.77 -12.72 -20.58
N GLU B 543 -26.49 -11.78 -21.16
CA GLU B 543 -26.17 -11.41 -22.56
C GLU B 543 -24.90 -10.56 -22.64
N THR B 544 -24.69 -9.73 -21.64
CA THR B 544 -23.45 -9.01 -21.55
C THR B 544 -22.30 -10.00 -21.45
N SER B 545 -22.43 -11.02 -20.61
CA SER B 545 -21.38 -12.02 -20.47
C SER B 545 -21.05 -12.71 -21.79
N VAL B 546 -22.07 -13.07 -22.55
CA VAL B 546 -21.81 -13.73 -23.83
C VAL B 546 -20.95 -12.82 -24.74
N ARG B 547 -21.32 -11.56 -24.81
CA ARG B 547 -20.59 -10.61 -25.65
C ARG B 547 -19.15 -10.40 -25.14
N LEU B 548 -18.98 -10.26 -23.83
CA LEU B 548 -17.66 -10.04 -23.28
C LEU B 548 -16.79 -11.29 -23.43
N ARG B 549 -17.39 -12.46 -23.27
CA ARG B 549 -16.67 -13.70 -23.50
C ARG B 549 -16.07 -13.74 -24.91
N ALA B 550 -16.81 -13.26 -25.88
CA ALA B 550 -16.34 -13.24 -27.27
C ALA B 550 -15.14 -12.31 -27.40
N TYR B 551 -15.18 -11.17 -26.71
CA TYR B 551 -14.04 -10.28 -26.63
C TYR B 551 -12.86 -10.94 -25.91
N LEU B 552 -13.14 -11.61 -24.78
CA LEU B 552 -12.08 -12.23 -23.97
C LEU B 552 -11.44 -13.33 -24.79
N ASN B 553 -12.23 -14.01 -25.60
CA ASN B 553 -11.69 -15.09 -26.40
C ASN B 553 -10.88 -14.60 -27.60
N THR B 554 -10.59 -13.29 -27.72
CA THR B 554 -9.96 -12.79 -28.94
C THR B 554 -8.55 -12.22 -28.75
N PRO B 555 -7.52 -12.95 -29.21
CA PRO B 555 -6.14 -12.50 -29.02
C PRO B 555 -5.84 -11.20 -29.75
N GLY B 556 -4.88 -10.43 -29.26
CA GLY B 556 -4.47 -9.16 -29.90
C GLY B 556 -5.27 -7.92 -29.50
N LEU B 557 -6.42 -8.13 -28.88
CA LEU B 557 -7.13 -7.03 -28.21
C LEU B 557 -6.59 -6.83 -26.79
N PRO B 558 -6.81 -5.65 -26.18
CA PRO B 558 -6.41 -5.42 -24.78
C PRO B 558 -6.81 -6.53 -23.83
N VAL B 559 -6.08 -6.65 -22.71
CA VAL B 559 -6.23 -7.78 -21.79
C VAL B 559 -6.78 -7.36 -20.43
N CYS B 560 -7.52 -8.30 -19.84
CA CYS B 560 -8.11 -8.12 -18.54
C CYS B 560 -8.18 -9.45 -17.83
N GLN B 561 -8.59 -9.42 -16.57
CA GLN B 561 -8.81 -10.68 -15.85
C GLN B 561 -10.18 -11.24 -16.11
N ASP B 562 -10.31 -12.56 -16.02
CA ASP B 562 -11.57 -13.20 -16.26
C ASP B 562 -12.47 -13.13 -15.04
N HIS B 563 -13.26 -12.06 -14.93
CA HIS B 563 -14.24 -11.86 -13.84
C HIS B 563 -15.70 -11.80 -14.27
N LEU B 564 -15.98 -12.34 -15.46
CA LEU B 564 -17.31 -12.33 -16.06
C LEU B 564 -18.37 -12.98 -15.15
N GLU B 565 -18.15 -14.22 -14.73
CA GLU B 565 -19.10 -14.86 -13.80
C GLU B 565 -19.34 -14.02 -12.53
N PHE B 566 -18.26 -13.51 -11.93
CA PHE B 566 -18.42 -12.71 -10.70
C PHE B 566 -19.33 -11.52 -10.95
N TRP B 567 -19.05 -10.74 -11.99
CA TRP B 567 -19.85 -9.53 -12.21
C TRP B 567 -21.24 -9.89 -12.66
N GLU B 568 -21.37 -10.94 -13.46
CA GLU B 568 -22.71 -11.38 -13.85
C GLU B 568 -23.54 -11.68 -12.61
N SER B 569 -22.94 -12.35 -11.63
CA SER B 569 -23.68 -12.71 -10.42
C SER B 569 -24.10 -11.47 -9.64
N VAL B 570 -23.22 -10.47 -9.53
CA VAL B 570 -23.60 -9.24 -8.84
C VAL B 570 -24.81 -8.60 -9.50
N PHE B 571 -24.73 -8.34 -10.80
CA PHE B 571 -25.82 -7.61 -11.45
C PHE B 571 -27.11 -8.41 -11.53
N THR B 572 -26.99 -9.74 -11.66
CA THR B 572 -28.13 -10.65 -11.59
C THR B 572 -29.02 -10.43 -10.38
N GLY B 573 -28.45 -10.01 -9.25
CA GLY B 573 -29.25 -9.80 -8.04
C GLY B 573 -29.87 -8.43 -7.90
N LEU B 574 -29.53 -7.52 -8.82
CA LEU B 574 -30.00 -6.13 -8.74
C LEU B 574 -31.28 -5.93 -9.53
N THR B 575 -32.39 -6.40 -8.96
CA THR B 575 -33.69 -6.39 -9.62
C THR B 575 -34.64 -5.32 -9.13
N HIS B 576 -35.56 -4.94 -10.01
CA HIS B 576 -36.60 -3.98 -9.73
C HIS B 576 -36.01 -2.62 -9.41
N ILE B 577 -35.06 -2.20 -10.24
CA ILE B 577 -34.54 -0.85 -10.13
C ILE B 577 -35.71 0.09 -10.32
N ASP B 578 -35.65 1.24 -9.66
CA ASP B 578 -36.62 2.29 -9.88
C ASP B 578 -36.29 2.99 -11.21
N ALA B 579 -37.20 2.92 -12.18
CA ALA B 579 -37.02 3.56 -13.50
C ALA B 579 -36.63 5.02 -13.39
N HIS B 580 -37.30 5.74 -12.50
CA HIS B 580 -37.08 7.14 -12.34
C HIS B 580 -35.66 7.44 -11.90
N PHE B 581 -35.18 6.80 -10.84
CA PHE B 581 -33.82 7.04 -10.37
C PHE B 581 -32.82 6.71 -11.44
N LEU B 582 -33.04 5.60 -12.13
CA LEU B 582 -32.16 5.25 -13.24
C LEU B 582 -32.12 6.36 -14.30
N SER B 583 -33.30 6.77 -14.80
CA SER B 583 -33.34 7.87 -15.76
C SER B 583 -32.56 9.11 -15.25
N GLN B 584 -32.56 9.35 -13.96
CA GLN B 584 -31.84 10.54 -13.49
C GLN B 584 -30.31 10.40 -13.47
N THR B 585 -29.82 9.21 -13.14
CA THR B 585 -28.36 8.95 -13.12
C THR B 585 -27.82 8.83 -14.54
N LYS B 586 -28.63 8.28 -15.44
CA LYS B 586 -28.31 8.30 -16.85
C LYS B 586 -28.19 9.74 -17.37
N GLN B 587 -29.25 10.52 -17.23
CA GLN B 587 -29.24 11.94 -17.60
C GLN B 587 -28.05 12.71 -17.00
N ALA B 588 -27.69 12.42 -15.76
CA ALA B 588 -26.61 13.16 -15.13
C ALA B 588 -25.23 12.78 -15.70
N GLY B 589 -25.14 11.64 -16.37
CA GLY B 589 -23.95 11.28 -17.13
C GLY B 589 -22.71 10.79 -16.39
N ASP B 590 -22.80 10.60 -15.07
CA ASP B 590 -21.67 10.07 -14.31
C ASP B 590 -21.53 8.52 -14.45
N ASN B 591 -20.46 7.98 -13.87
CA ASN B 591 -20.14 6.59 -14.03
C ASN B 591 -21.01 5.68 -13.20
N PHE B 592 -21.23 4.48 -13.68
CA PHE B 592 -22.03 3.49 -12.95
C PHE B 592 -23.44 3.95 -12.63
N PRO B 593 -24.16 4.45 -13.65
CA PRO B 593 -25.54 4.90 -13.40
C PRO B 593 -26.42 3.80 -12.82
N TYR B 594 -26.25 2.56 -13.28
CA TYR B 594 -27.06 1.44 -12.76
C TYR B 594 -26.77 1.17 -11.25
N LEU B 595 -25.51 1.07 -10.89
CA LEU B 595 -25.14 0.82 -9.48
C LEU B 595 -25.54 1.98 -8.58
N VAL B 596 -25.43 3.21 -9.08
CA VAL B 596 -25.79 4.39 -8.29
C VAL B 596 -27.29 4.38 -8.07
N ALA B 597 -28.06 4.30 -9.15
CA ALA B 597 -29.50 4.31 -9.05
C ALA B 597 -30.06 3.07 -8.34
N TYR B 598 -29.34 1.94 -8.43
CA TYR B 598 -29.75 0.76 -7.72
C TYR B 598 -29.54 0.91 -6.21
N GLN B 599 -28.43 1.53 -5.79
CA GLN B 599 -28.22 1.88 -4.36
C GLN B 599 -29.31 2.84 -3.92
N ALA B 600 -29.60 3.83 -4.77
CA ALA B 600 -30.63 4.84 -4.48
C ALA B 600 -32.00 4.18 -4.29
N THR B 601 -32.32 3.22 -5.13
CA THR B 601 -33.56 2.46 -5.02
C THR B 601 -33.66 1.68 -3.70
N VAL B 602 -32.60 0.95 -3.33
CA VAL B 602 -32.53 0.29 -2.01
C VAL B 602 -32.74 1.30 -0.87
N CYS B 603 -32.01 2.41 -0.90
CA CYS B 603 -32.14 3.41 0.12
C CYS B 603 -33.61 3.90 0.22
N ALA B 604 -34.13 4.42 -0.87
CA ALA B 604 -35.51 4.96 -0.90
C ALA B 604 -36.55 3.99 -0.36
N ARG B 605 -36.48 2.75 -0.83
CA ARG B 605 -37.42 1.71 -0.42
C ARG B 605 -37.24 1.24 1.07
N ALA B 606 -36.02 1.31 1.58
CA ALA B 606 -35.76 1.06 3.00
C ALA B 606 -35.99 2.33 3.83
N GLN B 607 -36.37 3.41 3.17
CA GLN B 607 -36.55 4.71 3.83
C GLN B 607 -35.29 5.08 4.61
N ALA B 608 -34.11 4.84 4.03
CA ALA B 608 -32.85 5.19 4.69
C ALA B 608 -31.98 6.10 3.84
N PRO B 609 -31.07 6.84 4.47
CA PRO B 609 -30.26 7.80 3.75
C PRO B 609 -29.22 7.16 2.84
N PRO B 610 -28.79 7.88 1.82
CA PRO B 610 -27.69 7.40 1.00
C PRO B 610 -26.40 7.50 1.82
N PRO B 611 -25.34 6.85 1.39
CA PRO B 611 -24.03 6.78 2.08
C PRO B 611 -23.41 8.15 2.41
N SER B 612 -23.69 9.13 1.56
CA SER B 612 -23.38 10.54 1.84
C SER B 612 -24.36 11.40 1.04
N TRP B 613 -24.21 12.73 1.13
CA TRP B 613 -24.98 13.65 0.28
C TRP B 613 -24.15 14.34 -0.83
N ASP B 614 -23.13 13.65 -1.34
CA ASP B 614 -22.36 14.16 -2.47
C ASP B 614 -23.30 14.10 -3.68
N GLN B 615 -22.99 14.84 -4.73
CA GLN B 615 -23.92 14.98 -5.87
C GLN B 615 -24.24 13.65 -6.55
N MET B 616 -23.46 12.60 -6.28
CA MET B 616 -23.78 11.24 -6.73
C MET B 616 -25.18 10.77 -6.30
N TRP B 617 -25.62 11.24 -5.13
CA TRP B 617 -26.85 10.75 -4.49
C TRP B 617 -28.02 11.73 -4.62
N LYS B 618 -27.91 12.64 -5.59
CA LYS B 618 -28.83 13.75 -5.67
C LYS B 618 -30.23 13.34 -6.11
N CYS B 619 -30.39 12.19 -6.73
CA CYS B 619 -31.73 11.78 -7.08
C CYS B 619 -32.62 11.57 -5.84
N LEU B 620 -31.99 11.58 -4.66
CA LEU B 620 -32.69 11.29 -3.42
C LEU B 620 -32.97 12.55 -2.61
N ILE B 621 -32.53 13.72 -3.09
CA ILE B 621 -32.57 14.95 -2.28
C ILE B 621 -33.99 15.30 -1.84
N ARG B 622 -34.97 15.10 -2.71
CA ARG B 622 -36.36 15.38 -2.35
C ARG B 622 -36.89 14.51 -1.19
N LEU B 623 -36.26 13.35 -0.95
CA LEU B 623 -36.64 12.46 0.15
C LEU B 623 -35.83 12.70 1.44
N LYS B 624 -34.90 13.67 1.41
CA LYS B 624 -34.03 13.96 2.55
C LYS B 624 -34.75 14.22 3.87
N PRO B 625 -35.91 14.89 3.83
CA PRO B 625 -36.62 15.09 5.10
C PRO B 625 -37.09 13.78 5.78
N THR B 626 -37.41 12.75 5.00
CA THR B 626 -38.00 11.55 5.56
C THR B 626 -37.05 10.36 5.66
N LEU B 627 -35.84 10.49 5.13
CA LEU B 627 -34.86 9.38 5.16
C LEU B 627 -34.03 9.43 6.44
N HIS B 628 -34.01 8.34 7.21
CA HIS B 628 -33.27 8.24 8.47
C HIS B 628 -32.77 6.81 8.80
N GLY B 629 -31.76 6.76 9.66
CA GLY B 629 -31.15 5.52 10.12
C GLY B 629 -29.89 5.21 9.32
N PRO B 630 -29.33 4.02 9.51
CA PRO B 630 -28.10 3.65 8.81
C PRO B 630 -28.34 3.25 7.36
N THR B 631 -27.33 3.38 6.53
CA THR B 631 -27.49 3.13 5.09
C THR B 631 -27.42 1.64 4.84
N PRO B 632 -28.38 1.08 4.08
CA PRO B 632 -28.22 -0.31 3.63
C PRO B 632 -27.20 -0.43 2.51
N LEU B 633 -25.94 -0.60 2.90
CA LEU B 633 -24.84 -0.39 1.97
C LEU B 633 -24.66 -1.63 1.09
N LEU B 634 -24.54 -1.41 -0.23
CA LEU B 634 -24.40 -2.49 -1.21
C LEU B 634 -22.96 -2.76 -1.64
N TYR B 635 -22.20 -1.66 -1.62
CA TYR B 635 -20.88 -1.49 -2.21
C TYR B 635 -20.48 -0.03 -2.01
N ARG B 636 -19.21 0.25 -2.25
CA ARG B 636 -18.65 1.58 -2.08
C ARG B 636 -18.26 2.18 -3.43
N LEU B 637 -18.92 3.28 -3.77
CA LEU B 637 -18.65 4.05 -4.98
C LEU B 637 -18.07 5.41 -4.65
N GLY B 638 -17.94 5.69 -3.36
CA GLY B 638 -17.16 6.81 -2.85
C GLY B 638 -17.07 6.72 -1.32
N ALA B 639 -16.73 7.86 -0.73
CA ALA B 639 -16.80 8.08 0.71
C ALA B 639 -18.18 7.74 1.29
N VAL B 640 -18.17 7.01 2.41
CA VAL B 640 -19.41 6.64 3.08
C VAL B 640 -19.43 7.37 4.39
N GLN B 641 -20.31 8.36 4.49
CA GLN B 641 -20.32 9.20 5.66
C GLN B 641 -21.31 8.72 6.71
N ASN B 642 -22.42 8.13 6.28
CA ASN B 642 -23.44 7.66 7.19
C ASN B 642 -23.05 6.34 7.85
N GLU B 643 -23.69 6.03 8.97
CA GLU B 643 -23.65 4.70 9.50
C GLU B 643 -24.22 3.67 8.53
N VAL B 644 -23.75 2.45 8.64
CA VAL B 644 -24.06 1.40 7.70
C VAL B 644 -24.75 0.27 8.42
N THR B 645 -25.73 -0.31 7.77
CA THR B 645 -26.25 -1.59 8.17
C THR B 645 -25.98 -2.61 7.09
N LEU B 646 -25.88 -3.88 7.51
CA LEU B 646 -25.57 -4.98 6.58
C LEU B 646 -26.73 -5.96 6.46
N THR B 647 -27.90 -5.55 6.96
CA THR B 647 -29.05 -6.45 7.07
C THR B 647 -29.87 -6.57 5.82
N HIS B 648 -29.66 -5.72 4.81
CA HIS B 648 -30.53 -5.76 3.65
C HIS B 648 -30.27 -7.07 2.84
N PRO B 649 -31.34 -7.72 2.34
CA PRO B 649 -31.13 -8.92 1.53
C PRO B 649 -30.16 -8.75 0.38
N ILE B 650 -30.19 -7.60 -0.29
CA ILE B 650 -29.34 -7.37 -1.46
C ILE B 650 -27.88 -7.31 -1.00
N THR B 651 -27.61 -6.64 0.10
CA THR B 651 -26.26 -6.62 0.66
C THR B 651 -25.77 -8.03 0.95
N LYS B 652 -26.64 -8.88 1.53
CA LYS B 652 -26.30 -10.27 1.84
C LYS B 652 -26.04 -11.06 0.57
N TYR B 653 -26.86 -10.79 -0.43
CA TYR B 653 -26.66 -11.40 -1.74
C TYR B 653 -25.30 -11.03 -2.27
N ILE B 654 -24.98 -9.72 -2.30
CA ILE B 654 -23.73 -9.26 -2.92
C ILE B 654 -22.53 -9.82 -2.10
N MET B 655 -22.65 -9.84 -0.76
CA MET B 655 -21.61 -10.51 0.06
C MET B 655 -21.38 -12.00 -0.31
N ALA B 656 -22.45 -12.75 -0.60
CA ALA B 656 -22.28 -14.16 -1.04
C ALA B 656 -21.57 -14.28 -2.38
N CYS B 657 -21.87 -13.36 -3.31
CA CYS B 657 -21.11 -13.26 -4.58
C CYS B 657 -19.62 -13.08 -4.37
N MET B 658 -19.22 -12.44 -3.27
CA MET B 658 -17.78 -12.25 -2.99
C MET B 658 -17.03 -13.54 -2.75
N SER B 659 -17.74 -14.65 -2.51
CA SER B 659 -17.11 -15.95 -2.35
C SER B 659 -16.69 -16.59 -3.67
N ALA B 660 -17.07 -16.01 -4.79
CA ALA B 660 -16.65 -16.50 -6.09
C ALA B 660 -15.13 -16.59 -6.23
N ASP B 661 -14.65 -17.60 -6.95
CA ASP B 661 -13.23 -17.69 -7.34
C ASP B 661 -12.83 -16.38 -8.07
N LEU B 662 -11.88 -15.62 -7.55
CA LEU B 662 -11.43 -14.42 -8.29
C LEU B 662 -9.94 -14.48 -8.62
N GLU B 663 -9.61 -14.40 -9.92
CA GLU B 663 -8.21 -14.20 -10.32
C GLU B 663 -7.72 -12.86 -9.76
N VAL B 664 -6.52 -12.88 -9.19
CA VAL B 664 -5.82 -11.68 -8.77
C VAL B 664 -4.35 -11.90 -9.13
N VAL B 665 -3.74 -10.87 -9.67
CA VAL B 665 -2.34 -10.97 -10.01
C VAL B 665 -1.52 -10.74 -8.75
N THR B 666 -0.45 -11.51 -8.67
CA THR B 666 0.56 -11.40 -7.64
C THR B 666 1.82 -10.72 -8.21
C1 1LH C . 0.88 14.15 19.80
C2 1LH C . 0.14 12.90 20.22
C3 1LH C . 1.05 11.82 20.82
N5 1LH C . 0.18 10.74 21.43
C8 1LH C . -0.36 10.96 22.82
C10 1LH C . -1.36 9.86 23.16
C11 1LH C . 0.79 11.03 23.84
C12 1LH C . 1.60 9.76 23.96
O13 1LH C . 2.06 9.18 22.99
N14 1LH C . 1.80 9.33 25.22
C15 1LH C . 2.49 8.09 25.51
C16 1LH C . 3.40 8.21 26.71
N17 1LH C . 4.48 9.19 26.45
C21 1LH C . 2.02 11.24 19.80
C22 1LH C . 3.39 11.45 19.91
C23 1LH C . 4.25 10.90 18.98
C24 1LH C . 3.77 10.14 17.92
CL2 1LH C . 4.91 9.50 16.79
C26 1LH C . 2.41 9.91 17.77
O27 1LH C . 1.85 9.16 16.73
C28 1LH C . 2.05 7.80 16.66
C29 1LH C . 2.63 7.00 17.63
C30 1LH C . 2.75 5.63 17.41
C31 1LH C . 2.32 5.09 16.23
C32 1LH C . 1.74 5.88 15.26
C33 1LH C . 1.61 7.24 15.47
C34 1LH C . 1.56 10.46 18.70
F35 1LH C . 0.24 10.26 18.58
H3 1LH C . 1.57 12.24 21.54
HN5 1LH C . -0.54 10.62 20.87
HN5A 1LH C . 0.67 9.97 21.44
H8 1LH C . -0.82 11.82 22.83
HN17 1LH C . 4.90 9.00 25.65
HN1A 1LH C . 4.13 10.04 26.40
HN1B 1LH C . 5.11 9.16 27.12
H1 1LH C . 0.24 14.88 19.68
H1A 1LH C . 1.53 14.39 20.49
H1B 1LH C . 1.35 13.99 18.96
H2 1LH C . -0.54 13.14 20.88
H2A 1LH C . -0.31 12.53 19.44
H10 1LH C . -0.98 8.99 22.93
H10A 1LH C . -1.56 9.89 24.12
H10B 1LH C . -2.17 10.01 22.66
H11 1LH C . 1.40 11.75 23.59
H11A 1LH C . 0.42 11.25 24.71
HN14 1LH C . 1.50 9.82 25.88
H15 1LH C . 1.82 7.39 25.68
H15A 1LH C . 3.01 7.82 24.73
H16 1LH C . 2.89 8.51 27.48
H16A 1LH C . 3.80 7.34 26.91
H22 1LH C . 3.73 11.95 20.62
H23 1LH C . 5.18 11.04 19.07
H29 1LH C . 2.93 7.38 18.44
H30 1LH C . 3.15 5.09 18.07
H31 1LH C . 2.41 4.15 16.08
H32 1LH C . 1.44 5.50 14.46
H33 1LH C . 1.23 7.79 14.81
C1 1LH D . -3.53 -15.08 -19.34
C2 1LH D . -4.96 -14.64 -19.11
C3 1LH D . -5.28 -13.30 -19.77
N5 1LH D . -6.74 -12.98 -19.55
C8 1LH D . -7.75 -13.70 -20.41
C10 1LH D . -9.15 -13.40 -19.88
C11 1LH D . -7.58 -13.29 -21.89
C12 1LH D . -7.79 -11.82 -22.17
O13 1LH D . -7.22 -10.96 -21.53
N14 1LH D . -8.64 -11.54 -23.16
C15 1LH D . -8.88 -10.20 -23.63
C16 1LH D . -8.96 -10.11 -25.13
N17 1LH D . -7.62 -9.99 -25.76
C21 1LH D . -4.38 -12.17 -19.32
C22 1LH D . -3.44 -11.68 -20.22
C23 1LH D . -2.59 -10.65 -19.84
C24 1LH D . -2.67 -10.09 -18.58
CL2 1LH D . -1.58 -8.79 -18.20
C26 1LH D . -3.61 -10.55 -17.65
O27 1LH D . -3.71 -10.00 -16.38
C28 1LH D . -4.26 -8.74 -16.16
C29 1LH D . -4.92 -7.95 -17.09
C30 1LH D . -5.42 -6.71 -16.71
C31 1LH D . -5.23 -6.25 -15.43
C32 1LH D . -4.57 -7.04 -14.50
C33 1LH D . -4.08 -8.27 -14.87
C34 1LH D . -4.45 -11.58 -18.02
F35 1LH D . -5.34 -12.03 -17.13
H3 1LH D . -5.14 -13.42 -20.74
HN5 1LH D . -6.93 -13.17 -18.68
HN5A 1LH D . -6.85 -12.08 -19.68
H8 1LH D . -7.59 -14.66 -20.32
HN17 1LH D . -7.13 -10.75 -25.60
HN1A 1LH D . -7.70 -9.88 -26.66
HN1B 1LH D . -7.17 -9.28 -25.41
H1 1LH D . -3.47 -16.05 -19.25
H1A 1LH D . -3.24 -14.84 -20.24
H1B 1LH D . -2.95 -14.66 -18.69
H2 1LH D . -5.56 -15.32 -19.47
H2A 1LH D . -5.11 -14.56 -18.15
H10 1LH D . -9.16 -12.51 -19.48
H10A 1LH D . -9.78 -13.43 -20.63
H10B 1LH D . -9.40 -14.07 -19.22
H11 1LH D . -6.67 -13.54 -22.17
H11A 1LH D . -8.21 -13.81 -22.42
HN14 1LH D . -9.06 -12.20 -23.55
H15 1LH D . -9.72 -9.87 -23.23
H15A 1LH D . -8.16 -9.62 -23.31
H16 1LH D . -9.40 -10.91 -25.49
H16A 1LH D . -9.49 -9.33 -25.40
H22 1LH D . -3.37 -12.06 -21.07
H23 1LH D . -1.96 -10.32 -20.46
H29 1LH D . -5.05 -8.25 -17.97
H30 1LH D . -5.87 -6.17 -17.35
H31 1LH D . -5.56 -5.41 -15.17
H32 1LH D . -4.45 -6.72 -13.62
H33 1LH D . -3.63 -8.81 -14.24
#